data_8JUD
# 
_entry.id   8JUD 
# 
_audit_conform.dict_name       mmcif_pdbx.dic 
_audit_conform.dict_version    5.380 
_audit_conform.dict_location   http://mmcif.pdb.org/dictionaries/ascii/mmcif_pdbx.dic 
# 
loop_
_database_2.database_id 
_database_2.database_code 
_database_2.pdbx_database_accession 
_database_2.pdbx_DOI 
PDB   8JUD         pdb_00008jud 10.2210/pdb8jud/pdb 
WWPDB D_1300038898 ?            ?                   
# 
_pdbx_database_status.status_code                     REL 
_pdbx_database_status.status_code_sf                  REL 
_pdbx_database_status.status_code_mr                  ? 
_pdbx_database_status.entry_id                        8JUD 
_pdbx_database_status.recvd_initial_deposition_date   2023-06-26 
_pdbx_database_status.SG_entry                        N 
_pdbx_database_status.deposit_site                    PDBJ 
_pdbx_database_status.process_site                    PDBJ 
_pdbx_database_status.status_code_cs                  ? 
_pdbx_database_status.status_code_nmr_data            ? 
_pdbx_database_status.methods_development_category    ? 
_pdbx_database_status.pdb_format_compatible           Y 
# 
loop_
_audit_author.name 
_audit_author.pdbx_ordinal 
_audit_author.identifier_ORCID 
'Kamitani, M.' 1 0000-0002-0570-7799 
'Abe-Sato, K.' 2 0000-0002-2225-0516 
'Oka, Y.'      3 0000-0002-7864-061X 
# 
_citation.abstract                  ? 
_citation.abstract_id_CAS           ? 
_citation.book_id_ISBN              ? 
_citation.book_publisher            ? 
_citation.book_publisher_city       ? 
_citation.book_title                ? 
_citation.coordinate_linkage        ? 
_citation.country                   US 
_citation.database_id_Medline       ? 
_citation.details                   ? 
_citation.id                        primary 
_citation.journal_abbrev            J.Med.Chem. 
_citation.journal_id_ASTM           JMCMAR 
_citation.journal_id_CSD            0151 
_citation.journal_id_ISSN           0022-2623 
_citation.journal_full              ? 
_citation.journal_issue             ? 
_citation.journal_volume            66 
_citation.language                  ? 
_citation.page_first                14653 
_citation.page_last                 14668 
_citation.title                     
'Structure-Based Optimization and Biological Evaluation of Potent and Selective MMP-7 Inhibitors for Kidney Fibrosis.' 
_citation.year                      2023 
_citation.database_id_CSD           ? 
_citation.pdbx_database_id_DOI      10.1021/acs.jmedchem.3c01166 
_citation.pdbx_database_id_PubMed   37861435 
_citation.pdbx_database_id_patent   ? 
_citation.unpublished_flag          ? 
# 
loop_
_citation_author.citation_id 
_citation_author.name 
_citation_author.ordinal 
_citation_author.identifier_ORCID 
primary 'Abe-Sato, K.'    1  ? 
primary 'Tabuse, H.'      2  ? 
primary 'Kanazawa, H.'    3  ? 
primary 'Kamitani, M.'    4  ? 
primary 'Endo, M.'        5  ? 
primary 'Tokura, S.'      6  ? 
primary 'Wakabayashi, S.' 7  ? 
primary 'Yahara, T.'      8  ? 
primary 'Takeda, T.'      9  ? 
primary 'Hitaka, K.'      10 ? 
primary 'Gunji, E.'       11 ? 
primary 'Kojima, N.'      12 ? 
primary 'Oka, Y.'         13 ? 
# 
_cell.angle_alpha                  90.00 
_cell.angle_alpha_esd              ? 
_cell.angle_beta                   90.00 
_cell.angle_beta_esd               ? 
_cell.angle_gamma                  90.00 
_cell.angle_gamma_esd              ? 
_cell.entry_id                     8JUD 
_cell.details                      ? 
_cell.formula_units_Z              ? 
_cell.length_a                     77.350 
_cell.length_a_esd                 ? 
_cell.length_b                     77.350 
_cell.length_b_esd                 ? 
_cell.length_c                     62.370 
_cell.length_c_esd                 ? 
_cell.volume                       ? 
_cell.volume_esd                   ? 
_cell.Z_PDB                        8 
_cell.reciprocal_angle_alpha       ? 
_cell.reciprocal_angle_beta        ? 
_cell.reciprocal_angle_gamma       ? 
_cell.reciprocal_angle_alpha_esd   ? 
_cell.reciprocal_angle_beta_esd    ? 
_cell.reciprocal_angle_gamma_esd   ? 
_cell.reciprocal_length_a          ? 
_cell.reciprocal_length_b          ? 
_cell.reciprocal_length_c          ? 
_cell.reciprocal_length_a_esd      ? 
_cell.reciprocal_length_b_esd      ? 
_cell.reciprocal_length_c_esd      ? 
_cell.pdbx_unique_axis             ? 
_cell.pdbx_esd_method              ? 
# 
_symmetry.entry_id                         8JUD 
_symmetry.cell_setting                     ? 
_symmetry.Int_Tables_number                79 
_symmetry.space_group_name_Hall            ? 
_symmetry.space_group_name_H-M             'I 4' 
_symmetry.pdbx_full_space_group_name_H-M   ? 
# 
loop_
_entity.id 
_entity.type 
_entity.src_method 
_entity.pdbx_description 
_entity.formula_weight 
_entity.pdbx_number_of_molecules 
_entity.pdbx_ec 
_entity.pdbx_mutation 
_entity.pdbx_fragment 
_entity.details 
1 polymer     man Matrilysin          19344.727 1  3.4.24.23 E215Q ? ? 
2 polymer     syn 'Peptide Inhibitor' 782.249   1  ?         ?     ? ? 
3 non-polymer syn 'CALCIUM ION'       40.078    2  ?         ?     ? ? 
4 non-polymer syn 'ZINC ION'          65.409    2  ?         ?     ? ? 
5 water       nat water               18.015    98 ?         ?     ? ? 
# 
_entity_name_com.entity_id   1 
_entity_name_com.name        'Matrin,Matrix metalloproteinase-7,MMP-7,Pump-1 protease,Uterine metalloproteinase' 
# 
loop_
_entity_poly.entity_id 
_entity_poly.type 
_entity_poly.nstd_linkage 
_entity_poly.nstd_monomer 
_entity_poly.pdbx_seq_one_letter_code 
_entity_poly.pdbx_seq_one_letter_code_can 
_entity_poly.pdbx_strand_id 
_entity_poly.pdbx_target_identifier 
1 'polypeptide(L)' no no  
;MGYSLFPNSPKWTSKVVTYRIVSYTRDLPHITVDRLVSKALNMWGKEIPLHFRKVVWGTADIMIGFARGAHGDSYPFDGP
GNTLAHAFAPGTGLGGDAHFDEDERWTDGSSLGINFLYAATHQLGHSLGMGHSSDPNAVMYPTYGNGDPQNFKLSQDDIK
GIQKLYGKRSNSRKK
;
;MGYSLFPNSPKWTSKVVTYRIVSYTRDLPHITVDRLVSKALNMWGKEIPLHFRKVVWGTADIMIGFARGAHGDSYPFDGP
GNTLAHAFAPGTGLGGDAHFDEDERWTDGSSLGINFLYAATHQLGHSLGMGHSSDPNAVMYPTYGNGDPQNFKLSQDDIK
GIQKLYGKRSNSRKK
;
A ? 
2 'polypeptide(L)' no yes '(7SF)(GGL)GL(TBG)(EOE)(NH2)' XEGLVXX B ? 
# 
loop_
_entity_poly_seq.entity_id 
_entity_poly_seq.num 
_entity_poly_seq.mon_id 
_entity_poly_seq.hetero 
1 1   MET n 
1 2   GLY n 
1 3   TYR n 
1 4   SER n 
1 5   LEU n 
1 6   PHE n 
1 7   PRO n 
1 8   ASN n 
1 9   SER n 
1 10  PRO n 
1 11  LYS n 
1 12  TRP n 
1 13  THR n 
1 14  SER n 
1 15  LYS n 
1 16  VAL n 
1 17  VAL n 
1 18  THR n 
1 19  TYR n 
1 20  ARG n 
1 21  ILE n 
1 22  VAL n 
1 23  SER n 
1 24  TYR n 
1 25  THR n 
1 26  ARG n 
1 27  ASP n 
1 28  LEU n 
1 29  PRO n 
1 30  HIS n 
1 31  ILE n 
1 32  THR n 
1 33  VAL n 
1 34  ASP n 
1 35  ARG n 
1 36  LEU n 
1 37  VAL n 
1 38  SER n 
1 39  LYS n 
1 40  ALA n 
1 41  LEU n 
1 42  ASN n 
1 43  MET n 
1 44  TRP n 
1 45  GLY n 
1 46  LYS n 
1 47  GLU n 
1 48  ILE n 
1 49  PRO n 
1 50  LEU n 
1 51  HIS n 
1 52  PHE n 
1 53  ARG n 
1 54  LYS n 
1 55  VAL n 
1 56  VAL n 
1 57  TRP n 
1 58  GLY n 
1 59  THR n 
1 60  ALA n 
1 61  ASP n 
1 62  ILE n 
1 63  MET n 
1 64  ILE n 
1 65  GLY n 
1 66  PHE n 
1 67  ALA n 
1 68  ARG n 
1 69  GLY n 
1 70  ALA n 
1 71  HIS n 
1 72  GLY n 
1 73  ASP n 
1 74  SER n 
1 75  TYR n 
1 76  PRO n 
1 77  PHE n 
1 78  ASP n 
1 79  GLY n 
1 80  PRO n 
1 81  GLY n 
1 82  ASN n 
1 83  THR n 
1 84  LEU n 
1 85  ALA n 
1 86  HIS n 
1 87  ALA n 
1 88  PHE n 
1 89  ALA n 
1 90  PRO n 
1 91  GLY n 
1 92  THR n 
1 93  GLY n 
1 94  LEU n 
1 95  GLY n 
1 96  GLY n 
1 97  ASP n 
1 98  ALA n 
1 99  HIS n 
1 100 PHE n 
1 101 ASP n 
1 102 GLU n 
1 103 ASP n 
1 104 GLU n 
1 105 ARG n 
1 106 TRP n 
1 107 THR n 
1 108 ASP n 
1 109 GLY n 
1 110 SER n 
1 111 SER n 
1 112 LEU n 
1 113 GLY n 
1 114 ILE n 
1 115 ASN n 
1 116 PHE n 
1 117 LEU n 
1 118 TYR n 
1 119 ALA n 
1 120 ALA n 
1 121 THR n 
1 122 HIS n 
1 123 GLN n 
1 124 LEU n 
1 125 GLY n 
1 126 HIS n 
1 127 SER n 
1 128 LEU n 
1 129 GLY n 
1 130 MET n 
1 131 GLY n 
1 132 HIS n 
1 133 SER n 
1 134 SER n 
1 135 ASP n 
1 136 PRO n 
1 137 ASN n 
1 138 ALA n 
1 139 VAL n 
1 140 MET n 
1 141 TYR n 
1 142 PRO n 
1 143 THR n 
1 144 TYR n 
1 145 GLY n 
1 146 ASN n 
1 147 GLY n 
1 148 ASP n 
1 149 PRO n 
1 150 GLN n 
1 151 ASN n 
1 152 PHE n 
1 153 LYS n 
1 154 LEU n 
1 155 SER n 
1 156 GLN n 
1 157 ASP n 
1 158 ASP n 
1 159 ILE n 
1 160 LYS n 
1 161 GLY n 
1 162 ILE n 
1 163 GLN n 
1 164 LYS n 
1 165 LEU n 
1 166 TYR n 
1 167 GLY n 
1 168 LYS n 
1 169 ARG n 
1 170 SER n 
1 171 ASN n 
1 172 SER n 
1 173 ARG n 
1 174 LYS n 
1 175 LYS n 
2 1   7SF n 
2 2   GGL n 
2 3   GLY n 
2 4   LEU n 
2 5   TBG n 
2 6   EOE n 
2 7   NH2 n 
# 
_entity_src_gen.entity_id                          1 
_entity_src_gen.pdbx_src_id                        1 
_entity_src_gen.pdbx_alt_source_flag               sample 
_entity_src_gen.pdbx_seq_type                      'Biological sequence' 
_entity_src_gen.pdbx_beg_seq_num                   1 
_entity_src_gen.pdbx_end_seq_num                   175 
_entity_src_gen.gene_src_common_name               human 
_entity_src_gen.gene_src_genus                     ? 
_entity_src_gen.pdbx_gene_src_gene                 'MMP7, MPSL1, PUMP1' 
_entity_src_gen.gene_src_species                   ? 
_entity_src_gen.gene_src_strain                    ? 
_entity_src_gen.gene_src_tissue                    ? 
_entity_src_gen.gene_src_tissue_fraction           ? 
_entity_src_gen.gene_src_details                   ? 
_entity_src_gen.pdbx_gene_src_fragment             ? 
_entity_src_gen.pdbx_gene_src_scientific_name      'Homo sapiens' 
_entity_src_gen.pdbx_gene_src_ncbi_taxonomy_id     9606 
_entity_src_gen.pdbx_gene_src_variant              ? 
_entity_src_gen.pdbx_gene_src_cell_line            ? 
_entity_src_gen.pdbx_gene_src_atcc                 ? 
_entity_src_gen.pdbx_gene_src_organ                ? 
_entity_src_gen.pdbx_gene_src_organelle            ? 
_entity_src_gen.pdbx_gene_src_cell                 ? 
_entity_src_gen.pdbx_gene_src_cellular_location    ? 
_entity_src_gen.host_org_common_name               ? 
_entity_src_gen.pdbx_host_org_scientific_name      'Escherichia coli' 
_entity_src_gen.pdbx_host_org_ncbi_taxonomy_id     562 
_entity_src_gen.host_org_genus                     ? 
_entity_src_gen.pdbx_host_org_gene                 ? 
_entity_src_gen.pdbx_host_org_organ                ? 
_entity_src_gen.host_org_species                   ? 
_entity_src_gen.pdbx_host_org_tissue               ? 
_entity_src_gen.pdbx_host_org_tissue_fraction      ? 
_entity_src_gen.pdbx_host_org_strain               ? 
_entity_src_gen.pdbx_host_org_variant              ? 
_entity_src_gen.pdbx_host_org_cell_line            ? 
_entity_src_gen.pdbx_host_org_atcc                 ? 
_entity_src_gen.pdbx_host_org_culture_collection   ? 
_entity_src_gen.pdbx_host_org_cell                 ? 
_entity_src_gen.pdbx_host_org_organelle            ? 
_entity_src_gen.pdbx_host_org_cellular_location    ? 
_entity_src_gen.pdbx_host_org_vector_type          'pET28(+)' 
_entity_src_gen.pdbx_host_org_vector               ? 
_entity_src_gen.host_org_details                   ? 
_entity_src_gen.expression_system_id               ? 
_entity_src_gen.plasmid_name                       ? 
_entity_src_gen.plasmid_details                    ? 
_entity_src_gen.pdbx_description                   ? 
# 
_pdbx_entity_src_syn.entity_id              2 
_pdbx_entity_src_syn.pdbx_src_id            1 
_pdbx_entity_src_syn.pdbx_alt_source_flag   sample 
_pdbx_entity_src_syn.pdbx_beg_seq_num       1 
_pdbx_entity_src_syn.pdbx_end_seq_num       7 
_pdbx_entity_src_syn.organism_scientific    'synthetic construct' 
_pdbx_entity_src_syn.organism_common_name   ? 
_pdbx_entity_src_syn.ncbi_taxonomy_id       32630 
_pdbx_entity_src_syn.details                ? 
# 
loop_
_struct_ref.id 
_struct_ref.db_name 
_struct_ref.db_code 
_struct_ref.pdbx_db_accession 
_struct_ref.pdbx_db_isoform 
_struct_ref.entity_id 
_struct_ref.pdbx_seq_one_letter_code 
_struct_ref.pdbx_align_begin 
1 UNP MMP7_HUMAN P09237 ? 1 
;YSLFPNSPKWTSKVVTYRIVSYTRDLPHITVDRLVSKALNMWGKEIPLHFRKVVWGTADIMIGFARGAHGDSYPFDGPGN
TLAHAFAPGTGLGGDAHFDEDERWTDGSSLGINFLYAATHELGHSLGMGHSSDPNAVMYPTYGNGDPQNFKLSQDDIKGI
QKLYGKRSNSRKK
;
95 
2 PDB 8JUD       8JUD   ? 2 ? 1  
# 
loop_
_struct_ref_seq.align_id 
_struct_ref_seq.ref_id 
_struct_ref_seq.pdbx_PDB_id_code 
_struct_ref_seq.pdbx_strand_id 
_struct_ref_seq.seq_align_beg 
_struct_ref_seq.pdbx_seq_align_beg_ins_code 
_struct_ref_seq.seq_align_end 
_struct_ref_seq.pdbx_seq_align_end_ins_code 
_struct_ref_seq.pdbx_db_accession 
_struct_ref_seq.db_align_beg 
_struct_ref_seq.pdbx_db_align_beg_ins_code 
_struct_ref_seq.db_align_end 
_struct_ref_seq.pdbx_db_align_end_ins_code 
_struct_ref_seq.pdbx_auth_seq_align_beg 
_struct_ref_seq.pdbx_auth_seq_align_end 
1 1 8JUD A 3 ? 175 ? P09237 95 ? 267 ? 95 267 
2 2 8JUD B 1 ? 7   ? 8JUD   1  ? 7   ? 1  7   
# 
loop_
_struct_ref_seq_dif.align_id 
_struct_ref_seq_dif.pdbx_pdb_id_code 
_struct_ref_seq_dif.mon_id 
_struct_ref_seq_dif.pdbx_pdb_strand_id 
_struct_ref_seq_dif.seq_num 
_struct_ref_seq_dif.pdbx_pdb_ins_code 
_struct_ref_seq_dif.pdbx_seq_db_name 
_struct_ref_seq_dif.pdbx_seq_db_accession_code 
_struct_ref_seq_dif.db_mon_id 
_struct_ref_seq_dif.pdbx_seq_db_seq_num 
_struct_ref_seq_dif.details 
_struct_ref_seq_dif.pdbx_auth_seq_num 
_struct_ref_seq_dif.pdbx_ordinal 
1 8JUD MET A 1   ? UNP P09237 ?   ?   'initiating methionine' 93  1 
1 8JUD GLY A 2   ? UNP P09237 ?   ?   'expression tag'        94  2 
1 8JUD GLN A 123 ? UNP P09237 GLU 215 'engineered mutation'   215 3 
# 
loop_
_chem_comp.id 
_chem_comp.type 
_chem_comp.mon_nstd_flag 
_chem_comp.name 
_chem_comp.pdbx_synonyms 
_chem_comp.formula 
_chem_comp.formula_weight 
7SF non-polymer                        . '4-chloranyl-3-(trifluoromethyl)benzenesulfonic acid' ?                 
'C7 H4 Cl F3 O3 S' 260.618 
ALA 'L-peptide linking'                y ALANINE                                               ?                 'C3 H7 N O2' 
89.093  
ARG 'L-peptide linking'                y ARGININE                                              ?                 'C6 H15 N4 O2 1' 
175.209 
ASN 'L-peptide linking'                y ASPARAGINE                                            ?                 'C4 H8 N2 O3' 
132.118 
ASP 'L-peptide linking'                y 'ASPARTIC ACID'                                       ?                 'C4 H7 N O4' 
133.103 
CA  non-polymer                        . 'CALCIUM ION'                                         ?                 'Ca 2' 40.078  
EOE 'L-peptide linking'                . beta3-proline                                         ?                 'C6 H11 N O2' 
129.157 
GGL 'L-gamma-peptide, C-delta linking' . 'GAMMA-L-GLUTAMIC ACID'                               'L-GLUTAMIC ACID' 'C5 H9 N O4' 
147.129 
GLN 'L-peptide linking'                y GLUTAMINE                                             ?                 'C5 H10 N2 O3' 
146.144 
GLU 'L-peptide linking'                y 'GLUTAMIC ACID'                                       ?                 'C5 H9 N O4' 
147.129 
GLY 'peptide linking'                  y GLYCINE                                               ?                 'C2 H5 N O2' 
75.067  
HIS 'L-peptide linking'                y HISTIDINE                                             ?                 'C6 H10 N3 O2 1' 
156.162 
HOH non-polymer                        . WATER                                                 ?                 'H2 O' 18.015  
ILE 'L-peptide linking'                y ISOLEUCINE                                            ?                 'C6 H13 N O2' 
131.173 
LEU 'L-peptide linking'                y LEUCINE                                               ?                 'C6 H13 N O2' 
131.173 
LYS 'L-peptide linking'                y LYSINE                                                ?                 'C6 H15 N2 O2 1' 
147.195 
MET 'L-peptide linking'                y METHIONINE                                            ?                 'C5 H11 N O2 S' 
149.211 
NH2 non-polymer                        . 'AMINO GROUP'                                         ?                 'H2 N' 16.023  
PHE 'L-peptide linking'                y PHENYLALANINE                                         ?                 'C9 H11 N O2' 
165.189 
PRO 'L-peptide linking'                y PROLINE                                               ?                 'C5 H9 N O2' 
115.130 
SER 'L-peptide linking'                y SERINE                                                ?                 'C3 H7 N O3' 
105.093 
TBG 'L-peptide linking'                n 3-methyl-L-valine                                     ?                 'C6 H13 N O2' 
131.173 
THR 'L-peptide linking'                y THREONINE                                             ?                 'C4 H9 N O3' 
119.119 
TRP 'L-peptide linking'                y TRYPTOPHAN                                            ?                 'C11 H12 N2 O2' 
204.225 
TYR 'L-peptide linking'                y TYROSINE                                              ?                 'C9 H11 N O3' 
181.189 
VAL 'L-peptide linking'                y VALINE                                                ?                 'C5 H11 N O2' 
117.146 
ZN  non-polymer                        . 'ZINC ION'                                            ?                 'Zn 2' 65.409  
# 
_exptl.absorpt_coefficient_mu     ? 
_exptl.absorpt_correction_T_max   ? 
_exptl.absorpt_correction_T_min   ? 
_exptl.absorpt_correction_type    ? 
_exptl.absorpt_process_details    ? 
_exptl.entry_id                   8JUD 
_exptl.crystals_number            1 
_exptl.details                    ? 
_exptl.method                     'X-RAY DIFFRACTION' 
_exptl.method_details             ? 
# 
_exptl_crystal.colour                       ? 
_exptl_crystal.density_diffrn               ? 
_exptl_crystal.density_Matthews             2.32 
_exptl_crystal.density_method               ? 
_exptl_crystal.density_percent_sol          46.93 
_exptl_crystal.description                  ? 
_exptl_crystal.F_000                        ? 
_exptl_crystal.id                           1 
_exptl_crystal.preparation                  ? 
_exptl_crystal.size_max                     ? 
_exptl_crystal.size_mid                     ? 
_exptl_crystal.size_min                     ? 
_exptl_crystal.size_rad                     ? 
_exptl_crystal.colour_lustre                ? 
_exptl_crystal.colour_modifier              ? 
_exptl_crystal.colour_primary               ? 
_exptl_crystal.density_meas                 ? 
_exptl_crystal.density_meas_esd             ? 
_exptl_crystal.density_meas_gt              ? 
_exptl_crystal.density_meas_lt              ? 
_exptl_crystal.density_meas_temp            ? 
_exptl_crystal.density_meas_temp_esd        ? 
_exptl_crystal.density_meas_temp_gt         ? 
_exptl_crystal.density_meas_temp_lt         ? 
_exptl_crystal.pdbx_crystal_image_url       ? 
_exptl_crystal.pdbx_crystal_image_format    ? 
_exptl_crystal.pdbx_mosaicity               ? 
_exptl_crystal.pdbx_mosaicity_esd           ? 
_exptl_crystal.pdbx_mosaic_method           ? 
_exptl_crystal.pdbx_mosaic_block_size       ? 
_exptl_crystal.pdbx_mosaic_block_size_esd   ? 
# 
_exptl_crystal_grow.apparatus       ? 
_exptl_crystal_grow.atmosphere      ? 
_exptl_crystal_grow.crystal_id      1 
_exptl_crystal_grow.details         ? 
_exptl_crystal_grow.method          'VAPOR DIFFUSION' 
_exptl_crystal_grow.method_ref      ? 
_exptl_crystal_grow.pH              7.0 
_exptl_crystal_grow.pressure        ? 
_exptl_crystal_grow.pressure_esd    ? 
_exptl_crystal_grow.seeding         ? 
_exptl_crystal_grow.seeding_ref     ? 
_exptl_crystal_grow.temp_details    ? 
_exptl_crystal_grow.temp_esd        ? 
_exptl_crystal_grow.time            ? 
_exptl_crystal_grow.pdbx_details    '10% w/v Polyethylene glycol 8000,  100mM Tris pH7.0,  200mM Magnesium chloride' 
_exptl_crystal_grow.pdbx_pH_range   ? 
_exptl_crystal_grow.temp            293 
# 
_diffrn.ambient_environment              ? 
_diffrn.ambient_temp                     100 
_diffrn.ambient_temp_details             ? 
_diffrn.ambient_temp_esd                 ? 
_diffrn.crystal_id                       1 
_diffrn.crystal_support                  ? 
_diffrn.crystal_treatment                ? 
_diffrn.details                          ? 
_diffrn.id                               1 
_diffrn.ambient_pressure                 ? 
_diffrn.ambient_pressure_esd             ? 
_diffrn.ambient_pressure_gt              ? 
_diffrn.ambient_pressure_lt              ? 
_diffrn.ambient_temp_gt                  ? 
_diffrn.ambient_temp_lt                  ? 
_diffrn.pdbx_serial_crystal_experiment   N 
# 
_diffrn_detector.details                      ? 
_diffrn_detector.detector                     PIXEL 
_diffrn_detector.diffrn_id                    1 
_diffrn_detector.type                         'DECTRIS EIGER X 9M' 
_diffrn_detector.area_resol_mean              ? 
_diffrn_detector.dtime                        ? 
_diffrn_detector.pdbx_frames_total            ? 
_diffrn_detector.pdbx_collection_time_total   ? 
_diffrn_detector.pdbx_collection_date         2021-10-14 
_diffrn_detector.pdbx_frequency               ? 
_diffrn_detector.id                           ? 
_diffrn_detector.number_of_axes               ? 
# 
_diffrn_radiation.collimation                      ? 
_diffrn_radiation.diffrn_id                        1 
_diffrn_radiation.filter_edge                      ? 
_diffrn_radiation.inhomogeneity                    ? 
_diffrn_radiation.monochromator                    ? 
_diffrn_radiation.polarisn_norm                    ? 
_diffrn_radiation.polarisn_ratio                   ? 
_diffrn_radiation.probe                            ? 
_diffrn_radiation.type                             ? 
_diffrn_radiation.xray_symbol                      ? 
_diffrn_radiation.wavelength_id                    1 
_diffrn_radiation.pdbx_monochromatic_or_laue_m_l   M 
_diffrn_radiation.pdbx_wavelength_list             ? 
_diffrn_radiation.pdbx_wavelength                  ? 
_diffrn_radiation.pdbx_diffrn_protocol             'SINGLE WAVELENGTH' 
_diffrn_radiation.pdbx_analyzer                    ? 
_diffrn_radiation.pdbx_scattering_type             x-ray 
# 
_diffrn_radiation_wavelength.id           1 
_diffrn_radiation_wavelength.wavelength   1.00000 
_diffrn_radiation_wavelength.wt           1.0 
# 
_diffrn_source.current                     ? 
_diffrn_source.details                     ? 
_diffrn_source.diffrn_id                   1 
_diffrn_source.power                       ? 
_diffrn_source.size                        ? 
_diffrn_source.source                      SYNCHROTRON 
_diffrn_source.target                      ? 
_diffrn_source.type                        'SPRING-8 BEAMLINE BL32XU' 
_diffrn_source.voltage                     ? 
_diffrn_source.take-off_angle              ? 
_diffrn_source.pdbx_wavelength_list        1.00000 
_diffrn_source.pdbx_wavelength             ? 
_diffrn_source.pdbx_synchrotron_beamline   BL32XU 
_diffrn_source.pdbx_synchrotron_site       SPring-8 
# 
_reflns.B_iso_Wilson_estimate                          ? 
_reflns.entry_id                                       8JUD 
_reflns.data_reduction_details                         ? 
_reflns.data_reduction_method                          ? 
_reflns.d_resolution_high                              1.50 
_reflns.d_resolution_low                               54.69 
_reflns.details                                        ? 
_reflns.limit_h_max                                    ? 
_reflns.limit_h_min                                    ? 
_reflns.limit_k_max                                    ? 
_reflns.limit_k_min                                    ? 
_reflns.limit_l_max                                    ? 
_reflns.limit_l_min                                    ? 
_reflns.number_all                                     ? 
_reflns.number_obs                                     27517 
_reflns.observed_criterion                             ? 
_reflns.observed_criterion_F_max                       ? 
_reflns.observed_criterion_F_min                       ? 
_reflns.observed_criterion_I_max                       ? 
_reflns.observed_criterion_I_min                       ? 
_reflns.observed_criterion_sigma_F                     ? 
_reflns.observed_criterion_sigma_I                     ? 
_reflns.percent_possible_obs                           93.3 
_reflns.R_free_details                                 ? 
_reflns.Rmerge_F_all                                   ? 
_reflns.Rmerge_F_obs                                   ? 
_reflns.Friedel_coverage                               ? 
_reflns.number_gt                                      ? 
_reflns.threshold_expression                           ? 
_reflns.pdbx_redundancy                                10.7 
_reflns.pdbx_netI_over_av_sigmaI                       ? 
_reflns.pdbx_netI_over_sigmaI                          3.19 
_reflns.pdbx_res_netI_over_av_sigmaI_2                 ? 
_reflns.pdbx_res_netI_over_sigmaI_2                    ? 
_reflns.pdbx_chi_squared                               ? 
_reflns.pdbx_scaling_rejects                           ? 
_reflns.pdbx_d_res_high_opt                            ? 
_reflns.pdbx_d_res_low_opt                             ? 
_reflns.pdbx_d_res_opt_method                          ? 
_reflns.phase_calculation_details                      ? 
_reflns.pdbx_Rrim_I_all                                ? 
_reflns.pdbx_Rpim_I_all                                ? 
_reflns.pdbx_d_opt                                     ? 
_reflns.pdbx_number_measured_all                       ? 
_reflns.pdbx_diffrn_id                                 1 
_reflns.pdbx_ordinal                                   1 
_reflns.pdbx_CC_half                                   0.742 
_reflns.pdbx_CC_star                                   ? 
_reflns.pdbx_R_split                                   ? 
_reflns.pdbx_Rmerge_I_obs                              ? 
_reflns.pdbx_Rmerge_I_all                              ? 
_reflns.pdbx_Rsym_value                                ? 
_reflns.pdbx_CC_split_method                           ? 
_reflns.pdbx_aniso_diffraction_limit_axis_1_ortho[1]   ? 
_reflns.pdbx_aniso_diffraction_limit_axis_1_ortho[2]   ? 
_reflns.pdbx_aniso_diffraction_limit_axis_1_ortho[3]   ? 
_reflns.pdbx_aniso_diffraction_limit_axis_2_ortho[1]   ? 
_reflns.pdbx_aniso_diffraction_limit_axis_2_ortho[2]   ? 
_reflns.pdbx_aniso_diffraction_limit_axis_2_ortho[3]   ? 
_reflns.pdbx_aniso_diffraction_limit_axis_3_ortho[1]   ? 
_reflns.pdbx_aniso_diffraction_limit_axis_3_ortho[2]   ? 
_reflns.pdbx_aniso_diffraction_limit_axis_3_ortho[3]   ? 
_reflns.pdbx_aniso_diffraction_limit_1                 ? 
_reflns.pdbx_aniso_diffraction_limit_2                 ? 
_reflns.pdbx_aniso_diffraction_limit_3                 ? 
_reflns.pdbx_aniso_B_tensor_eigenvector_1_ortho[1]     ? 
_reflns.pdbx_aniso_B_tensor_eigenvector_1_ortho[2]     ? 
_reflns.pdbx_aniso_B_tensor_eigenvector_1_ortho[3]     ? 
_reflns.pdbx_aniso_B_tensor_eigenvector_2_ortho[1]     ? 
_reflns.pdbx_aniso_B_tensor_eigenvector_2_ortho[2]     ? 
_reflns.pdbx_aniso_B_tensor_eigenvector_2_ortho[3]     ? 
_reflns.pdbx_aniso_B_tensor_eigenvector_3_ortho[1]     ? 
_reflns.pdbx_aniso_B_tensor_eigenvector_3_ortho[2]     ? 
_reflns.pdbx_aniso_B_tensor_eigenvector_3_ortho[3]     ? 
_reflns.pdbx_aniso_B_tensor_eigenvalue_1               ? 
_reflns.pdbx_aniso_B_tensor_eigenvalue_2               ? 
_reflns.pdbx_aniso_B_tensor_eigenvalue_3               ? 
_reflns.pdbx_orthogonalization_convention              ? 
_reflns.pdbx_percent_possible_ellipsoidal              ? 
_reflns.pdbx_percent_possible_spherical                ? 
_reflns.pdbx_percent_possible_ellipsoidal_anomalous    ? 
_reflns.pdbx_percent_possible_spherical_anomalous      ? 
_reflns.pdbx_redundancy_anomalous                      ? 
_reflns.pdbx_CC_half_anomalous                         ? 
_reflns.pdbx_absDiff_over_sigma_anomalous              ? 
_reflns.pdbx_percent_possible_anomalous                ? 
_reflns.pdbx_observed_signal_threshold                 ? 
_reflns.pdbx_signal_type                               ? 
_reflns.pdbx_signal_details                            ? 
_reflns.pdbx_signal_software_id                        ? 
# 
_reflns_shell.d_res_high                                    1.50 
_reflns_shell.d_res_low                                     1.59 
_reflns_shell.meanI_over_sigI_all                           ? 
_reflns_shell.meanI_over_sigI_obs                           0.99 
_reflns_shell.number_measured_all                           ? 
_reflns_shell.number_measured_obs                           ? 
_reflns_shell.number_possible                               ? 
_reflns_shell.number_unique_all                             ? 
_reflns_shell.number_unique_obs                             4453 
_reflns_shell.percent_possible_obs                          ? 
_reflns_shell.Rmerge_F_all                                  ? 
_reflns_shell.Rmerge_F_obs                                  ? 
_reflns_shell.meanI_over_sigI_gt                            ? 
_reflns_shell.meanI_over_uI_all                             ? 
_reflns_shell.meanI_over_uI_gt                              ? 
_reflns_shell.number_measured_gt                            ? 
_reflns_shell.number_unique_gt                              ? 
_reflns_shell.percent_possible_gt                           ? 
_reflns_shell.Rmerge_F_gt                                   ? 
_reflns_shell.Rmerge_I_gt                                   ? 
_reflns_shell.pdbx_redundancy                               10.5 
_reflns_shell.pdbx_chi_squared                              ? 
_reflns_shell.pdbx_netI_over_sigmaI_all                     ? 
_reflns_shell.pdbx_netI_over_sigmaI_obs                     ? 
_reflns_shell.pdbx_Rrim_I_all                               ? 
_reflns_shell.pdbx_Rpim_I_all                               ? 
_reflns_shell.pdbx_rejects                                  ? 
_reflns_shell.pdbx_ordinal                                  1 
_reflns_shell.pdbx_diffrn_id                                1 
_reflns_shell.pdbx_CC_half                                  0.423 
_reflns_shell.pdbx_CC_star                                  ? 
_reflns_shell.pdbx_R_split                                  ? 
_reflns_shell.percent_possible_all                          95.1 
_reflns_shell.Rmerge_I_all                                  ? 
_reflns_shell.Rmerge_I_obs                                  ? 
_reflns_shell.pdbx_Rsym_value                               ? 
_reflns_shell.pdbx_percent_possible_ellipsoidal             ? 
_reflns_shell.pdbx_percent_possible_spherical               ? 
_reflns_shell.pdbx_percent_possible_ellipsoidal_anomalous   ? 
_reflns_shell.pdbx_percent_possible_spherical_anomalous     ? 
_reflns_shell.pdbx_redundancy_anomalous                     ? 
_reflns_shell.pdbx_CC_half_anomalous                        ? 
_reflns_shell.pdbx_absDiff_over_sigma_anomalous             ? 
_reflns_shell.pdbx_percent_possible_anomalous               ? 
# 
_refine.aniso_B[1][1]                            -0.33 
_refine.aniso_B[1][2]                            0.00 
_refine.aniso_B[1][3]                            0.00 
_refine.aniso_B[2][2]                            -0.33 
_refine.aniso_B[2][3]                            0.00 
_refine.aniso_B[3][3]                            0.67 
_refine.B_iso_max                                ? 
_refine.B_iso_mean                               21.416 
_refine.B_iso_min                                ? 
_refine.correlation_coeff_Fo_to_Fc               0.938 
_refine.correlation_coeff_Fo_to_Fc_free          0.920 
_refine.details                                  ? 
_refine.diff_density_max                         ? 
_refine.diff_density_max_esd                     ? 
_refine.diff_density_min                         ? 
_refine.diff_density_min_esd                     ? 
_refine.diff_density_rms                         ? 
_refine.diff_density_rms_esd                     ? 
_refine.entry_id                                 8JUD 
_refine.pdbx_refine_id                           'X-RAY DIFFRACTION' 
_refine.ls_abs_structure_details                 ? 
_refine.ls_abs_structure_Flack                   ? 
_refine.ls_abs_structure_Flack_esd               ? 
_refine.ls_abs_structure_Rogers                  ? 
_refine.ls_abs_structure_Rogers_esd              ? 
_refine.ls_d_res_high                            1.50 
_refine.ls_d_res_low                             54.69 
_refine.ls_extinction_coef                       ? 
_refine.ls_extinction_coef_esd                   ? 
_refine.ls_extinction_expression                 ? 
_refine.ls_extinction_method                     ? 
_refine.ls_goodness_of_fit_all                   ? 
_refine.ls_goodness_of_fit_all_esd               ? 
_refine.ls_goodness_of_fit_obs                   ? 
_refine.ls_goodness_of_fit_obs_esd               ? 
_refine.ls_hydrogen_treatment                    ? 
_refine.ls_matrix_type                           ? 
_refine.ls_number_constraints                    ? 
_refine.ls_number_parameters                     ? 
_refine.ls_number_reflns_all                     ? 
_refine.ls_number_reflns_obs                     26131 
_refine.ls_number_reflns_R_free                  1385 
_refine.ls_number_reflns_R_work                  ? 
_refine.ls_number_restraints                     ? 
_refine.ls_percent_reflns_obs                    93.32 
_refine.ls_percent_reflns_R_free                 5.0 
_refine.ls_R_factor_all                          ? 
_refine.ls_R_factor_obs                          0.23259 
_refine.ls_R_factor_R_free                       0.25976 
_refine.ls_R_factor_R_free_error                 ? 
_refine.ls_R_factor_R_free_error_details         ? 
_refine.ls_R_factor_R_work                       0.23113 
_refine.ls_R_Fsqd_factor_obs                     ? 
_refine.ls_R_I_factor_obs                        ? 
_refine.ls_redundancy_reflns_all                 ? 
_refine.ls_redundancy_reflns_obs                 ? 
_refine.ls_restrained_S_all                      ? 
_refine.ls_restrained_S_obs                      ? 
_refine.ls_shift_over_esd_max                    ? 
_refine.ls_shift_over_esd_mean                   ? 
_refine.ls_structure_factor_coef                 ? 
_refine.ls_weighting_details                     ? 
_refine.ls_weighting_scheme                      ? 
_refine.ls_wR_factor_all                         ? 
_refine.ls_wR_factor_obs                         ? 
_refine.ls_wR_factor_R_free                      ? 
_refine.ls_wR_factor_R_work                      ? 
_refine.occupancy_max                            ? 
_refine.occupancy_min                            ? 
_refine.solvent_model_details                    MASK 
_refine.solvent_model_param_bsol                 ? 
_refine.solvent_model_param_ksol                 ? 
_refine.pdbx_R_complete                          ? 
_refine.ls_R_factor_gt                           ? 
_refine.ls_goodness_of_fit_gt                    ? 
_refine.ls_goodness_of_fit_ref                   ? 
_refine.ls_shift_over_su_max                     ? 
_refine.ls_shift_over_su_max_lt                  ? 
_refine.ls_shift_over_su_mean                    ? 
_refine.ls_shift_over_su_mean_lt                 ? 
_refine.pdbx_ls_sigma_I                          ? 
_refine.pdbx_ls_sigma_F                          ? 
_refine.pdbx_ls_sigma_Fsqd                       ? 
_refine.pdbx_data_cutoff_high_absF               ? 
_refine.pdbx_data_cutoff_high_rms_absF           ? 
_refine.pdbx_data_cutoff_low_absF                ? 
_refine.pdbx_isotropic_thermal_model             ? 
_refine.pdbx_ls_cross_valid_method               THROUGHOUT 
_refine.pdbx_method_to_determine_struct          'MOLECULAR REPLACEMENT' 
_refine.pdbx_starting_model                      ? 
_refine.pdbx_stereochemistry_target_values       'MAXIMUM LIKELIHOOD' 
_refine.pdbx_R_Free_selection_details            RANDOM 
_refine.pdbx_stereochem_target_val_spec_case     ? 
_refine.pdbx_overall_ESU_R                       0.097 
_refine.pdbx_overall_ESU_R_Free                  0.096 
_refine.pdbx_solvent_vdw_probe_radii             1.20 
_refine.pdbx_solvent_ion_probe_radii             0.80 
_refine.pdbx_solvent_shrinkage_radii             0.80 
_refine.pdbx_real_space_R                        ? 
_refine.pdbx_density_correlation                 ? 
_refine.pdbx_pd_number_of_powder_patterns        ? 
_refine.pdbx_pd_number_of_points                 ? 
_refine.pdbx_pd_meas_number_of_points            ? 
_refine.pdbx_pd_proc_ls_prof_R_factor            ? 
_refine.pdbx_pd_proc_ls_prof_wR_factor           ? 
_refine.pdbx_pd_Marquardt_correlation_coeff      ? 
_refine.pdbx_pd_Fsqrd_R_factor                   ? 
_refine.pdbx_pd_ls_matrix_band_width             ? 
_refine.pdbx_overall_phase_error                 ? 
_refine.pdbx_overall_SU_R_free_Cruickshank_DPI   ? 
_refine.pdbx_overall_SU_R_free_Blow_DPI          ? 
_refine.pdbx_overall_SU_R_Blow_DPI               ? 
_refine.pdbx_TLS_residual_ADP_flag               ? 
_refine.pdbx_diffrn_id                           1 
_refine.overall_SU_B                             2.812 
_refine.overall_SU_ML                            0.099 
_refine.overall_SU_R_Cruickshank_DPI             ? 
_refine.overall_SU_R_free                        ? 
_refine.overall_FOM_free_R_set                   ? 
_refine.overall_FOM_work_R_set                   ? 
_refine.pdbx_average_fsc_overall                 ? 
_refine.pdbx_average_fsc_work                    ? 
_refine.pdbx_average_fsc_free                    ? 
# 
_refine_hist.pdbx_refine_id                   'X-RAY DIFFRACTION' 
_refine_hist.cycle_id                         1 
_refine_hist.details                          ? 
_refine_hist.d_res_high                       1.50 
_refine_hist.d_res_low                        54.69 
_refine_hist.number_atoms_solvent             98 
_refine_hist.number_atoms_total               1428 
_refine_hist.number_reflns_all                ? 
_refine_hist.number_reflns_obs                ? 
_refine_hist.number_reflns_R_free             ? 
_refine_hist.number_reflns_R_work             ? 
_refine_hist.R_factor_all                     ? 
_refine_hist.R_factor_obs                     ? 
_refine_hist.R_factor_R_free                  ? 
_refine_hist.R_factor_R_work                  ? 
_refine_hist.pdbx_number_residues_total       ? 
_refine_hist.pdbx_B_iso_mean_ligand           ? 
_refine_hist.pdbx_B_iso_mean_solvent          ? 
_refine_hist.pdbx_number_atoms_protein        1326 
_refine_hist.pdbx_number_atoms_nucleic_acid   0 
_refine_hist.pdbx_number_atoms_ligand         4 
_refine_hist.pdbx_number_atoms_lipid          ? 
_refine_hist.pdbx_number_atoms_carb           ? 
_refine_hist.pdbx_pseudo_atom_details         ? 
# 
loop_
_refine_ls_restr.pdbx_refine_id 
_refine_ls_restr.criterion 
_refine_ls_restr.dev_ideal 
_refine_ls_restr.dev_ideal_target 
_refine_ls_restr.number 
_refine_ls_restr.rejects 
_refine_ls_restr.type 
_refine_ls_restr.weight 
_refine_ls_restr.pdbx_restraint_function 
'X-RAY DIFFRACTION' ? 0.019  0.019  1401 ? r_bond_refined_d             ? ? 
'X-RAY DIFFRACTION' ? 0.004  0.020  1231 ? r_bond_other_d               ? ? 
'X-RAY DIFFRACTION' ? 1.938  1.970  1912 ? r_angle_refined_deg          ? ? 
'X-RAY DIFFRACTION' ? 1.127  3.000  2857 ? r_angle_other_deg            ? ? 
'X-RAY DIFFRACTION' ? 6.295  5.000  169  ? r_dihedral_angle_1_deg       ? ? 
'X-RAY DIFFRACTION' ? 31.537 22.951 61   ? r_dihedral_angle_2_deg       ? ? 
'X-RAY DIFFRACTION' ? 13.305 15.000 204  ? r_dihedral_angle_3_deg       ? ? 
'X-RAY DIFFRACTION' ? 18.753 15.000 7    ? r_dihedral_angle_4_deg       ? ? 
'X-RAY DIFFRACTION' ? 0.130  0.200  195  ? r_chiral_restr               ? ? 
'X-RAY DIFFRACTION' ? 0.011  0.021  1579 ? r_gen_planes_refined         ? ? 
'X-RAY DIFFRACTION' ? 0.001  0.020  310  ? r_gen_planes_other           ? ? 
'X-RAY DIFFRACTION' ? ?      ?      ?    ? r_nbd_refined                ? ? 
'X-RAY DIFFRACTION' ? ?      ?      ?    ? r_nbd_other                  ? ? 
'X-RAY DIFFRACTION' ? ?      ?      ?    ? r_nbtor_refined              ? ? 
'X-RAY DIFFRACTION' ? ?      ?      ?    ? r_nbtor_other                ? ? 
'X-RAY DIFFRACTION' ? ?      ?      ?    ? r_xyhbond_nbd_refined        ? ? 
'X-RAY DIFFRACTION' ? ?      ?      ?    ? r_xyhbond_nbd_other          ? ? 
'X-RAY DIFFRACTION' ? ?      ?      ?    ? r_metal_ion_refined          ? ? 
'X-RAY DIFFRACTION' ? ?      ?      ?    ? r_metal_ion_other            ? ? 
'X-RAY DIFFRACTION' ? ?      ?      ?    ? r_symmetry_vdw_refined       ? ? 
'X-RAY DIFFRACTION' ? ?      ?      ?    ? r_symmetry_vdw_other         ? ? 
'X-RAY DIFFRACTION' ? ?      ?      ?    ? r_symmetry_hbond_refined     ? ? 
'X-RAY DIFFRACTION' ? ?      ?      ?    ? r_symmetry_hbond_other       ? ? 
'X-RAY DIFFRACTION' ? ?      ?      ?    ? r_symmetry_metal_ion_refined ? ? 
'X-RAY DIFFRACTION' ? ?      ?      ?    ? r_symmetry_metal_ion_other   ? ? 
'X-RAY DIFFRACTION' ? 1.759  1.970  670  ? r_mcbond_it                  ? ? 
'X-RAY DIFFRACTION' ? 1.752  1.967  669  ? r_mcbond_other               ? ? 
'X-RAY DIFFRACTION' ? 2.560  2.947  841  ? r_mcangle_it                 ? ? 
'X-RAY DIFFRACTION' ? 2.558  2.950  842  ? r_mcangle_other              ? ? 
'X-RAY DIFFRACTION' ? 2.209  2.229  731  ? r_scbond_it                  ? ? 
'X-RAY DIFFRACTION' ? 2.208  2.229  732  ? r_scbond_other               ? ? 
'X-RAY DIFFRACTION' ? ?      ?      ?    ? r_scangle_it                 ? ? 
'X-RAY DIFFRACTION' ? 3.280  3.247  1072 ? r_scangle_other              ? ? 
'X-RAY DIFFRACTION' ? 5.429  39.454 6600 ? r_long_range_B_refined       ? ? 
'X-RAY DIFFRACTION' ? 5.355  39.337 6538 ? r_long_range_B_other         ? ? 
'X-RAY DIFFRACTION' ? ?      ?      ?    ? r_rigid_bond_restr           ? ? 
'X-RAY DIFFRACTION' ? ?      ?      ?    ? r_sphericity_free            ? ? 
'X-RAY DIFFRACTION' ? ?      ?      ?    ? r_sphericity_bonded          ? ? 
# 
_refine_ls_shell.pdbx_refine_id                   'X-RAY DIFFRACTION' 
_refine_ls_shell.d_res_high                       1.500 
_refine_ls_shell.d_res_low                        1.539 
_refine_ls_shell.number_reflns_all                ? 
_refine_ls_shell.number_reflns_obs                ? 
_refine_ls_shell.number_reflns_R_free             95 
_refine_ls_shell.number_reflns_R_work             1975 
_refine_ls_shell.percent_reflns_obs               95.39 
_refine_ls_shell.percent_reflns_R_free            ? 
_refine_ls_shell.R_factor_all                     ? 
_refine_ls_shell.R_factor_obs                     ? 
_refine_ls_shell.R_factor_R_free_error            ? 
_refine_ls_shell.R_factor_R_work                  0.397 
_refine_ls_shell.redundancy_reflns_all            ? 
_refine_ls_shell.redundancy_reflns_obs            ? 
_refine_ls_shell.wR_factor_all                    ? 
_refine_ls_shell.wR_factor_obs                    ? 
_refine_ls_shell.wR_factor_R_free                 ? 
_refine_ls_shell.wR_factor_R_work                 ? 
_refine_ls_shell.pdbx_R_complete                  ? 
_refine_ls_shell.pdbx_total_number_of_bins_used   20 
_refine_ls_shell.pdbx_phase_error                 ? 
_refine_ls_shell.pdbx_fsc_work                    ? 
_refine_ls_shell.pdbx_fsc_free                    ? 
_refine_ls_shell.R_factor_R_free                  0.416 
# 
_struct.entry_id                     8JUD 
_struct.title                        'Crystal structure of human MMP-7 in complex with inhibitor' 
_struct.pdbx_model_details           ? 
_struct.pdbx_formula_weight          ? 
_struct.pdbx_formula_weight_method   ? 
_struct.pdbx_model_type_details      ? 
_struct.pdbx_CASP_flag               N 
# 
_struct_keywords.entry_id        8JUD 
_struct_keywords.text            
;Matrilysin, Matrin, Matrix metalloproteinase-7, Pump-1 protease, Uterine metalloproteinase, HYDROLASE, HYDROLASE-HYDROLASE INHIBITOR complex
;
_struct_keywords.pdbx_keywords   'HYDROLASE/HYDROLASE INHIBITOR' 
# 
loop_
_struct_asym.id 
_struct_asym.pdbx_blank_PDB_chainid_flag 
_struct_asym.pdbx_modified 
_struct_asym.entity_id 
_struct_asym.details 
A N N 1 ? 
B N N 2 ? 
C N N 3 ? 
D N N 3 ? 
E N N 4 ? 
F N N 4 ? 
G N N 5 ? 
H N N 5 ? 
# 
loop_
_struct_conf.conf_type_id 
_struct_conf.id 
_struct_conf.pdbx_PDB_helix_id 
_struct_conf.beg_label_comp_id 
_struct_conf.beg_label_asym_id 
_struct_conf.beg_label_seq_id 
_struct_conf.pdbx_beg_PDB_ins_code 
_struct_conf.end_label_comp_id 
_struct_conf.end_label_asym_id 
_struct_conf.end_label_seq_id 
_struct_conf.pdbx_end_PDB_ins_code 
_struct_conf.beg_auth_comp_id 
_struct_conf.beg_auth_asym_id 
_struct_conf.beg_auth_seq_id 
_struct_conf.end_auth_comp_id 
_struct_conf.end_auth_asym_id 
_struct_conf.end_auth_seq_id 
_struct_conf.pdbx_PDB_helix_class 
_struct_conf.details 
_struct_conf.pdbx_PDB_helix_length 
HELX_P HELX_P1 AA1 PRO A 29  ? LYS A 46  ? PRO A 121 LYS A 138 1 ? 18 
HELX_P HELX_P2 AA2 PHE A 116 ? LEU A 128 ? PHE A 208 LEU A 220 1 ? 13 
HELX_P HELX_P3 AA3 SER A 155 ? GLY A 167 ? SER A 247 GLY A 259 1 ? 13 
# 
_struct_conf_type.id          HELX_P 
_struct_conf_type.criteria    ? 
_struct_conf_type.reference   ? 
# 
loop_
_struct_conn.id 
_struct_conn.conn_type_id 
_struct_conn.pdbx_leaving_atom_flag 
_struct_conn.pdbx_PDB_id 
_struct_conn.ptnr1_label_asym_id 
_struct_conn.ptnr1_label_comp_id 
_struct_conn.ptnr1_label_seq_id 
_struct_conn.ptnr1_label_atom_id 
_struct_conn.pdbx_ptnr1_label_alt_id 
_struct_conn.pdbx_ptnr1_PDB_ins_code 
_struct_conn.pdbx_ptnr1_standard_comp_id 
_struct_conn.ptnr1_symmetry 
_struct_conn.ptnr2_label_asym_id 
_struct_conn.ptnr2_label_comp_id 
_struct_conn.ptnr2_label_seq_id 
_struct_conn.ptnr2_label_atom_id 
_struct_conn.pdbx_ptnr2_label_alt_id 
_struct_conn.pdbx_ptnr2_PDB_ins_code 
_struct_conn.ptnr1_auth_asym_id 
_struct_conn.ptnr1_auth_comp_id 
_struct_conn.ptnr1_auth_seq_id 
_struct_conn.ptnr2_auth_asym_id 
_struct_conn.ptnr2_auth_comp_id 
_struct_conn.ptnr2_auth_seq_id 
_struct_conn.ptnr2_symmetry 
_struct_conn.pdbx_ptnr3_label_atom_id 
_struct_conn.pdbx_ptnr3_label_seq_id 
_struct_conn.pdbx_ptnr3_label_comp_id 
_struct_conn.pdbx_ptnr3_label_asym_id 
_struct_conn.pdbx_ptnr3_label_alt_id 
_struct_conn.pdbx_ptnr3_PDB_ins_code 
_struct_conn.details 
_struct_conn.pdbx_dist_value 
_struct_conn.pdbx_value_order 
_struct_conn.pdbx_role 
covale1  covale both ? B 7SF 1   S34 ? ? ? 1_555 B GGL 2 N  ? ? B 7SF 1   B GGL 2   1_555 ? ? ? ? ? ? ? 1.606 ? ? 
covale2  covale both ? B GGL 2   CD  ? ? ? 1_555 B GLY 3 N  ? ? B GGL 2   B GLY 3   1_555 ? ? ? ? ? ? ? 1.302 ? ? 
covale3  covale both ? B LEU 4   C   ? ? ? 1_555 B TBG 5 N  ? ? B LEU 4   B TBG 5   1_555 ? ? ? ? ? ? ? 1.339 ? ? 
covale4  covale both ? B TBG 5   C   ? ? ? 1_555 B EOE 6 N  ? ? B TBG 5   B EOE 6   1_555 ? ? ? ? ? ? ? 1.361 ? ? 
covale5  covale both ? B EOE 6   C   ? ? ? 1_555 B NH2 7 N  ? ? B EOE 6   B NH2 7   1_555 ? ? ? ? ? ? ? 1.335 ? ? 
metalc1  metalc ?    ? A ASP 61  O   ? ? ? 1_555 C CA  . CA ? ? A ASP 153 A CA  301 1_555 ? ? ? ? ? ? ? 2.351 ? ? 
metalc2  metalc ?    ? A HIS 71  NE2 ? ? ? 1_555 E ZN  . ZN ? ? A HIS 163 A ZN  303 1_555 ? ? ? ? ? ? ? 2.040 ? ? 
metalc3  metalc ?    ? A ASP 73  OD2 ? ? ? 1_555 E ZN  . ZN ? ? A ASP 165 A ZN  303 1_555 ? ? ? ? ? ? ? 2.009 ? ? 
metalc4  metalc ?    ? A ASP 78  OD1 ? ? ? 1_555 D CA  . CA ? ? A ASP 170 A CA  302 1_555 ? ? ? ? ? ? ? 2.331 ? ? 
metalc5  metalc ?    ? A GLY 79  O   ? ? ? 1_555 D CA  . CA ? ? A GLY 171 A CA  302 1_555 ? ? ? ? ? ? ? 2.359 ? ? 
metalc6  metalc ?    ? A GLY 81  O   ? ? ? 1_555 D CA  . CA ? ? A GLY 173 A CA  302 1_555 ? ? ? ? ? ? ? 2.400 ? ? 
metalc7  metalc ?    ? A THR 83  O   ? ? ? 1_555 D CA  . CA ? ? A THR 175 A CA  302 1_555 ? ? ? ? ? ? ? 2.294 ? ? 
metalc8  metalc ?    ? A HIS 86  NE2 ? ? ? 1_555 E ZN  . ZN ? ? A HIS 178 A ZN  303 1_555 ? ? ? ? ? ? ? 2.064 ? ? 
metalc9  metalc ?    ? A GLY 93  O   ? ? ? 1_555 C CA  . CA ? ? A GLY 185 A CA  301 1_555 ? ? ? ? ? ? ? 2.392 ? ? 
metalc10 metalc ?    ? A GLY 95  O   ? ? ? 1_555 C CA  . CA ? ? A GLY 187 A CA  301 1_555 ? ? ? ? ? ? ? 2.306 ? ? 
metalc11 metalc ?    ? A ASP 97  OD1 ? ? ? 1_555 C CA  . CA ? ? A ASP 189 A CA  301 1_555 ? ? ? ? ? ? ? 2.457 ? ? 
metalc12 metalc ?    ? A HIS 99  ND1 ? ? ? 1_555 E ZN  . ZN ? ? A HIS 191 A ZN  303 1_555 ? ? ? ? ? ? ? 2.094 ? ? 
metalc13 metalc ?    ? A ASP 101 OD2 ? ? ? 1_555 D CA  . CA ? ? A ASP 193 A CA  302 1_555 ? ? ? ? ? ? ? 2.305 ? ? 
metalc14 metalc ?    ? A GLU 104 OE2 ? ? ? 1_555 D CA  . CA ? ? A GLU 196 A CA  302 1_555 ? ? ? ? ? ? ? 2.432 ? ? 
metalc15 metalc ?    ? A HIS 122 NE2 ? ? ? 1_555 F ZN  . ZN ? ? A HIS 214 A ZN  304 1_555 ? ? ? ? ? ? ? 2.143 ? ? 
metalc16 metalc ?    ? A HIS 126 NE2 ? ? ? 1_555 F ZN  . ZN ? ? A HIS 218 A ZN  304 1_555 ? ? ? ? ? ? ? 2.100 ? ? 
metalc17 metalc ?    ? A HIS 132 NE2 ? ? ? 1_555 F ZN  . ZN ? ? A HIS 224 A ZN  304 1_555 ? ? ? ? ? ? ? 2.122 ? ? 
metalc18 metalc ?    ? C CA  .   CA  ? ? ? 1_555 G HOH . O  ? ? A CA  301 A HOH 406 1_555 ? ? ? ? ? ? ? 2.411 ? ? 
metalc19 metalc ?    ? C CA  .   CA  ? ? ? 1_555 G HOH . O  ? ? A CA  301 A HOH 436 1_555 ? ? ? ? ? ? ? 2.300 ? ? 
metalc20 metalc ?    ? F ZN  .   ZN  ? ? ? 1_555 B GGL 2 O  ? ? A ZN  304 B GGL 2   1_555 ? ? ? ? ? ? ? 1.886 ? ? 
# 
loop_
_struct_conn_type.id 
_struct_conn_type.criteria 
_struct_conn_type.reference 
covale ? ? 
metalc ? ? 
# 
loop_
_struct_sheet.id 
_struct_sheet.type 
_struct_sheet.number_strands 
_struct_sheet.details 
AA1 ? 5 ? 
AA2 ? 2 ? 
# 
loop_
_struct_sheet_order.sheet_id 
_struct_sheet_order.range_id_1 
_struct_sheet_order.range_id_2 
_struct_sheet_order.offset 
_struct_sheet_order.sense 
AA1 1 2 ? parallel      
AA1 2 3 ? parallel      
AA1 3 4 ? parallel      
AA1 4 5 ? anti-parallel 
AA2 1 2 ? parallel      
# 
loop_
_struct_sheet_range.sheet_id 
_struct_sheet_range.id 
_struct_sheet_range.beg_label_comp_id 
_struct_sheet_range.beg_label_asym_id 
_struct_sheet_range.beg_label_seq_id 
_struct_sheet_range.pdbx_beg_PDB_ins_code 
_struct_sheet_range.end_label_comp_id 
_struct_sheet_range.end_label_asym_id 
_struct_sheet_range.end_label_seq_id 
_struct_sheet_range.pdbx_end_PDB_ins_code 
_struct_sheet_range.beg_auth_comp_id 
_struct_sheet_range.beg_auth_asym_id 
_struct_sheet_range.beg_auth_seq_id 
_struct_sheet_range.end_auth_comp_id 
_struct_sheet_range.end_auth_asym_id 
_struct_sheet_range.end_auth_seq_id 
AA1 1 HIS A 51  ? LYS A 54  ? HIS A 143 LYS A 146 
AA1 2 VAL A 16  ? ILE A 21  ? VAL A 108 ILE A 113 
AA1 3 ILE A 62  ? ALA A 67  ? ILE A 154 ALA A 159 
AA1 4 ALA A 98  ? ASP A 101 ? ALA A 190 ASP A 193 
AA1 5 ALA A 85  ? ALA A 87  ? ALA A 177 ALA A 179 
AA2 1 TRP A 106 ? THR A 107 ? TRP A 198 THR A 199 
AA2 2 ILE A 114 ? ASN A 115 ? ILE A 206 ASN A 207 
# 
loop_
_pdbx_struct_sheet_hbond.sheet_id 
_pdbx_struct_sheet_hbond.range_id_1 
_pdbx_struct_sheet_hbond.range_id_2 
_pdbx_struct_sheet_hbond.range_1_label_atom_id 
_pdbx_struct_sheet_hbond.range_1_label_comp_id 
_pdbx_struct_sheet_hbond.range_1_label_asym_id 
_pdbx_struct_sheet_hbond.range_1_label_seq_id 
_pdbx_struct_sheet_hbond.range_1_PDB_ins_code 
_pdbx_struct_sheet_hbond.range_1_auth_atom_id 
_pdbx_struct_sheet_hbond.range_1_auth_comp_id 
_pdbx_struct_sheet_hbond.range_1_auth_asym_id 
_pdbx_struct_sheet_hbond.range_1_auth_seq_id 
_pdbx_struct_sheet_hbond.range_2_label_atom_id 
_pdbx_struct_sheet_hbond.range_2_label_comp_id 
_pdbx_struct_sheet_hbond.range_2_label_asym_id 
_pdbx_struct_sheet_hbond.range_2_label_seq_id 
_pdbx_struct_sheet_hbond.range_2_PDB_ins_code 
_pdbx_struct_sheet_hbond.range_2_auth_atom_id 
_pdbx_struct_sheet_hbond.range_2_auth_comp_id 
_pdbx_struct_sheet_hbond.range_2_auth_asym_id 
_pdbx_struct_sheet_hbond.range_2_auth_seq_id 
AA1 1 2 O HIS A 51  ? O HIS A 143 N VAL A 17  ? N VAL A 109 
AA1 2 3 N ARG A 20  ? N ARG A 112 O ILE A 64  ? O ILE A 156 
AA1 3 4 N GLY A 65  ? N GLY A 157 O ALA A 98  ? O ALA A 190 
AA1 4 5 O HIS A 99  ? O HIS A 191 N HIS A 86  ? N HIS A 178 
AA2 1 2 N THR A 107 ? N THR A 199 O ILE A 114 ? O ILE A 206 
# 
_atom_sites.entry_id                    8JUD 
_atom_sites.Cartn_transf_matrix[1][1]   ? 
_atom_sites.Cartn_transf_matrix[1][2]   ? 
_atom_sites.Cartn_transf_matrix[1][3]   ? 
_atom_sites.Cartn_transf_matrix[2][1]   ? 
_atom_sites.Cartn_transf_matrix[2][2]   ? 
_atom_sites.Cartn_transf_matrix[2][3]   ? 
_atom_sites.Cartn_transf_matrix[3][1]   ? 
_atom_sites.Cartn_transf_matrix[3][2]   ? 
_atom_sites.Cartn_transf_matrix[3][3]   ? 
_atom_sites.Cartn_transf_vector[1]      ? 
_atom_sites.Cartn_transf_vector[2]      ? 
_atom_sites.Cartn_transf_vector[3]      ? 
_atom_sites.fract_transf_matrix[1][1]   -0.01212463 
_atom_sites.fract_transf_matrix[1][2]   0.00443365 
_atom_sites.fract_transf_matrix[1][3]   -0.00068512 
_atom_sites.fract_transf_matrix[2][1]   0.00101552 
_atom_sites.fract_transf_matrix[2][2]   0.00078933 
_atom_sites.fract_transf_matrix[2][3]   -0.01286386 
_atom_sites.fract_transf_matrix[3][1]   -0.00541935 
_atom_sites.fract_transf_matrix[3][2]   -0.01502881 
_atom_sites.fract_transf_matrix[3][3]   -0.00135000 
_atom_sites.fract_transf_vector[1]      -0.387140 
_atom_sites.fract_transf_vector[2]      -0.191396 
_atom_sites.fract_transf_vector[3]      -0.003084 
_atom_sites.solution_primary            ? 
_atom_sites.solution_secondary          ? 
_atom_sites.solution_hydrogens          ? 
_atom_sites.special_details             ? 
# 
loop_
_atom_type.symbol 
C  
CA 
CL 
F  
N  
O  
S  
ZN 
# 
loop_
_atom_site.group_PDB 
_atom_site.id 
_atom_site.type_symbol 
_atom_site.label_atom_id 
_atom_site.label_alt_id 
_atom_site.label_comp_id 
_atom_site.label_asym_id 
_atom_site.label_entity_id 
_atom_site.label_seq_id 
_atom_site.pdbx_PDB_ins_code 
_atom_site.Cartn_x 
_atom_site.Cartn_y 
_atom_site.Cartn_z 
_atom_site.occupancy 
_atom_site.B_iso_or_equiv 
_atom_site.pdbx_formal_charge 
_atom_site.auth_seq_id 
_atom_site.auth_comp_id 
_atom_site.auth_asym_id 
_atom_site.auth_atom_id 
_atom_site.pdbx_PDB_model_num 
ATOM   1    N  N   . GLY A 1 2   ? -4.370  19.271  -4.411  1.00 23.96 ? 94  GLY A N   1 
ATOM   2    C  CA  . GLY A 1 2   ? -4.881  17.906  -4.360  1.00 22.50 ? 94  GLY A CA  1 
ATOM   3    C  C   . GLY A 1 2   ? -3.723  16.909  -4.246  1.00 20.12 ? 94  GLY A C   1 
ATOM   4    O  O   . GLY A 1 2   ? -2.845  17.028  -3.355  1.00 19.89 ? 94  GLY A O   1 
ATOM   5    N  N   . TYR A 1 3   ? -3.733  15.934  -5.137  1.00 21.36 ? 95  TYR A N   1 
ATOM   6    C  CA  . TYR A 1 3   ? -2.788  14.814  -5.060  1.00 18.80 ? 95  TYR A CA  1 
ATOM   7    C  C   . TYR A 1 3   ? -1.333  15.208  -5.247  1.00 19.72 ? 95  TYR A C   1 
ATOM   8    O  O   . TYR A 1 3   ? -1.022  16.267  -5.798  1.00 19.31 ? 95  TYR A O   1 
ATOM   9    C  CB  . TYR A 1 3   ? -3.135  13.717  -6.099  1.00 18.72 ? 95  TYR A CB  1 
ATOM   10   C  CG  . TYR A 1 3   ? -2.909  14.147  -7.542  1.00 19.18 ? 95  TYR A CG  1 
ATOM   11   C  CD1 . TYR A 1 3   ? -1.662  14.048  -8.108  1.00 19.33 ? 95  TYR A CD1 1 
ATOM   12   C  CD2 . TYR A 1 3   ? -3.961  14.647  -8.336  1.00 21.57 ? 95  TYR A CD2 1 
ATOM   13   C  CE1 . TYR A 1 3   ? -1.418  14.432  -9.430  1.00 20.54 ? 95  TYR A CE1 1 
ATOM   14   C  CE2 . TYR A 1 3   ? -3.729  15.028  -9.683  1.00 21.77 ? 95  TYR A CE2 1 
ATOM   15   C  CZ  . TYR A 1 3   ? -2.441  14.924  -10.198 1.00 22.25 ? 95  TYR A CZ  1 
ATOM   16   O  OH  . TYR A 1 3   ? -2.060  15.294  -11.465 1.00 26.91 ? 95  TYR A OH  1 
ATOM   17   N  N   A SER A 1 4   ? -0.436  14.338  -4.797  0.50 19.00 ? 96  SER A N   1 
ATOM   18   N  N   B SER A 1 4   ? -0.438  14.336  -4.785  0.50 18.75 ? 96  SER A N   1 
ATOM   19   C  CA  A SER A 1 4   ? 0.969   14.449  -5.101  0.50 19.48 ? 96  SER A CA  1 
ATOM   20   C  CA  B SER A 1 4   ? 0.984   14.426  -5.044  0.50 19.03 ? 96  SER A CA  1 
ATOM   21   C  C   A SER A 1 4   ? 1.487   13.067  -5.508  0.50 19.67 ? 96  SER A C   1 
ATOM   22   C  C   B SER A 1 4   ? 1.481   13.057  -5.515  0.50 19.41 ? 96  SER A C   1 
ATOM   23   O  O   A SER A 1 4   ? 0.860   12.046  -5.218  0.50 18.60 ? 96  SER A O   1 
ATOM   24   O  O   B SER A 1 4   ? 0.852   12.030  -5.246  0.50 18.38 ? 96  SER A O   1 
ATOM   25   C  CB  A SER A 1 4   ? 1.743   15.040  -3.913  0.50 20.22 ? 96  SER A CB  1 
ATOM   26   C  CB  B SER A 1 4   ? 1.759   14.860  -3.793  0.50 19.56 ? 96  SER A CB  1 
ATOM   27   O  OG  A SER A 1 4   ? 1.916   14.099  -2.857  0.50 20.10 ? 96  SER A OG  1 
ATOM   28   O  OG  B SER A 1 4   ? 1.492   16.203  -3.434  0.50 18.45 ? 96  SER A OG  1 
ATOM   29   N  N   . LEU A 1 5   ? 2.591   13.064  -6.239  1.00 21.74 ? 97  LEU A N   1 
ATOM   30   C  CA  . LEU A 1 5   ? 3.328   11.835  -6.592  1.00 20.89 ? 97  LEU A CA  1 
ATOM   31   C  C   . LEU A 1 5   ? 4.617   11.848  -5.818  1.00 21.12 ? 97  LEU A C   1 
ATOM   32   O  O   . LEU A 1 5   ? 4.696   12.521  -4.812  1.00 26.72 ? 97  LEU A O   1 
ATOM   33   C  CB  . LEU A 1 5   ? 3.532   11.769  -8.103  1.00 22.34 ? 97  LEU A CB  1 
ATOM   34   C  CG  . LEU A 1 5   ? 2.238   11.936  -8.934  1.00 22.30 ? 97  LEU A CG  1 
ATOM   35   C  CD1 . LEU A 1 5   ? 2.595   11.856  -10.408 1.00 22.93 ? 97  LEU A CD1 1 
ATOM   36   C  CD2 . LEU A 1 5   ? 1.127   10.944  -8.492  1.00 23.09 ? 97  LEU A CD2 1 
ATOM   37   N  N   . PHE A 1 6   ? 5.633   11.123  -6.257  1.00 20.15 ? 98  PHE A N   1 
ATOM   38   C  CA  . PHE A 1 6   ? 6.987   11.192  -5.630  1.00 19.52 ? 98  PHE A CA  1 
ATOM   39   C  C   . PHE A 1 6   ? 7.886   12.090  -6.515  1.00 21.15 ? 98  PHE A C   1 
ATOM   40   O  O   . PHE A 1 6   ? 7.635   12.240  -7.701  1.00 20.53 ? 98  PHE A O   1 
ATOM   41   C  CB  . PHE A 1 6   ? 7.600   9.802   -5.446  1.00 17.99 ? 98  PHE A CB  1 
ATOM   42   C  CG  . PHE A 1 6   ? 7.067   9.055   -4.251  1.00 19.86 ? 98  PHE A CG  1 
ATOM   43   C  CD1 . PHE A 1 6   ? 7.654   9.175   -3.015  1.00 20.29 ? 98  PHE A CD1 1 
ATOM   44   C  CD2 . PHE A 1 6   ? 5.953   8.204   -4.391  1.00 19.51 ? 98  PHE A CD2 1 
ATOM   45   C  CE1 . PHE A 1 6   ? 7.134   8.470   -1.925  1.00 22.90 ? 98  PHE A CE1 1 
ATOM   46   C  CE2 . PHE A 1 6   ? 5.414   7.535   -3.294  1.00 20.50 ? 98  PHE A CE2 1 
ATOM   47   C  CZ  . PHE A 1 6   ? 5.999   7.635   -2.091  1.00 19.41 ? 98  PHE A CZ  1 
ATOM   48   N  N   . PRO A 1 7   ? 8.963   12.645  -5.932  1.00 23.90 ? 99  PRO A N   1 
ATOM   49   C  CA  . PRO A 1 7   ? 9.870   13.419  -6.820  1.00 26.09 ? 99  PRO A CA  1 
ATOM   50   C  C   . PRO A 1 7   ? 10.411  12.548  -7.966  1.00 28.10 ? 99  PRO A C   1 
ATOM   51   O  O   . PRO A 1 7   ? 10.800  11.400  -7.750  1.00 26.87 ? 99  PRO A O   1 
ATOM   52   C  CB  . PRO A 1 7   ? 10.978  13.901  -5.875  1.00 25.46 ? 99  PRO A CB  1 
ATOM   53   C  CG  . PRO A 1 7   ? 10.393  13.839  -4.522  1.00 22.44 ? 99  PRO A CG  1 
ATOM   54   C  CD  . PRO A 1 7   ? 9.414   12.656  -4.536  1.00 24.42 ? 99  PRO A CD  1 
ATOM   55   N  N   . ASN A 1 8   ? 10.302  13.084  -9.189  1.00 27.88 ? 100 ASN A N   1 
ATOM   56   C  CA  . ASN A 1 8   ? 10.684  12.437  -10.466 1.00 28.21 ? 100 ASN A CA  1 
ATOM   57   C  C   . ASN A 1 8   ? 9.690   11.366  -10.918 1.00 27.39 ? 100 ASN A C   1 
ATOM   58   O  O   . ASN A 1 8   ? 9.999   10.603  -11.794 1.00 26.22 ? 100 ASN A O   1 
ATOM   59   C  CB  . ASN A 1 8   ? 12.128  11.872  -10.492 1.00 30.08 ? 100 ASN A CB  1 
ATOM   60   C  CG  . ASN A 1 8   ? 13.171  12.914  -10.914 1.00 39.40 ? 100 ASN A CG  1 
ATOM   61   O  OD1 . ASN A 1 8   ? 13.073  13.541  -11.978 1.00 42.55 ? 100 ASN A OD1 1 
ATOM   62   N  ND2 . ASN A 1 8   ? 14.205  13.046  -10.108 1.00 35.31 ? 100 ASN A ND2 1 
ATOM   63   N  N   . SER A 1 9   ? 8.506   11.342  -10.285 1.00 24.82 ? 101 SER A N   1 
ATOM   64   C  CA  . SER A 1 9   ? 7.382   10.504  -10.639 1.00 26.86 ? 101 SER A CA  1 
ATOM   65   C  C   . SER A 1 9   ? 7.733   9.069   -10.911 1.00 23.64 ? 101 SER A C   1 
ATOM   66   O  O   . SER A 1 9   ? 7.428   8.559   -11.981 1.00 23.87 ? 101 SER A O   1 
ATOM   67   C  CB  . SER A 1 9   ? 6.684   11.109  -11.914 1.00 29.90 ? 101 SER A CB  1 
ATOM   68   O  OG  . SER A 1 9   ? 6.006   12.281  -11.560 1.00 31.64 ? 101 SER A OG  1 
ATOM   69   N  N   . PRO A 1 10  ? 8.406   8.381   -9.952  1.00 20.28 ? 102 PRO A N   1 
ATOM   70   C  CA  . PRO A 1 10  ? 8.633   6.967   -10.166 1.00 18.64 ? 102 PRO A CA  1 
ATOM   71   C  C   . PRO A 1 10  ? 7.339   6.138   -10.337 1.00 17.82 ? 102 PRO A C   1 
ATOM   72   O  O   . PRO A 1 10  ? 6.309   6.405   -9.671  1.00 17.80 ? 102 PRO A O   1 
ATOM   73   C  CB  . PRO A 1 10  ? 9.381   6.532   -8.882  1.00 18.23 ? 102 PRO A CB  1 
ATOM   74   C  CG  . PRO A 1 10  ? 8.909   7.453   -7.858  1.00 18.24 ? 102 PRO A CG  1 
ATOM   75   C  CD  . PRO A 1 10  ? 8.777   8.797   -8.601  1.00 21.34 ? 102 PRO A CD  1 
ATOM   76   N  N   . LYS A 1 11  ? 7.408   5.145   -11.205 1.00 19.29 ? 103 LYS A N   1 
ATOM   77   C  CA  . LYS A 1 11  ? 6.245   4.267   -11.487 1.00 19.90 ? 103 LYS A CA  1 
ATOM   78   C  C   . LYS A 1 11  ? 6.730   2.880   -11.998 1.00 18.59 ? 103 LYS A C   1 
ATOM   79   O  O   . LYS A 1 11  ? 7.865   2.704   -12.450 1.00 19.60 ? 103 LYS A O   1 
ATOM   80   C  CB  . LYS A 1 11  ? 5.364   4.945   -12.543 1.00 18.50 ? 103 LYS A CB  1 
ATOM   81   C  CG  . LYS A 1 11  ? 6.061   5.010   -13.912 1.00 19.35 ? 103 LYS A CG  1 
ATOM   82   C  CD  . LYS A 1 11  ? 5.252   5.643   -15.053 1.00 21.49 ? 103 LYS A CD  1 
ATOM   83   C  CE  . LYS A 1 11  ? 4.152   4.781   -15.570 1.00 21.41 ? 103 LYS A CE  1 
ATOM   84   N  NZ  . LYS A 1 11  ? 3.422   5.328   -16.751 1.00 22.35 ? 103 LYS A NZ  1 
ATOM   85   N  N   . TRP A 1 12  ? 5.893   1.897   -11.844 1.00 17.75 ? 104 TRP A N   1 
ATOM   86   C  CA  . TRP A 1 12  ? 6.126   0.587   -12.432 1.00 16.98 ? 104 TRP A CA  1 
ATOM   87   C  C   . TRP A 1 12  ? 5.955   0.727   -13.989 1.00 17.58 ? 104 TRP A C   1 
ATOM   88   O  O   . TRP A 1 12  ? 4.983   1.294   -14.476 1.00 19.50 ? 104 TRP A O   1 
ATOM   89   C  CB  . TRP A 1 12  ? 5.236   -0.463  -11.809 1.00 16.61 ? 104 TRP A CB  1 
ATOM   90   C  CG  . TRP A 1 12  ? 5.366   -0.575  -10.312 1.00 14.64 ? 104 TRP A CG  1 
ATOM   91   C  CD1 . TRP A 1 12  ? 4.458   -0.202  -9.417  1.00 14.94 ? 104 TRP A CD1 1 
ATOM   92   C  CD2 . TRP A 1 12  ? 6.454   -1.161  -9.586  1.00 13.66 ? 104 TRP A CD2 1 
ATOM   93   N  NE1 . TRP A 1 12  ? 4.891   -0.503  -8.145  1.00 14.87 ? 104 TRP A NE1 1 
ATOM   94   C  CE2 . TRP A 1 12  ? 6.111   -1.106  -8.231  1.00 13.26 ? 104 TRP A CE2 1 
ATOM   95   C  CE3 . TRP A 1 12  ? 7.674   -1.758  -9.947  1.00 14.42 ? 104 TRP A CE3 1 
ATOM   96   C  CZ2 . TRP A 1 12  ? 6.936   -1.568  -7.265  1.00 14.53 ? 104 TRP A CZ2 1 
ATOM   97   C  CZ3 . TRP A 1 12  ? 8.491   -2.257  -8.948  1.00 14.97 ? 104 TRP A CZ3 1 
ATOM   98   C  CH2 . TRP A 1 12  ? 8.140   -2.109  -7.630  1.00 14.46 ? 104 TRP A CH2 1 
ATOM   99   N  N   . THR A 1 13  ? 7.000   0.369   -14.708 1.00 18.76 ? 105 THR A N   1 
ATOM   100  C  CA  . THR A 1 13  ? 6.988   0.443   -16.190 1.00 21.73 ? 105 THR A CA  1 
ATOM   101  C  C   . THR A 1 13  ? 6.730   -0.903  -16.894 1.00 22.67 ? 105 THR A C   1 
ATOM   102  O  O   . THR A 1 13  ? 6.628   -0.941  -18.140 1.00 21.61 ? 105 THR A O   1 
ATOM   103  C  CB  . THR A 1 13  ? 8.309   1.028   -16.674 1.00 23.07 ? 105 THR A CB  1 
ATOM   104  O  OG1 . THR A 1 13  ? 9.336   0.240   -16.138 1.00 22.07 ? 105 THR A OG1 1 
ATOM   105  C  CG2 . THR A 1 13  ? 8.487   2.504   -16.174 1.00 25.94 ? 105 THR A CG2 1 
ATOM   106  N  N   A SER A 1 14  ? 6.689   -1.994  -16.144 0.50 21.70 ? 106 SER A N   1 
ATOM   107  N  N   B SER A 1 14  ? 6.681   -1.985  -16.121 0.50 23.09 ? 106 SER A N   1 
ATOM   108  C  CA  A SER A 1 14  ? 6.349   -3.286  -16.702 0.50 21.87 ? 106 SER A CA  1 
ATOM   109  C  CA  B SER A 1 14  ? 6.330   -3.307  -16.617 0.50 23.94 ? 106 SER A CA  1 
ATOM   110  C  C   A SER A 1 14  ? 4.848   -3.473  -16.720 0.50 22.62 ? 106 SER A C   1 
ATOM   111  C  C   B SER A 1 14  ? 4.828   -3.466  -16.713 0.50 23.87 ? 106 SER A C   1 
ATOM   112  O  O   A SER A 1 14  ? 4.114   -2.859  -15.921 0.50 22.98 ? 106 SER A O   1 
ATOM   113  O  O   B SER A 1 14  ? 4.067   -2.840  -15.946 0.50 23.92 ? 106 SER A O   1 
ATOM   114  C  CB  A SER A 1 14  ? 7.017   -4.396  -15.899 0.50 21.62 ? 106 SER A CB  1 
ATOM   115  C  CB  B SER A 1 14  ? 6.880   -4.390  -15.681 0.50 25.35 ? 106 SER A CB  1 
ATOM   116  O  OG  A SER A 1 14  ? 6.500   -4.457  -14.582 0.50 20.80 ? 106 SER A OG  1 
ATOM   117  O  OG  B SER A 1 14  ? 8.299   -4.472  -15.739 0.50 27.13 ? 106 SER A OG  1 
ATOM   118  N  N   . LYS A 1 15  ? 4.391   -4.316  -17.647 1.00 23.01 ? 107 LYS A N   1 
ATOM   119  C  CA  . LYS A 1 15  ? 2.980   -4.594  -17.797 1.00 23.46 ? 107 LYS A CA  1 
ATOM   120  C  C   . LYS A 1 15  ? 2.400   -5.356  -16.589 1.00 23.66 ? 107 LYS A C   1 
ATOM   121  O  O   . LYS A 1 15  ? 1.243   -5.153  -16.189 1.00 23.94 ? 107 LYS A O   1 
ATOM   122  C  CB  . LYS A 1 15  ? 2.738   -5.388  -19.086 1.00 28.71 ? 107 LYS A CB  1 
ATOM   123  C  CG  . LYS A 1 15  ? 3.059   -4.573  -20.355 1.00 32.22 ? 107 LYS A CG  1 
ATOM   124  C  CD  . LYS A 1 15  ? 1.835   -3.817  -20.815 1.00 38.25 ? 107 LYS A CD  1 
ATOM   125  C  CE  . LYS A 1 15  ? 1.278   -2.958  -19.665 1.00 41.82 ? 107 LYS A CE  1 
ATOM   126  N  NZ  . LYS A 1 15  ? 0.041   -2.177  -19.915 1.00 45.87 ? 107 LYS A NZ  1 
ATOM   127  N  N   . VAL A 1 16  ? 3.256   -6.167  -15.980 1.00 21.14 ? 108 VAL A N   1 
ATOM   128  C  CA  . VAL A 1 16  ? 2.860   -6.945  -14.793 1.00 22.30 ? 108 VAL A CA  1 
ATOM   129  C  C   . VAL A 1 16  ? 3.813   -6.716  -13.655 1.00 20.51 ? 108 VAL A C   1 
ATOM   130  O  O   . VAL A 1 16  ? 5.029   -6.733  -13.844 1.00 22.39 ? 108 VAL A O   1 
ATOM   131  C  CB  . VAL A 1 16  ? 2.781   -8.470  -15.136 1.00 21.23 ? 108 VAL A CB  1 
ATOM   132  C  CG1 . VAL A 1 16  ? 2.528   -9.347  -13.902 1.00 19.87 ? 108 VAL A CG1 1 
ATOM   133  C  CG2 . VAL A 1 16  ? 1.745   -8.721  -16.218 1.00 22.91 ? 108 VAL A CG2 1 
ATOM   134  N  N   . VAL A 1 17  ? 3.266   -6.552  -12.450 1.00 23.36 ? 109 VAL A N   1 
ATOM   135  C  CA  . VAL A 1 17  ? 4.083   -6.414  -11.240 1.00 24.54 ? 109 VAL A CA  1 
ATOM   136  C  C   . VAL A 1 17  ? 3.674   -7.546  -10.278 1.00 18.91 ? 109 VAL A C   1 
ATOM   137  O  O   . VAL A 1 17  ? 2.516   -7.797  -10.118 1.00 20.25 ? 109 VAL A O   1 
ATOM   138  C  CB  . VAL A 1 17  ? 3.977   -4.980  -10.625 1.00 27.05 ? 109 VAL A CB  1 
ATOM   139  C  CG1 . VAL A 1 17  ? 2.579   -4.422  -10.722 1.00 29.90 ? 109 VAL A CG1 1 
ATOM   140  C  CG2 . VAL A 1 17  ? 4.426   -4.902  -9.197  1.00 25.87 ? 109 VAL A CG2 1 
ATOM   141  N  N   . THR A 1 18  ? 4.639   -8.214  -9.664  1.00 20.06 ? 110 THR A N   1 
ATOM   142  C  CA  . THR A 1 18  ? 4.323   -9.332  -8.739  1.00 17.98 ? 110 THR A CA  1 
ATOM   143  C  C   . THR A 1 18  ? 4.202   -8.786  -7.318  1.00 18.13 ? 110 THR A C   1 
ATOM   144  O  O   . THR A 1 18  ? 4.842   -7.743  -7.003  1.00 15.55 ? 110 THR A O   1 
ATOM   145  C  CB  . THR A 1 18  ? 5.376   -10.441 -8.794  1.00 20.46 ? 110 THR A CB  1 
ATOM   146  O  OG1 . THR A 1 18  ? 6.686   -9.951  -8.458  1.00 19.67 ? 110 THR A OG1 1 
ATOM   147  C  CG2 . THR A 1 18  ? 5.378   -11.119 -10.218 1.00 20.17 ? 110 THR A CG2 1 
ATOM   148  N  N   . TYR A 1 19  ? 3.383   -9.450  -6.493  1.00 16.82 ? 111 TYR A N   1 
ATOM   149  C  CA  . TYR A 1 19  ? 3.291   -9.146  -5.071  1.00 18.02 ? 111 TYR A CA  1 
ATOM   150  C  C   . TYR A 1 19  ? 3.235   -10.411 -4.226  1.00 17.30 ? 111 TYR A C   1 
ATOM   151  O  O   . TYR A 1 19  ? 2.786   -11.493 -4.704  1.00 18.91 ? 111 TYR A O   1 
ATOM   152  C  CB  . TYR A 1 19  ? 2.115   -8.237  -4.747  1.00 18.08 ? 111 TYR A CB  1 
ATOM   153  C  CG  . TYR A 1 19  ? 0.715   -8.903  -4.745  1.00 18.67 ? 111 TYR A CG  1 
ATOM   154  C  CD1 . TYR A 1 19  ? -0.023  -9.076  -5.888  1.00 19.95 ? 111 TYR A CD1 1 
ATOM   155  C  CD2 . TYR A 1 19  ? 0.149   -9.333  -3.543  1.00 21.47 ? 111 TYR A CD2 1 
ATOM   156  C  CE1 . TYR A 1 19  ? -1.292  -9.643  -5.852  1.00 22.53 ? 111 TYR A CE1 1 
ATOM   157  C  CE2 . TYR A 1 19  ? -1.104  -9.927  -3.490  1.00 21.32 ? 111 TYR A CE2 1 
ATOM   158  C  CZ  . TYR A 1 19  ? -1.833  -10.064 -4.639  1.00 24.24 ? 111 TYR A CZ  1 
ATOM   159  O  OH  . TYR A 1 19  ? -3.104  -10.608 -4.619  1.00 26.40 ? 111 TYR A OH  1 
ATOM   160  N  N   . ARG A 1 20  ? 3.737   -10.291 -3.006  1.00 15.88 ? 112 ARG A N   1 
ATOM   161  C  CA  . ARG A 1 20  ? 3.729   -11.438 -2.050  1.00 15.99 ? 112 ARG A CA  1 
ATOM   162  C  C   . ARG A 1 20  ? 3.366   -10.908 -0.653  1.00 15.95 ? 112 ARG A C   1 
ATOM   163  O  O   . ARG A 1 20  ? 3.910   -9.859  -0.242  1.00 14.01 ? 112 ARG A O   1 
ATOM   164  C  CB  . ARG A 1 20  ? 5.137   -12.098 -2.007  1.00 18.97 ? 112 ARG A CB  1 
ATOM   165  C  CG  . ARG A 1 20  ? 5.320   -13.201 -0.952  1.00 20.47 ? 112 ARG A CG  1 
ATOM   166  C  CD  . ARG A 1 20  ? 6.727   -13.858 -0.871  1.00 20.13 ? 112 ARG A CD  1 
ATOM   167  N  NE  . ARG A 1 20  ? 6.852   -14.645 0.343   1.00 19.61 ? 112 ARG A NE  1 
ATOM   168  C  CZ  . ARG A 1 20  ? 7.950   -14.846 1.079   1.00 20.87 ? 112 ARG A CZ  1 
ATOM   169  N  NH1 . ARG A 1 20  ? 9.177   -14.402 0.729   1.00 22.71 ? 112 ARG A NH1 1 
ATOM   170  N  NH2 . ARG A 1 20  ? 7.814   -15.548 2.225   1.00 21.77 ? 112 ARG A NH2 1 
ATOM   171  N  N   . ILE A 1 21  ? 2.408   -11.582 0.029   1.00 15.27 ? 113 ILE A N   1 
ATOM   172  C  CA  . ILE A 1 21  ? 2.191   -11.349 1.471   1.00 18.11 ? 113 ILE A CA  1 
ATOM   173  C  C   . ILE A 1 21  ? 3.164   -12.251 2.197   1.00 16.99 ? 113 ILE A C   1 
ATOM   174  O  O   . ILE A 1 21  ? 3.003   -13.506 2.217   1.00 17.53 ? 113 ILE A O   1 
ATOM   175  C  CB  . ILE A 1 21  ? 0.722   -11.529 1.831   1.00 18.46 ? 113 ILE A CB  1 
ATOM   176  C  CG1 . ILE A 1 21  ? -0.168  -10.757 0.822   1.00 19.98 ? 113 ILE A CG1 1 
ATOM   177  C  CG2 . ILE A 1 21  ? 0.448   -11.165 3.274   1.00 17.76 ? 113 ILE A CG2 1 
ATOM   178  C  CD1 . ILE A 1 21  ? -1.652  -10.918 1.034   1.00 23.05 ? 113 ILE A CD1 1 
ATOM   179  N  N   . VAL A 1 22  ? 4.160   -11.632 2.787   1.00 18.39 ? 114 VAL A N   1 
ATOM   180  C  CA  . VAL A 1 22  ? 5.275   -12.345 3.382   1.00 18.67 ? 114 VAL A CA  1 
ATOM   181  C  C   . VAL A 1 22  ? 4.981   -12.800 4.792   1.00 19.95 ? 114 VAL A C   1 
ATOM   182  O  O   . VAL A 1 22  ? 5.371   -13.945 5.182   1.00 22.00 ? 114 VAL A O   1 
ATOM   183  C  CB  . VAL A 1 22  ? 6.548   -11.494 3.304   1.00 19.21 ? 114 VAL A CB  1 
ATOM   184  C  CG1 . VAL A 1 22  ? 7.697   -12.133 4.032   1.00 20.19 ? 114 VAL A CG1 1 
ATOM   185  C  CG2 . VAL A 1 22  ? 6.913   -11.286 1.840   1.00 20.04 ? 114 VAL A CG2 1 
ATOM   186  N  N   . SER A 1 23  ? 4.372   -11.918 5.582   1.00 18.41 ? 115 SER A N   1 
ATOM   187  C  CA  . SER A 1 23  ? 4.095   -12.223 6.991   1.00 19.42 ? 115 SER A CA  1 
ATOM   188  C  C   . SER A 1 23  ? 2.719   -11.635 7.410   1.00 20.13 ? 115 SER A C   1 
ATOM   189  O  O   . SER A 1 23  ? 2.227   -10.681 6.809   1.00 20.25 ? 115 SER A O   1 
ATOM   190  C  CB  . SER A 1 23  ? 5.242   -11.744 7.835   1.00 20.22 ? 115 SER A CB  1 
ATOM   191  O  OG  . SER A 1 23  ? 5.339   -10.349 7.725   1.00 18.89 ? 115 SER A OG  1 
ATOM   192  N  N   . TYR A 1 24  ? 2.092   -12.247 8.418   1.00 19.74 ? 116 TYR A N   1 
ATOM   193  C  CA  . TYR A 1 24  ? 0.684   -12.044 8.768   1.00 20.69 ? 116 TYR A CA  1 
ATOM   194  C  C   . TYR A 1 24  ? 0.529   -11.442 10.181  1.00 21.94 ? 116 TYR A C   1 
ATOM   195  O  O   . TYR A 1 24  ? 1.495   -11.309 10.904  1.00 24.37 ? 116 TYR A O   1 
ATOM   196  C  CB  . TYR A 1 24  ? -0.053  -13.390 8.594   1.00 22.37 ? 116 TYR A CB  1 
ATOM   197  C  CG  . TYR A 1 24  ? -0.223  -13.782 7.128   1.00 22.86 ? 116 TYR A CG  1 
ATOM   198  C  CD1 . TYR A 1 24  ? -1.337  -13.364 6.385   1.00 24.23 ? 116 TYR A CD1 1 
ATOM   199  C  CD2 . TYR A 1 24  ? 0.746   -14.557 6.473   1.00 23.51 ? 116 TYR A CD2 1 
ATOM   200  C  CE1 . TYR A 1 24  ? -1.507  -13.721 5.055   1.00 24.11 ? 116 TYR A CE1 1 
ATOM   201  C  CE2 . TYR A 1 24  ? 0.606   -14.899 5.138   1.00 25.00 ? 116 TYR A CE2 1 
ATOM   202  C  CZ  . TYR A 1 24  ? -0.530  -14.491 4.435   1.00 23.34 ? 116 TYR A CZ  1 
ATOM   203  O  OH  . TYR A 1 24  ? -0.717  -14.800 3.117   1.00 22.43 ? 116 TYR A OH  1 
ATOM   204  N  N   . THR A 1 25  ? -0.679  -11.025 10.548  1.00 21.82 ? 117 THR A N   1 
ATOM   205  C  CA  . THR A 1 25  ? -0.934  -10.570 11.906  1.00 22.61 ? 117 THR A CA  1 
ATOM   206  C  C   . THR A 1 25  ? -1.704  -11.622 12.720  1.00 20.82 ? 117 THR A C   1 
ATOM   207  O  O   . THR A 1 25  ? -2.615  -12.300 12.211  1.00 21.99 ? 117 THR A O   1 
ATOM   208  C  CB  . THR A 1 25  ? -1.678  -9.211  11.926  1.00 22.65 ? 117 THR A CB  1 
ATOM   209  O  OG1 . THR A 1 25  ? -2.062  -8.934  13.292  1.00 21.38 ? 117 THR A OG1 1 
ATOM   210  C  CG2 . THR A 1 25  ? -2.933  -9.241  11.035  1.00 22.08 ? 117 THR A CG2 1 
ATOM   211  N  N   . ARG A 1 26  ? -1.358  -11.756 13.985  1.00 24.82 ? 118 ARG A N   1 
ATOM   212  C  CA  . ARG A 1 26  ? -2.154  -12.560 14.904  1.00 26.05 ? 118 ARG A CA  1 
ATOM   213  C  C   . ARG A 1 26  ? -3.643  -12.078 15.078  1.00 24.12 ? 118 ARG A C   1 
ATOM   214  O  O   . ARG A 1 26  ? -4.520  -12.834 15.543  1.00 22.05 ? 118 ARG A O   1 
ATOM   215  C  CB  . ARG A 1 26  ? -1.477  -12.623 16.291  1.00 31.32 ? 118 ARG A CB  1 
ATOM   216  C  CG  . ARG A 1 26  ? -1.360  -11.285 17.011  1.00 37.24 ? 118 ARG A CG  1 
ATOM   217  C  CD  . ARG A 1 26  ? -0.687  -11.357 18.385  1.00 46.08 ? 118 ARG A CD  1 
ATOM   218  N  NE  . ARG A 1 26  ? -1.503  -11.977 19.437  1.00 47.48 ? 118 ARG A NE  1 
ATOM   219  C  CZ  . ARG A 1 26  ? -2.398  -11.353 20.209  1.00 50.32 ? 118 ARG A CZ  1 
ATOM   220  N  NH1 . ARG A 1 26  ? -2.660  -10.052 20.073  1.00 52.03 ? 118 ARG A NH1 1 
ATOM   221  N  NH2 . ARG A 1 26  ? -3.057  -12.049 21.131  1.00 53.14 ? 118 ARG A NH2 1 
ATOM   222  N  N   . ASP A 1 27  ? -3.923  -10.838 14.695  1.00 20.37 ? 119 ASP A N   1 
ATOM   223  C  CA  . ASP A 1 27  ? -5.264  -10.238 14.882  1.00 21.65 ? 119 ASP A CA  1 
ATOM   224  C  C   . ASP A 1 27  ? -6.304  -10.752 13.910  1.00 19.67 ? 119 ASP A C   1 
ATOM   225  O  O   . ASP A 1 27  ? -7.498  -10.537 14.122  1.00 19.79 ? 119 ASP A O   1 
ATOM   226  C  CB  . ASP A 1 27  ? -5.216  -8.687  14.746  1.00 20.64 ? 119 ASP A CB  1 
ATOM   227  C  CG  . ASP A 1 27  ? -4.360  -7.991  15.779  1.00 22.43 ? 119 ASP A CG  1 
ATOM   228  O  OD1 . ASP A 1 27  ? -4.214  -8.486  16.927  1.00 21.70 ? 119 ASP A OD1 1 
ATOM   229  O  OD2 . ASP A 1 27  ? -3.810  -6.874  15.465  1.00 21.99 ? 119 ASP A OD2 1 
ATOM   230  N  N   . LEU A 1 28  ? -5.868  -11.344 12.796  1.00 21.00 ? 120 LEU A N   1 
ATOM   231  C  CA  . LEU A 1 28  ? -6.785  -11.784 11.759  1.00 23.74 ? 120 LEU A CA  1 
ATOM   232  C  C   . LEU A 1 28  ? -6.441  -13.131 11.159  1.00 21.19 ? 120 LEU A C   1 
ATOM   233  O  O   . LEU A 1 28  ? -5.291  -13.541 11.224  1.00 21.99 ? 120 LEU A O   1 
ATOM   234  C  CB  . LEU A 1 28  ? -6.799  -10.759 10.628  1.00 24.29 ? 120 LEU A CB  1 
ATOM   235  C  CG  . LEU A 1 28  ? -7.457  -9.435  10.939  1.00 26.30 ? 120 LEU A CG  1 
ATOM   236  C  CD1 . LEU A 1 28  ? -7.169  -8.477  9.788   1.00 29.78 ? 120 LEU A CD1 1 
ATOM   237  C  CD2 . LEU A 1 28  ? -8.947  -9.636  11.124  1.00 28.49 ? 120 LEU A CD2 1 
ATOM   238  N  N   . PRO A 1 29  ? -7.435  -13.804 10.525  1.00 19.94 ? 121 PRO A N   1 
ATOM   239  C  CA  . PRO A 1 29  ? -7.044  -15.024 9.787   1.00 20.99 ? 121 PRO A CA  1 
ATOM   240  C  C   . PRO A 1 29  ? -6.191  -14.640 8.559   1.00 20.48 ? 121 PRO A C   1 
ATOM   241  O  O   . PRO A 1 29  ? -6.357  -13.518 7.990   1.00 19.96 ? 121 PRO A O   1 
ATOM   242  C  CB  . PRO A 1 29  ? -8.366  -15.624 9.360   1.00 20.76 ? 121 PRO A CB  1 
ATOM   243  C  CG  . PRO A 1 29  ? -9.383  -15.062 10.365  1.00 20.73 ? 121 PRO A CG  1 
ATOM   244  C  CD  . PRO A 1 29  ? -8.903  -13.646 10.607  1.00 21.53 ? 121 PRO A CD  1 
ATOM   245  N  N   . HIS A 1 30  ? -5.288  -15.533 8.172   1.00 20.82 ? 122 HIS A N   1 
ATOM   246  C  CA  . HIS A 1 30  ? -4.434  -15.259 6.994   1.00 22.48 ? 122 HIS A CA  1 
ATOM   247  C  C   . HIS A 1 30  ? -5.296  -15.037 5.733   1.00 21.85 ? 122 HIS A C   1 
ATOM   248  O  O   . HIS A 1 30  ? -5.003  -14.119 4.937   1.00 18.91 ? 122 HIS A O   1 
ATOM   249  C  CB  . HIS A 1 30  ? -3.414  -16.378 6.731   1.00 22.80 ? 122 HIS A CB  1 
ATOM   250  C  CG  . HIS A 1 30  ? -2.383  -16.553 7.797   1.00 24.69 ? 122 HIS A CG  1 
ATOM   251  N  ND1 . HIS A 1 30  ? -1.160  -17.157 7.545   1.00 28.07 ? 122 HIS A ND1 1 
ATOM   252  C  CD2 . HIS A 1 30  ? -2.361  -16.185 9.100   1.00 24.13 ? 122 HIS A CD2 1 
ATOM   253  C  CE1 . HIS A 1 30  ? -0.453  -17.183 8.660   1.00 27.78 ? 122 HIS A CE1 1 
ATOM   254  N  NE2 . HIS A 1 30  ? -1.173  -16.630 9.624   1.00 26.43 ? 122 HIS A NE2 1 
ATOM   255  N  N   . ILE A 1 31  ? -6.364  -15.825 5.540   1.00 18.33 ? 123 ILE A N   1 
ATOM   256  C  CA  . ILE A 1 31  ? -7.199  -15.625 4.347   1.00 20.01 ? 123 ILE A CA  1 
ATOM   257  C  C   . ILE A 1 31  ? -7.831  -14.227 4.283   1.00 20.50 ? 123 ILE A C   1 
ATOM   258  O  O   . ILE A 1 31  ? -8.032  -13.672 3.195   1.00 21.05 ? 123 ILE A O   1 
ATOM   259  C  CB  . ILE A 1 31  ? -8.241  -16.776 4.104   1.00 21.22 ? 123 ILE A CB  1 
ATOM   260  C  CG1 . ILE A 1 31  ? -8.851  -16.699 2.701   1.00 22.40 ? 123 ILE A CG1 1 
ATOM   261  C  CG2 . ILE A 1 31  ? -9.316  -16.790 5.177   1.00 20.84 ? 123 ILE A CG2 1 
ATOM   262  C  CD1 . ILE A 1 31  ? -9.642  -17.952 2.300   1.00 27.72 ? 123 ILE A CD1 1 
ATOM   263  N  N   . THR A 1 32  ? -8.168  -13.683 5.444   1.00 20.37 ? 124 THR A N   1 
ATOM   264  C  CA  . THR A 1 32  ? -8.768  -12.392 5.517   1.00 19.66 ? 124 THR A CA  1 
ATOM   265  C  C   . THR A 1 32  ? -7.766  -11.311 5.036   1.00 19.89 ? 124 THR A C   1 
ATOM   266  O  O   . THR A 1 32  ? -8.113  -10.420 4.242   1.00 21.09 ? 124 THR A O   1 
ATOM   267  C  CB  . THR A 1 32  ? -9.274  -12.084 6.970   1.00 22.48 ? 124 THR A CB  1 
ATOM   268  O  OG1 . THR A 1 32  ? -10.147 -13.152 7.400   1.00 20.15 ? 124 THR A OG1 1 
ATOM   269  C  CG2 . THR A 1 32  ? -10.056 -10.728 7.003   1.00 21.70 ? 124 THR A CG2 1 
ATOM   270  N  N   . VAL A 1 33  ? -6.530  -11.376 5.532   1.00 18.04 ? 125 VAL A N   1 
ATOM   271  C  CA  . VAL A 1 33  ? -5.495  -10.431 5.051   1.00 19.51 ? 125 VAL A CA  1 
ATOM   272  C  C   . VAL A 1 33  ? -5.309  -10.602 3.525   1.00 19.71 ? 125 VAL A C   1 
ATOM   273  O  O   . VAL A 1 33  ? -5.214  -9.618  2.774   1.00 18.25 ? 125 VAL A O   1 
ATOM   274  C  CB  . VAL A 1 33  ? -4.162  -10.657 5.796   1.00 20.37 ? 125 VAL A CB  1 
ATOM   275  C  CG1 . VAL A 1 33  ? -3.000  -9.912  5.140   1.00 17.96 ? 125 VAL A CG1 1 
ATOM   276  C  CG2 . VAL A 1 33  ? -4.349  -10.237 7.242   1.00 20.18 ? 125 VAL A CG2 1 
ATOM   277  N  N   . ASP A 1 34  ? -5.309  -11.853 3.060   1.00 19.53 ? 126 ASP A N   1 
ATOM   278  C  CA  . ASP A 1 34  ? -5.134  -12.100 1.598   1.00 19.33 ? 126 ASP A CA  1 
ATOM   279  C  C   . ASP A 1 34  ? -6.206  -11.430 0.797   1.00 17.35 ? 126 ASP A C   1 
ATOM   280  O  O   . ASP A 1 34  ? -5.940  -10.803 -0.254  1.00 19.79 ? 126 ASP A O   1 
ATOM   281  C  CB  . ASP A 1 34  ? -5.150  -13.607 1.234   1.00 21.57 ? 126 ASP A CB  1 
ATOM   282  C  CG  . ASP A 1 34  ? -3.894  -14.349 1.661   1.00 23.26 ? 126 ASP A CG  1 
ATOM   283  O  OD1 . ASP A 1 34  ? -2.829  -13.772 1.972   1.00 23.33 ? 126 ASP A OD1 1 
ATOM   284  O  OD2 . ASP A 1 34  ? -4.013  -15.586 1.702   1.00 25.87 ? 126 ASP A OD2 1 
ATOM   285  N  N   . ARG A 1 35  ? -7.457  -11.540 1.236   1.00 17.50 ? 127 ARG A N   1 
ATOM   286  C  CA  . ARG A 1 35  ? -8.579  -10.982 0.489   1.00 19.32 ? 127 ARG A CA  1 
ATOM   287  C  C   . ARG A 1 35  ? -8.604  -9.459  0.504   1.00 19.36 ? 127 ARG A C   1 
ATOM   288  O  O   . ARG A 1 35  ? -8.912  -8.817  -0.506  1.00 18.65 ? 127 ARG A O   1 
ATOM   289  C  CB  . ARG A 1 35  ? -9.854  -11.485 1.097   1.00 24.28 ? 127 ARG A CB  1 
ATOM   290  C  CG  . ARG A 1 35  ? -10.102 -12.952 0.792   1.00 27.35 ? 127 ARG A CG  1 
ATOM   291  C  CD  . ARG A 1 35  ? -10.003 -13.223 -0.692  1.00 32.97 ? 127 ARG A CD  1 
ATOM   292  N  NE  . ARG A 1 35  ? -10.785 -14.412 -0.970  1.00 36.15 ? 127 ARG A NE  1 
ATOM   293  C  CZ  . ARG A 1 35  ? -10.305 -15.616 -1.247  1.00 44.92 ? 127 ARG A CZ  1 
ATOM   294  N  NH1 . ARG A 1 35  ? -8.982  -15.852 -1.357  1.00 46.08 ? 127 ARG A NH1 1 
ATOM   295  N  NH2 . ARG A 1 35  ? -11.174 -16.619 -1.424  1.00 48.56 ? 127 ARG A NH2 1 
ATOM   296  N  N   . LEU A 1 36  ? -8.313  -8.896  1.671   1.00 16.71 ? 128 LEU A N   1 
ATOM   297  C  CA  . LEU A 1 36  ? -8.268  -7.442  1.835   1.00 17.08 ? 128 LEU A CA  1 
ATOM   298  C  C   . LEU A 1 36  ? -7.155  -6.773  1.020   1.00 16.12 ? 128 LEU A C   1 
ATOM   299  O  O   . LEU A 1 36  ? -7.377  -5.754  0.426   1.00 16.38 ? 128 LEU A O   1 
ATOM   300  C  CB  . LEU A 1 36  ? -8.230  -7.070  3.335   1.00 17.39 ? 128 LEU A CB  1 
ATOM   301  C  CG  . LEU A 1 36  ? -9.556  -7.378  4.024   1.00 17.09 ? 128 LEU A CG  1 
ATOM   302  C  CD1 . LEU A 1 36  ? -9.424  -7.065  5.480   1.00 17.73 ? 128 LEU A CD1 1 
ATOM   303  C  CD2 . LEU A 1 36  ? -10.866 -6.792  3.465   1.00 18.49 ? 128 LEU A CD2 1 
ATOM   304  N  N   . VAL A 1 37  ? -5.966  -7.375  0.978   1.00 17.82 ? 129 VAL A N   1 
ATOM   305  C  CA  . VAL A 1 37  ? -4.863  -6.928  0.097   1.00 16.86 ? 129 VAL A CA  1 
ATOM   306  C  C   . VAL A 1 37  ? -5.306  -6.972  -1.376  1.00 16.52 ? 129 VAL A C   1 
ATOM   307  O  O   . VAL A 1 37  ? -5.042  -6.043  -2.126  1.00 17.67 ? 129 VAL A O   1 
ATOM   308  C  CB  . VAL A 1 37  ? -3.575  -7.752  0.318   1.00 16.63 ? 129 VAL A CB  1 
ATOM   309  C  CG1 . VAL A 1 37  ? -2.550  -7.483  -0.783  1.00 16.38 ? 129 VAL A CG1 1 
ATOM   310  C  CG2 . VAL A 1 37  ? -2.971  -7.480  1.670   1.00 18.67 ? 129 VAL A CG2 1 
ATOM   311  N  N   . SER A 1 38  ? -5.917  -8.062  -1.834  1.00 16.41 ? 130 SER A N   1 
ATOM   312  C  CA  . SER A 1 38  ? -6.382  -8.135  -3.255  1.00 16.90 ? 130 SER A CA  1 
ATOM   313  C  C   . SER A 1 38  ? -7.371  -7.043  -3.556  1.00 16.60 ? 130 SER A C   1 
ATOM   314  O  O   . SER A 1 38  ? -7.387  -6.437  -4.674  1.00 18.60 ? 130 SER A O   1 
ATOM   315  C  CB  . SER A 1 38  ? -7.067  -9.504  -3.560  1.00 18.92 ? 130 SER A CB  1 
ATOM   316  O  OG  . SER A 1 38  ? -6.133  -10.507 -3.425  1.00 24.54 ? 130 SER A OG  1 
ATOM   317  N  N   . LYS A 1 39  ? -8.233  -6.770  -2.576  1.00 16.62 ? 131 LYS A N   1 
ATOM   318  C  CA  . LYS A 1 39  ? -9.283  -5.762  -2.730  1.00 16.75 ? 131 LYS A CA  1 
ATOM   319  C  C   . LYS A 1 39  ? -8.661  -4.354  -2.821  1.00 17.53 ? 131 LYS A C   1 
ATOM   320  O  O   . LYS A 1 39  ? -9.032  -3.555  -3.691  1.00 18.25 ? 131 LYS A O   1 
ATOM   321  C  CB  . LYS A 1 39  ? -10.249 -5.752  -1.557  1.00 19.56 ? 131 LYS A CB  1 
ATOM   322  C  CG  . LYS A 1 39  ? -11.447 -4.863  -1.768  1.00 20.61 ? 131 LYS A CG  1 
ATOM   323  C  CD  . LYS A 1 39  ? -12.535 -4.971  -0.715  1.00 26.28 ? 131 LYS A CD  1 
ATOM   324  C  CE  . LYS A 1 39  ? -13.643 -3.966  -1.012  1.00 31.61 ? 131 LYS A CE  1 
ATOM   325  N  NZ  . LYS A 1 39  ? -15.020 -4.535  -0.904  1.00 36.36 ? 131 LYS A NZ  1 
ATOM   326  N  N   . ALA A 1 40  ? -7.722  -4.075  -1.924  1.00 17.65 ? 132 ALA A N   1 
ATOM   327  C  CA  . ALA A 1 40  ? -6.938  -2.798  -1.960  1.00 16.71 ? 132 ALA A CA  1 
ATOM   328  C  C   . ALA A 1 40  ? -6.244  -2.595  -3.295  1.00 18.43 ? 132 ALA A C   1 
ATOM   329  O  O   . ALA A 1 40  ? -6.332  -1.528  -3.869  1.00 20.90 ? 132 ALA A O   1 
ATOM   330  C  CB  . ALA A 1 40  ? -5.924  -2.785  -0.853  1.00 17.79 ? 132 ALA A CB  1 
ATOM   331  N  N   . LEU A 1 41  ? -5.461  -3.590  -3.736  1.00 18.72 ? 133 LEU A N   1 
ATOM   332  C  CA  . LEU A 1 41  ? -4.795  -3.511  -5.056  1.00 20.43 ? 133 LEU A CA  1 
ATOM   333  C  C   . LEU A 1 41  ? -5.779  -3.274  -6.181  1.00 22.56 ? 133 LEU A C   1 
ATOM   334  O  O   . LEU A 1 41  ? -5.501  -2.439  -7.104  1.00 22.25 ? 133 LEU A O   1 
ATOM   335  C  CB  . LEU A 1 41  ? -4.000  -4.800  -5.343  1.00 19.65 ? 133 LEU A CB  1 
ATOM   336  C  CG  . LEU A 1 41  ? -2.706  -4.968  -4.546  1.00 20.01 ? 133 LEU A CG  1 
ATOM   337  C  CD1 . LEU A 1 41  ? -2.078  -6.379  -4.653  1.00 22.16 ? 133 LEU A CD1 1 
ATOM   338  C  CD2 . LEU A 1 41  ? -1.719  -3.880  -4.968  1.00 21.90 ? 133 LEU A CD2 1 
ATOM   339  N  N   A ASN A 1 42  ? -6.922  -3.967  -6.140  0.50 22.21 ? 134 ASN A N   1 
ATOM   340  N  N   B ASN A 1 42  ? -6.923  -3.956  -6.139  0.50 22.38 ? 134 ASN A N   1 
ATOM   341  C  CA  A ASN A 1 42  ? -7.925  -3.821  -7.211  0.50 23.17 ? 134 ASN A CA  1 
ATOM   342  C  CA  B ASN A 1 42  ? -7.902  -3.797  -7.214  0.50 23.41 ? 134 ASN A CA  1 
ATOM   343  C  C   A ASN A 1 42  ? -8.599  -2.466  -7.227  0.50 23.35 ? 134 ASN A C   1 
ATOM   344  C  C   B ASN A 1 42  ? -8.589  -2.454  -7.225  0.50 23.52 ? 134 ASN A C   1 
ATOM   345  O  O   A ASN A 1 42  ? -9.013  -2.020  -8.308  0.50 23.34 ? 134 ASN A O   1 
ATOM   346  O  O   B ASN A 1 42  ? -9.038  -2.020  -8.290  0.50 23.58 ? 134 ASN A O   1 
ATOM   347  C  CB  A ASN A 1 42  ? -8.965  -4.974  -7.213  0.50 24.33 ? 134 ASN A CB  1 
ATOM   348  C  CB  B ASN A 1 42  ? -8.959  -4.903  -7.200  0.50 24.92 ? 134 ASN A CB  1 
ATOM   349  C  CG  A ASN A 1 42  ? -8.356  -6.298  -7.658  0.50 26.16 ? 134 ASN A CG  1 
ATOM   350  C  CG  B ASN A 1 42  ? -9.941  -4.754  -8.324  0.50 26.44 ? 134 ASN A CG  1 
ATOM   351  O  OD1 A ASN A 1 42  ? -7.277  -6.309  -8.245  0.50 28.06 ? 134 ASN A OD1 1 
ATOM   352  O  OD1 B ASN A 1 42  ? -9.642  -5.082  -9.471  0.50 28.81 ? 134 ASN A OD1 1 
ATOM   353  N  ND2 A ASN A 1 42  ? -9.024  -7.414  -7.363  0.50 26.96 ? 134 ASN A ND2 1 
ATOM   354  N  ND2 B ASN A 1 42  ? -11.128 -4.230  -8.008  0.50 30.42 ? 134 ASN A ND2 1 
ATOM   355  N  N   . MET A 1 43  ? -8.681  -1.777  -6.084  1.00 22.06 ? 135 MET A N   1 
ATOM   356  C  CA  . MET A 1 43  ? -9.217  -0.381  -6.113  1.00 23.23 ? 135 MET A CA  1 
ATOM   357  C  C   . MET A 1 43  ? -8.383  0.556   -7.000  1.00 21.46 ? 135 MET A C   1 
ATOM   358  O  O   . MET A 1 43  ? -8.939  1.375   -7.755  1.00 21.43 ? 135 MET A O   1 
ATOM   359  C  CB  . MET A 1 43  ? -9.630  0.276   -4.797  1.00 26.83 ? 135 MET A CB  1 
ATOM   360  C  CG  . MET A 1 43  ? -9.427  -0.411  -3.475  1.00 33.26 ? 135 MET A CG  1 
ATOM   361  S  SD  . MET A 1 43  ? -10.698 0.013   -2.237  1.00 37.55 ? 135 MET A SD  1 
ATOM   362  C  CE  . MET A 1 43  ? -10.857 1.771   -2.487  1.00 30.26 ? 135 MET A CE  1 
ATOM   363  N  N   . TRP A 1 44  ? -7.067  0.386   -6.938  1.00 19.67 ? 136 TRP A N   1 
ATOM   364  C  CA  . TRP A 1 44  ? -6.163  1.196   -7.720  1.00 18.29 ? 136 TRP A CA  1 
ATOM   365  C  C   . TRP A 1 44  ? -6.146  0.582   -9.129  1.00 19.83 ? 136 TRP A C   1 
ATOM   366  O  O   . TRP A 1 44  ? -6.228  1.310   -10.142 1.00 17.43 ? 136 TRP A O   1 
ATOM   367  C  CB  . TRP A 1 44  ? -4.749  1.213   -7.142  1.00 18.49 ? 136 TRP A CB  1 
ATOM   368  C  CG  . TRP A 1 44  ? -4.639  1.933   -5.784  1.00 17.33 ? 136 TRP A CG  1 
ATOM   369  C  CD1 . TRP A 1 44  ? -4.403  1.359   -4.547  1.00 15.21 ? 136 TRP A CD1 1 
ATOM   370  C  CD2 . TRP A 1 44  ? -4.708  3.338   -5.567  1.00 17.00 ? 136 TRP A CD2 1 
ATOM   371  N  NE1 . TRP A 1 44  ? -4.358  2.323   -3.593  1.00 15.22 ? 136 TRP A NE1 1 
ATOM   372  C  CE2 . TRP A 1 44  ? -4.543  3.556   -4.183  1.00 15.23 ? 136 TRP A CE2 1 
ATOM   373  C  CE3 . TRP A 1 44  ? -4.934  4.432   -6.400  1.00 19.50 ? 136 TRP A CE3 1 
ATOM   374  C  CZ2 . TRP A 1 44  ? -4.560  4.842   -3.602  1.00 15.90 ? 136 TRP A CZ2 1 
ATOM   375  C  CZ3 . TRP A 1 44  ? -4.943  5.770   -5.802  1.00 19.99 ? 136 TRP A CZ3 1 
ATOM   376  C  CH2 . TRP A 1 44  ? -4.769  5.922   -4.412  1.00 17.43 ? 136 TRP A CH2 1 
ATOM   377  N  N   . GLY A 1 45  ? -6.056  -0.743  -9.196  1.00 16.91 ? 137 GLY A N   1 
ATOM   378  C  CA  . GLY A 1 45  ? -5.808  -1.369  -10.516 1.00 17.82 ? 137 GLY A CA  1 
ATOM   379  C  C   . GLY A 1 45  ? -6.929  -1.189  -11.489 1.00 20.33 ? 137 GLY A C   1 
ATOM   380  O  O   . GLY A 1 45  ? -6.682  -1.160  -12.686 1.00 21.56 ? 137 GLY A O   1 
ATOM   381  N  N   . LYS A 1 46  ? -8.166  -1.113  -11.025 1.00 20.85 ? 138 LYS A N   1 
ATOM   382  C  CA  . LYS A 1 46  ? -9.272  -1.002  -11.987 1.00 25.13 ? 138 LYS A CA  1 
ATOM   383  C  C   . LYS A 1 46  ? -9.271  0.300   -12.741 1.00 25.11 ? 138 LYS A C   1 
ATOM   384  O  O   . LYS A 1 46  ? -9.956  0.394   -13.748 1.00 24.40 ? 138 LYS A O   1 
ATOM   385  C  CB  . LYS A 1 46  ? -10.620 -1.198  -11.339 1.00 28.48 ? 138 LYS A CB  1 
ATOM   386  C  CG  . LYS A 1 46  ? -11.023 -0.217  -10.292 1.00 31.29 ? 138 LYS A CG  1 
ATOM   387  C  CD  . LYS A 1 46  ? -12.251 -0.743  -9.569  1.00 36.70 ? 138 LYS A CD  1 
ATOM   388  C  CE  . LYS A 1 46  ? -12.715 0.246   -8.537  1.00 40.23 ? 138 LYS A CE  1 
ATOM   389  N  NZ  . LYS A 1 46  ? -13.619 -0.344  -7.530  1.00 41.28 ? 138 LYS A NZ  1 
ATOM   390  N  N   . GLU A 1 47  ? -8.495  1.291   -12.260 1.00 22.62 ? 139 GLU A N   1 
ATOM   391  C  CA  . GLU A 1 47  ? -8.422  2.609   -12.862 1.00 20.61 ? 139 GLU A CA  1 
ATOM   392  C  C   . GLU A 1 47  ? -7.331  2.757   -13.909 1.00 19.44 ? 139 GLU A C   1 
ATOM   393  O  O   . GLU A 1 47  ? -7.345  3.745   -14.654 1.00 20.76 ? 139 GLU A O   1 
ATOM   394  C  CB  . GLU A 1 47  ? -8.191  3.618   -11.759 1.00 21.07 ? 139 GLU A CB  1 
ATOM   395  C  CG  . GLU A 1 47  ? -9.190  3.636   -10.591 1.00 22.62 ? 139 GLU A CG  1 
ATOM   396  C  CD  . GLU A 1 47  ? -10.576 4.022   -11.012 1.00 25.28 ? 139 GLU A CD  1 
ATOM   397  O  OE1 . GLU A 1 47  ? -10.768 4.449   -12.171 1.00 25.83 ? 139 GLU A OE1 1 
ATOM   398  O  OE2 . GLU A 1 47  ? -11.510 3.876   -10.177 1.00 27.16 ? 139 GLU A OE2 1 
ATOM   399  N  N   . ILE A 1 48  ? -6.405  1.805   -14.006 1.00 19.46 ? 140 ILE A N   1 
ATOM   400  C  CA  . ILE A 1 48  ? -5.149  1.975   -14.741 1.00 19.72 ? 140 ILE A CA  1 
ATOM   401  C  C   . ILE A 1 48  ? -4.700  0.700   -15.541 1.00 20.79 ? 140 ILE A C   1 
ATOM   402  O  O   . ILE A 1 48  ? -5.107  -0.436  -15.232 1.00 21.22 ? 140 ILE A O   1 
ATOM   403  C  CB  . ILE A 1 48  ? -4.008  2.389   -13.789 1.00 18.52 ? 140 ILE A CB  1 
ATOM   404  C  CG1 . ILE A 1 48  ? -3.717  1.259   -12.775 1.00 19.28 ? 140 ILE A CG1 1 
ATOM   405  C  CG2 . ILE A 1 48  ? -4.280  3.780   -13.137 1.00 16.98 ? 140 ILE A CG2 1 
ATOM   406  C  CD1 . ILE A 1 48  ? -2.590  1.520   -11.800 1.00 19.98 ? 140 ILE A CD1 1 
ATOM   407  N  N   . PRO A 1 49  ? -3.815  0.878   -16.555 1.00 23.04 ? 141 PRO A N   1 
ATOM   408  C  CA  . PRO A 1 49  ? -3.342  -0.277  -17.346 1.00 23.63 ? 141 PRO A CA  1 
ATOM   409  C  C   . PRO A 1 49  ? -2.149  -0.984  -16.663 1.00 26.26 ? 141 PRO A C   1 
ATOM   410  O  O   . PRO A 1 49  ? -1.011  -0.910  -17.134 1.00 26.58 ? 141 PRO A O   1 
ATOM   411  C  CB  . PRO A 1 49  ? -2.960  0.367   -18.682 1.00 26.07 ? 141 PRO A CB  1 
ATOM   412  C  CG  . PRO A 1 49  ? -2.543  1.765   -18.299 1.00 25.63 ? 141 PRO A CG  1 
ATOM   413  C  CD  . PRO A 1 49  ? -3.391  2.171   -17.121 1.00 24.43 ? 141 PRO A CD  1 
ATOM   414  N  N   . LEU A 1 50  ? -2.410  -1.621  -15.537 1.00 23.66 ? 142 LEU A N   1 
ATOM   415  C  CA  . LEU A 1 50  ? -1.391  -2.368  -14.759 1.00 25.73 ? 142 LEU A CA  1 
ATOM   416  C  C   . LEU A 1 50  ? -2.031  -3.622  -14.214 1.00 25.02 ? 142 LEU A C   1 
ATOM   417  O  O   . LEU A 1 50  ? -3.172  -3.540  -13.722 1.00 22.92 ? 142 LEU A O   1 
ATOM   418  C  CB  . LEU A 1 50  ? -0.875  -1.521  -13.573 1.00 25.63 ? 142 LEU A CB  1 
ATOM   419  C  CG  . LEU A 1 50  ? 0.404   -1.958  -12.847 1.00 26.91 ? 142 LEU A CG  1 
ATOM   420  C  CD1 . LEU A 1 50  ? 1.605   -2.131  -13.771 1.00 25.57 ? 142 LEU A CD1 1 
ATOM   421  C  CD2 . LEU A 1 50  ? 0.744   -0.915  -11.765 1.00 26.77 ? 142 LEU A CD2 1 
ATOM   422  N  N   A HIS A 1 51  ? -1.302  -4.745  -14.258 0.50 25.26 ? 143 HIS A N   1 
ATOM   423  N  N   B HIS A 1 51  ? -1.325  -4.764  -14.295 0.50 23.99 ? 143 HIS A N   1 
ATOM   424  C  CA  A HIS A 1 51  ? -1.793  -6.034  -13.727 0.50 26.27 ? 143 HIS A CA  1 
ATOM   425  C  CA  B HIS A 1 51  ? -1.797  -6.072  -13.742 0.50 24.14 ? 143 HIS A CA  1 
ATOM   426  C  C   A HIS A 1 51  ? -0.919  -6.588  -12.601 0.50 25.27 ? 143 HIS A C   1 
ATOM   427  C  C   B HIS A 1 51  ? -0.932  -6.559  -12.585 0.50 24.19 ? 143 HIS A C   1 
ATOM   428  O  O   A HIS A 1 51  ? 0.333   -6.506  -12.653 0.50 26.13 ? 143 HIS A O   1 
ATOM   429  O  O   B HIS A 1 51  ? 0.307   -6.443  -12.621 0.50 25.22 ? 143 HIS A O   1 
ATOM   430  C  CB  A HIS A 1 51  ? -1.970  -7.004  -14.891 0.50 29.37 ? 143 HIS A CB  1 
ATOM   431  C  CB  B HIS A 1 51  ? -1.829  -7.138  -14.838 0.50 25.52 ? 143 HIS A CB  1 
ATOM   432  C  CG  A HIS A 1 51  ? -2.968  -6.520  -15.892 0.50 29.94 ? 143 HIS A CG  1 
ATOM   433  C  CG  B HIS A 1 51  ? -2.138  -8.528  -14.342 0.50 23.94 ? 143 HIS A CG  1 
ATOM   434  N  ND1 A HIS A 1 51  ? -2.628  -5.674  -16.926 0.50 32.37 ? 143 HIS A ND1 1 
ATOM   435  N  ND1 B HIS A 1 51  ? -3.418  -8.948  -14.045 0.50 24.37 ? 143 HIS A ND1 1 
ATOM   436  C  CD2 A HIS A 1 51  ? -4.310  -6.682  -15.966 0.50 32.59 ? 143 HIS A CD2 1 
ATOM   437  C  CD2 B HIS A 1 51  ? -1.332  -9.588  -14.098 0.50 23.94 ? 143 HIS A CD2 1 
ATOM   438  C  CE1 A HIS A 1 51  ? -3.710  -5.365  -17.615 0.50 32.99 ? 143 HIS A CE1 1 
ATOM   439  C  CE1 B HIS A 1 51  ? -3.386  -10.210 -13.657 0.50 23.94 ? 143 HIS A CE1 1 
ATOM   440  N  NE2 A HIS A 1 51  ? -4.742  -5.976  -17.063 0.50 32.50 ? 143 HIS A NE2 1 
ATOM   441  N  NE2 B HIS A 1 51  ? -2.135  -10.624 -13.681 0.50 23.50 ? 143 HIS A NE2 1 
ATOM   442  N  N   . PHE A 1 52  ? -1.578  -7.094  -11.551 1.00 23.52 ? 144 PHE A N   1 
ATOM   443  C  CA  . PHE A 1 52  ? -0.872  -7.610  -10.347 1.00 22.95 ? 144 PHE A CA  1 
ATOM   444  C  C   . PHE A 1 52  ? -0.915  -9.142  -10.341 1.00 23.88 ? 144 PHE A C   1 
ATOM   445  O  O   . PHE A 1 52  ? -1.968  -9.729  -10.557 1.00 24.76 ? 144 PHE A O   1 
ATOM   446  C  CB  . PHE A 1 52  ? -1.532  -7.070  -9.082  1.00 21.76 ? 144 PHE A CB  1 
ATOM   447  C  CG  . PHE A 1 52  ? -1.464  -5.580  -8.999  1.00 20.81 ? 144 PHE A CG  1 
ATOM   448  C  CD1 . PHE A 1 52  ? -0.238  -4.971  -8.934  1.00 19.58 ? 144 PHE A CD1 1 
ATOM   449  C  CD2 . PHE A 1 52  ? -2.590  -4.806  -9.144  1.00 20.42 ? 144 PHE A CD2 1 
ATOM   450  C  CE1 . PHE A 1 52  ? -0.150  -3.588  -8.968  1.00 21.88 ? 144 PHE A CE1 1 
ATOM   451  C  CE2 . PHE A 1 52  ? -2.514  -3.425  -9.187  1.00 22.46 ? 144 PHE A CE2 1 
ATOM   452  C  CZ  . PHE A 1 52  ? -1.318  -2.814  -9.073  1.00 21.41 ? 144 PHE A CZ  1 
ATOM   453  N  N   . ARG A 1 53  ? 0.238   -9.770  -10.145 1.00 24.18 ? 145 ARG A N   1 
ATOM   454  C  CA  . ARG A 1 53  ? 0.285   -11.196 -10.061 1.00 25.62 ? 145 ARG A CA  1 
ATOM   455  C  C   . ARG A 1 53  ? 0.731   -11.626 -8.698  1.00 24.10 ? 145 ARG A C   1 
ATOM   456  O  O   . ARG A 1 53  ? 1.875   -11.294 -8.271  1.00 18.46 ? 145 ARG A O   1 
ATOM   457  C  CB  . ARG A 1 53  ? 1.239   -11.750 -11.086 1.00 30.78 ? 145 ARG A CB  1 
ATOM   458  C  CG  . ARG A 1 53  ? 1.233   -13.229 -10.911 1.00 35.35 ? 145 ARG A CG  1 
ATOM   459  C  CD  . ARG A 1 53  ? 1.231   -13.937 -12.228 1.00 42.58 ? 145 ARG A CD  1 
ATOM   460  N  NE  . ARG A 1 53  ? 2.454   -13.760 -12.977 1.00 44.14 ? 145 ARG A NE  1 
ATOM   461  C  CZ  . ARG A 1 53  ? 3.687   -14.069 -12.557 1.00 49.39 ? 145 ARG A CZ  1 
ATOM   462  N  NH1 . ARG A 1 53  ? 3.947   -14.539 -11.331 1.00 50.74 ? 145 ARG A NH1 1 
ATOM   463  N  NH2 . ARG A 1 53  ? 4.714   -13.867 -13.384 1.00 52.46 ? 145 ARG A NH2 1 
ATOM   464  N  N   . LYS A 1 54  ? -0.087  -12.463 -8.038  1.00 23.14 ? 146 LYS A N   1 
ATOM   465  C  CA  . LYS A 1 54  ? 0.314   -12.943 -6.712  1.00 24.38 ? 146 LYS A CA  1 
ATOM   466  C  C   . LYS A 1 54  ? 1.315   -14.107 -6.734  1.00 26.01 ? 146 LYS A C   1 
ATOM   467  O  O   . LYS A 1 54  ? 1.122   -15.098 -7.489  1.00 27.15 ? 146 LYS A O   1 
ATOM   468  C  CB  . LYS A 1 54  ? -0.910  -13.322 -5.920  1.00 27.62 ? 146 LYS A CB  1 
ATOM   469  C  CG  . LYS A 1 54  ? -0.660  -13.718 -4.475  1.00 29.77 ? 146 LYS A CG  1 
ATOM   470  C  CD  . LYS A 1 54  ? -1.979  -14.206 -3.890  1.00 30.95 ? 146 LYS A CD  1 
ATOM   471  C  CE  . LYS A 1 54  ? -1.804  -14.715 -2.472  1.00 33.98 ? 146 LYS A CE  1 
ATOM   472  N  NZ  . LYS A 1 54  ? -1.448  -13.590 -1.541  1.00 31.91 ? 146 LYS A NZ  1 
ATOM   473  N  N   . VAL A 1 55  ? 2.322   -14.037 -5.870  1.00 24.06 ? 147 VAL A N   1 
ATOM   474  C  CA  . VAL A 1 55  ? 3.257   -15.142 -5.606  1.00 25.39 ? 147 VAL A CA  1 
ATOM   475  C  C   . VAL A 1 55  ? 3.328   -15.508 -4.116  1.00 24.76 ? 147 VAL A C   1 
ATOM   476  O  O   . VAL A 1 55  ? 3.144   -14.654 -3.255  1.00 23.34 ? 147 VAL A O   1 
ATOM   477  C  CB  . VAL A 1 55  ? 4.644   -14.860 -6.204  1.00 26.47 ? 147 VAL A CB  1 
ATOM   478  C  CG1 . VAL A 1 55  ? 4.505   -14.337 -7.633  1.00 28.38 ? 147 VAL A CG1 1 
ATOM   479  C  CG2 . VAL A 1 55  ? 5.458   -13.874 -5.376  1.00 27.63 ? 147 VAL A CG2 1 
ATOM   480  N  N   . VAL A 1 56  ? 3.672   -16.769 -3.818  1.00 25.34 ? 148 VAL A N   1 
ATOM   481  C  CA  . VAL A 1 56  ? 3.725   -17.266 -2.420  1.00 24.76 ? 148 VAL A CA  1 
ATOM   482  C  C   . VAL A 1 56  ? 5.114   -17.575 -1.814  1.00 24.93 ? 148 VAL A C   1 
ATOM   483  O  O   . VAL A 1 56  ? 5.195   -18.034 -0.653  1.00 25.10 ? 148 VAL A O   1 
ATOM   484  C  CB  . VAL A 1 56  ? 2.836   -18.534 -2.267  1.00 25.42 ? 148 VAL A CB  1 
ATOM   485  C  CG1 . VAL A 1 56  ? 1.414   -18.258 -2.744  1.00 28.14 ? 148 VAL A CG1 1 
ATOM   486  C  CG2 . VAL A 1 56  ? 3.399   -19.721 -3.012  1.00 27.30 ? 148 VAL A CG2 1 
ATOM   487  N  N   . TRP A 1 57  ? 6.195   -17.364 -2.555  1.00 22.51 ? 149 TRP A N   1 
ATOM   488  C  CA  . TRP A 1 57  ? 7.560   -17.641 -2.053  1.00 22.22 ? 149 TRP A CA  1 
ATOM   489  C  C   . TRP A 1 57  ? 8.546   -16.669 -2.701  1.00 20.90 ? 149 TRP A C   1 
ATOM   490  O  O   . TRP A 1 57  ? 8.235   -16.056 -3.712  1.00 19.98 ? 149 TRP A O   1 
ATOM   491  C  CB  . TRP A 1 57  ? 7.993   -19.110 -2.373  1.00 22.35 ? 149 TRP A CB  1 
ATOM   492  C  CG  . TRP A 1 57  ? 8.165   -19.264 -3.850  1.00 22.02 ? 149 TRP A CG  1 
ATOM   493  C  CD1 . TRP A 1 57  ? 7.172   -19.323 -4.773  1.00 23.94 ? 149 TRP A CD1 1 
ATOM   494  C  CD2 . TRP A 1 57  ? 9.380   -19.224 -4.579  1.00 23.20 ? 149 TRP A CD2 1 
ATOM   495  N  NE1 . TRP A 1 57  ? 7.689   -19.354 -6.039  1.00 25.29 ? 149 TRP A NE1 1 
ATOM   496  C  CE2 . TRP A 1 57  ? 9.046   -19.318 -5.953  1.00 24.10 ? 149 TRP A CE2 1 
ATOM   497  C  CE3 . TRP A 1 57  ? 10.716  -19.127 -4.219  1.00 23.62 ? 149 TRP A CE3 1 
ATOM   498  C  CZ2 . TRP A 1 57  ? 10.019  -19.291 -6.969  1.00 25.32 ? 149 TRP A CZ2 1 
ATOM   499  C  CZ3 . TRP A 1 57  ? 11.681  -19.134 -5.222  1.00 27.63 ? 149 TRP A CZ3 1 
ATOM   500  C  CH2 . TRP A 1 57  ? 11.324  -19.215 -6.578  1.00 28.35 ? 149 TRP A CH2 1 
ATOM   501  N  N   . GLY A 1 58  ? 9.739   -16.560 -2.120  1.00 20.63 ? 150 GLY A N   1 
ATOM   502  C  CA  . GLY A 1 58  ? 10.811  -15.719 -2.657  1.00 22.68 ? 150 GLY A CA  1 
ATOM   503  C  C   . GLY A 1 58  ? 10.555  -14.228 -2.619  1.00 21.81 ? 150 GLY A C   1 
ATOM   504  O  O   . GLY A 1 58  ? 9.702   -13.771 -1.864  1.00 19.79 ? 150 GLY A O   1 
ATOM   505  N  N   . THR A 1 59  ? 11.289  -13.485 -3.442  1.00 27.09 ? 151 THR A N   1 
ATOM   506  C  CA  . THR A 1 59  ? 11.229  -12.010 -3.448  1.00 24.03 ? 151 THR A CA  1 
ATOM   507  C  C   . THR A 1 59  ? 10.389  -11.554 -4.633  1.00 27.25 ? 151 THR A C   1 
ATOM   508  O  O   . THR A 1 59  ? 10.803  -11.808 -5.739  1.00 30.11 ? 151 THR A O   1 
ATOM   509  C  CB  . THR A 1 59  ? 12.629  -11.441 -3.606  1.00 30.44 ? 151 THR A CB  1 
ATOM   510  O  OG1 . THR A 1 59  ? 13.124  -11.773 -4.912  1.00 36.61 ? 151 THR A OG1 1 
ATOM   511  C  CG2 . THR A 1 59  ? 13.568  -11.971 -2.552  1.00 28.39 ? 151 THR A CG2 1 
ATOM   512  N  N   . ALA A 1 60  ? 9.233   -10.883 -4.405  1.00 20.95 ? 152 ALA A N   1 
ATOM   513  C  CA  . ALA A 1 60  ? 8.350   -10.351 -5.449  1.00 18.52 ? 152 ALA A CA  1 
ATOM   514  C  C   . ALA A 1 60  ? 8.644   -8.840  -5.588  1.00 16.04 ? 152 ALA A C   1 
ATOM   515  O  O   . ALA A 1 60  ? 9.403   -8.320  -4.780  1.00 17.17 ? 152 ALA A O   1 
ATOM   516  C  CB  . ALA A 1 60  ? 6.904   -10.476 -5.018  1.00 19.26 ? 152 ALA A CB  1 
ATOM   517  N  N   . ASP A 1 61  ? 8.031   -8.170  -6.584  1.00 15.12 ? 153 ASP A N   1 
ATOM   518  C  CA  . ASP A 1 61  ? 8.322   -6.735  -6.738  1.00 16.65 ? 153 ASP A CA  1 
ATOM   519  C  C   . ASP A 1 61  ? 7.734   -5.942  -5.542  1.00 16.27 ? 153 ASP A C   1 
ATOM   520  O  O   . ASP A 1 61  ? 8.450   -5.110  -4.994  1.00 19.85 ? 153 ASP A O   1 
ATOM   521  C  CB  . ASP A 1 61  ? 7.691   -6.173  -8.002  1.00 16.52 ? 153 ASP A CB  1 
ATOM   522  C  CG  . ASP A 1 61  ? 8.290   -6.753  -9.315  1.00 18.47 ? 153 ASP A CG  1 
ATOM   523  O  OD1 . ASP A 1 61  ? 9.521   -6.932  -9.446  1.00 19.93 ? 153 ASP A OD1 1 
ATOM   524  O  OD2 . ASP A 1 61  ? 7.449   -7.019  -10.178 1.00 22.55 ? 153 ASP A OD2 1 
ATOM   525  N  N   . ILE A 1 62  ? 6.465   -6.200  -5.168  1.00 16.22 ? 154 ILE A N   1 
ATOM   526  C  CA  . ILE A 1 62  ? 5.876   -5.619  -3.964  1.00 15.70 ? 154 ILE A CA  1 
ATOM   527  C  C   . ILE A 1 62  ? 5.875   -6.651  -2.806  1.00 15.03 ? 154 ILE A C   1 
ATOM   528  O  O   . ILE A 1 62  ? 5.125   -7.620  -2.853  1.00 16.26 ? 154 ILE A O   1 
ATOM   529  C  CB  . ILE A 1 62  ? 4.476   -5.100  -4.278  1.00 15.27 ? 154 ILE A CB  1 
ATOM   530  C  CG1 . ILE A 1 62  ? 4.553   -3.931  -5.314  1.00 17.31 ? 154 ILE A CG1 1 
ATOM   531  C  CG2 . ILE A 1 62  ? 3.739   -4.690  -3.033  1.00 16.04 ? 154 ILE A CG2 1 
ATOM   532  C  CD1 . ILE A 1 62  ? 3.257   -3.499  -5.935  1.00 17.82 ? 154 ILE A CD1 1 
ATOM   533  N  N   . MET A 1 63  ? 6.697   -6.422  -1.798  1.00 15.26 ? 155 MET A N   1 
ATOM   534  C  CA  . MET A 1 63  ? 6.762   -7.323  -0.636  1.00 16.01 ? 155 MET A CA  1 
ATOM   535  C  C   . MET A 1 63  ? 5.970   -6.689  0.498   1.00 14.34 ? 155 MET A C   1 
ATOM   536  O  O   . MET A 1 63  ? 6.321   -5.578  0.900   1.00 14.28 ? 155 MET A O   1 
ATOM   537  C  CB  . MET A 1 63  ? 8.201   -7.531  -0.235  1.00 16.34 ? 155 MET A CB  1 
ATOM   538  C  CG  . MET A 1 63  ? 9.040   -8.245  -1.280  1.00 18.93 ? 155 MET A CG  1 
ATOM   539  S  SD  . MET A 1 63  ? 8.817   -10.038 -1.266  1.00 21.80 ? 155 MET A SD  1 
ATOM   540  C  CE  . MET A 1 63  ? 9.846   -10.509 0.136   1.00 23.23 ? 155 MET A CE  1 
ATOM   541  N  N   . ILE A 1 64  ? 4.922   -7.384  0.948   1.00 14.25 ? 156 ILE A N   1 
ATOM   542  C  CA  . ILE A 1 64  ? 3.949   -6.902  1.952   1.00 13.74 ? 156 ILE A CA  1 
ATOM   543  C  C   . ILE A 1 64  ? 4.036   -7.711  3.245   1.00 13.80 ? 156 ILE A C   1 
ATOM   544  O  O   . ILE A 1 64  ? 3.891   -8.974  3.245   1.00 15.08 ? 156 ILE A O   1 
ATOM   545  C  CB  . ILE A 1 64  ? 2.541   -6.939  1.421   1.00 14.40 ? 156 ILE A CB  1 
ATOM   546  C  CG1 . ILE A 1 64  ? 2.412   -6.232  0.064   1.00 14.69 ? 156 ILE A CG1 1 
ATOM   547  C  CG2 . ILE A 1 64  ? 1.522   -6.457  2.470   1.00 14.42 ? 156 ILE A CG2 1 
ATOM   548  C  CD1 . ILE A 1 64  ? 1.161   -6.526  -0.654  1.00 15.30 ? 156 ILE A CD1 1 
ATOM   549  N  N   . GLY A 1 65  ? 4.182   -7.058  4.367   1.00 14.81 ? 157 GLY A N   1 
ATOM   550  C  CA  . GLY A 1 65  ? 3.974   -7.816  5.642   1.00 14.23 ? 157 GLY A CA  1 
ATOM   551  C  C   . GLY A 1 65  ? 4.008   -7.040  6.935   1.00 14.71 ? 157 GLY A C   1 
ATOM   552  O  O   . GLY A 1 65  ? 4.185   -5.831  6.942   1.00 13.50 ? 157 GLY A O   1 
ATOM   553  N  N   . PHE A 1 66  ? 3.751   -7.775  8.019   1.00 14.64 ? 158 PHE A N   1 
ATOM   554  C  CA  . PHE A 1 66  ? 3.722   -7.303  9.363   1.00 16.09 ? 158 PHE A CA  1 
ATOM   555  C  C   . PHE A 1 66  ? 5.060   -7.608  10.053  1.00 17.53 ? 158 PHE A C   1 
ATOM   556  O  O   . PHE A 1 66  ? 5.622   -8.681  9.862   1.00 15.89 ? 158 PHE A O   1 
ATOM   557  C  CB  . PHE A 1 66  ? 2.562   -7.932  10.178  1.00 17.14 ? 158 PHE A CB  1 
ATOM   558  C  CG  . PHE A 1 66  ? 1.170   -7.496  9.717   1.00 16.23 ? 158 PHE A CG  1 
ATOM   559  C  CD1 . PHE A 1 66  ? 0.535   -8.116  8.657   1.00 18.31 ? 158 PHE A CD1 1 
ATOM   560  C  CD2 . PHE A 1 66  ? 0.498   -6.450  10.378  1.00 18.12 ? 158 PHE A CD2 1 
ATOM   561  C  CE1 . PHE A 1 66  ? -0.748  -7.720  8.252   1.00 18.95 ? 158 PHE A CE1 1 
ATOM   562  C  CE2 . PHE A 1 66  ? -0.784  -6.079  10.010  1.00 17.64 ? 158 PHE A CE2 1 
ATOM   563  C  CZ  . PHE A 1 66  ? -1.385  -6.691  8.941   1.00 19.25 ? 158 PHE A CZ  1 
ATOM   564  N  N   . ALA A 1 67  ? 5.511   -6.655  10.864  1.00 16.35 ? 159 ALA A N   1 
ATOM   565  C  CA  . ALA A 1 67  ? 6.760   -6.827  11.659  1.00 18.52 ? 159 ALA A CA  1 
ATOM   566  C  C   . ALA A 1 67  ? 6.783   -6.000  12.940  1.00 19.22 ? 159 ALA A C   1 
ATOM   567  O  O   . ALA A 1 67  ? 6.190   -4.892  12.982  1.00 18.68 ? 159 ALA A O   1 
ATOM   568  C  CB  . ALA A 1 67  ? 7.932   -6.402  10.804  1.00 19.32 ? 159 ALA A CB  1 
ATOM   569  N  N   . ARG A 1 68  ? 7.481   -6.509  13.984  1.00 20.17 ? 160 ARG A N   1 
ATOM   570  C  CA  . ARG A 1 68  ? 7.810   -5.721  15.173  1.00 21.15 ? 160 ARG A CA  1 
ATOM   571  C  C   . ARG A 1 68  ? 9.235   -5.101  15.073  1.00 19.14 ? 160 ARG A C   1 
ATOM   572  O  O   . ARG A 1 68  ? 10.193  -5.754  14.529  1.00 19.52 ? 160 ARG A O   1 
ATOM   573  C  CB  . ARG A 1 68  ? 7.688   -6.647  16.404  1.00 24.96 ? 160 ARG A CB  1 
ATOM   574  C  CG  . ARG A 1 68  ? 8.180   -5.996  17.669  1.00 30.80 ? 160 ARG A CG  1 
ATOM   575  C  CD  . ARG A 1 68  ? 7.915   -6.749  18.957  1.00 35.16 ? 160 ARG A CD  1 
ATOM   576  N  NE  . ARG A 1 68  ? 6.493   -7.030  19.125  1.00 35.15 ? 160 ARG A NE  1 
ATOM   577  C  CZ  . ARG A 1 68  ? 5.863   -8.114  18.661  1.00 40.89 ? 160 ARG A CZ  1 
ATOM   578  N  NH1 . ARG A 1 68  ? 4.545   -8.256  18.869  1.00 38.20 ? 160 ARG A NH1 1 
ATOM   579  N  NH2 . ARG A 1 68  ? 6.528   -9.067  17.991  1.00 44.55 ? 160 ARG A NH2 1 
ATOM   580  N  N   . GLY A 1 69  ? 9.431   -3.867  15.528  1.00 14.82 ? 161 GLY A N   1 
ATOM   581  C  CA  . GLY A 1 69  ? 10.771  -3.260  15.571  1.00 15.04 ? 161 GLY A CA  1 
ATOM   582  C  C   . GLY A 1 69  ? 11.527  -3.213  14.243  1.00 15.04 ? 161 GLY A C   1 
ATOM   583  O  O   . GLY A 1 69  ? 10.908  -2.965  13.147  1.00 15.65 ? 161 GLY A O   1 
ATOM   584  N  N   . ALA A 1 70  ? 12.820  -3.475  14.332  1.00 16.32 ? 162 ALA A N   1 
ATOM   585  C  CA  . ALA A 1 70  ? 13.696  -3.455  13.170  1.00 16.93 ? 162 ALA A CA  1 
ATOM   586  C  C   . ALA A 1 70  ? 13.501  -4.650  12.291  1.00 18.08 ? 162 ALA A C   1 
ATOM   587  O  O   . ALA A 1 70  ? 13.339  -5.786  12.803  1.00 17.54 ? 162 ALA A O   1 
ATOM   588  C  CB  . ALA A 1 70  ? 15.112  -3.393  13.626  1.00 18.28 ? 162 ALA A CB  1 
ATOM   589  N  N   . HIS A 1 71  ? 13.428  -4.433  10.956  1.00 16.32 ? 163 HIS A N   1 
ATOM   590  C  CA  . HIS A 1 71  ? 12.987  -5.512  10.099  1.00 16.97 ? 163 HIS A CA  1 
ATOM   591  C  C   . HIS A 1 71  ? 13.716  -5.492  8.715   1.00 18.41 ? 163 HIS A C   1 
ATOM   592  O  O   . HIS A 1 71  ? 13.180  -6.031  7.728   1.00 19.82 ? 163 HIS A O   1 
ATOM   593  C  CB  . HIS A 1 71  ? 11.440  -5.494  9.963   1.00 17.90 ? 163 HIS A CB  1 
ATOM   594  C  CG  . HIS A 1 71  ? 10.876  -4.166  9.542   1.00 18.36 ? 163 HIS A CG  1 
ATOM   595  N  ND1 . HIS A 1 71  ? 10.619  -3.142  10.428  1.00 16.75 ? 163 HIS A ND1 1 
ATOM   596  C  CD2 . HIS A 1 71  ? 10.570  -3.669  8.312   1.00 18.69 ? 163 HIS A CD2 1 
ATOM   597  C  CE1 . HIS A 1 71  ? 10.159  -2.084  9.778   1.00 18.81 ? 163 HIS A CE1 1 
ATOM   598  N  NE2 . HIS A 1 71  ? 10.189  -2.349  8.490   1.00 17.19 ? 163 HIS A NE2 1 
ATOM   599  N  N   . GLY A 1 72  ? 14.927  -4.938  8.698   1.00 19.76 ? 164 GLY A N   1 
ATOM   600  C  CA  . GLY A 1 72  ? 15.826  -5.054  7.561   1.00 21.02 ? 164 GLY A CA  1 
ATOM   601  C  C   . GLY A 1 72  ? 15.905  -3.911  6.566   1.00 23.37 ? 164 GLY A C   1 
ATOM   602  O  O   . GLY A 1 72  ? 16.675  -3.973  5.605   1.00 25.95 ? 164 GLY A O   1 
ATOM   603  N  N   . ASP A 1 73  ? 15.148  -2.850  6.805   1.00 21.34 ? 165 ASP A N   1 
ATOM   604  C  CA  . ASP A 1 73  ? 15.232  -1.662  5.986   1.00 22.58 ? 165 ASP A CA  1 
ATOM   605  C  C   . ASP A 1 73  ? 15.756  -0.697  7.037   1.00 28.29 ? 165 ASP A C   1 
ATOM   606  O  O   . ASP A 1 73  ? 15.928  -1.071  8.198   1.00 35.20 ? 165 ASP A O   1 
ATOM   607  C  CB  . ASP A 1 73  ? 13.866  -1.381  5.282   1.00 22.35 ? 165 ASP A CB  1 
ATOM   608  C  CG  . ASP A 1 73  ? 12.710  -1.156  6.244   1.00 22.73 ? 165 ASP A CG  1 
ATOM   609  O  OD1 . ASP A 1 73  ? 12.918  -0.894  7.446   1.00 19.53 ? 165 ASP A OD1 1 
ATOM   610  O  OD2 . ASP A 1 73  ? 11.553  -1.271  5.785   1.00 16.96 ? 165 ASP A OD2 1 
ATOM   611  N  N   . SER A 1 74  ? 16.058  0.512   6.727   1.00 32.38 ? 166 SER A N   1 
ATOM   612  C  CA  . SER A 1 74  ? 16.653  1.284   7.816   1.00 31.23 ? 166 SER A CA  1 
ATOM   613  C  C   . SER A 1 74  ? 15.622  2.141   8.557   1.00 24.12 ? 166 SER A C   1 
ATOM   614  O  O   . SER A 1 74  ? 15.962  3.169   9.089   1.00 22.16 ? 166 SER A O   1 
ATOM   615  C  CB  . SER A 1 74  ? 17.851  2.079   7.292   1.00 34.36 ? 166 SER A CB  1 
ATOM   616  O  OG  . SER A 1 74  ? 18.952  1.179   7.238   1.00 44.32 ? 166 SER A OG  1 
ATOM   617  N  N   . TYR A 1 75  ? 14.356  1.691   8.593   1.00 22.24 ? 167 TYR A N   1 
ATOM   618  C  CA  . TYR A 1 75  ? 13.243  2.402   9.207   1.00 20.84 ? 167 TYR A CA  1 
ATOM   619  C  C   . TYR A 1 75  ? 12.511  1.513   10.238  1.00 19.03 ? 167 TYR A C   1 
ATOM   620  O  O   . TYR A 1 75  ? 11.443  0.978   9.969   1.00 15.25 ? 167 TYR A O   1 
ATOM   621  C  CB  . TYR A 1 75  ? 12.266  2.796   8.081   1.00 20.57 ? 167 TYR A CB  1 
ATOM   622  C  CG  . TYR A 1 75  ? 12.820  3.879   7.127   1.00 22.42 ? 167 TYR A CG  1 
ATOM   623  C  CD1 . TYR A 1 75  ? 12.659  5.190   7.425   1.00 23.31 ? 167 TYR A CD1 1 
ATOM   624  C  CD2 . TYR A 1 75  ? 13.487  3.555   5.950   1.00 25.68 ? 167 TYR A CD2 1 
ATOM   625  C  CE1 . TYR A 1 75  ? 13.118  6.182   6.603   1.00 26.83 ? 167 TYR A CE1 1 
ATOM   626  C  CE2 . TYR A 1 75  ? 13.974  4.559   5.104   1.00 26.31 ? 167 TYR A CE2 1 
ATOM   627  C  CZ  . TYR A 1 75  ? 13.757  5.865   5.436   1.00 25.55 ? 167 TYR A CZ  1 
ATOM   628  O  OH  . TYR A 1 75  ? 14.187  6.913   4.656   1.00 29.61 ? 167 TYR A OH  1 
ATOM   629  N  N   . PRO A 1 76  ? 13.126  1.227   11.397  1.00 20.09 ? 168 PRO A N   1 
ATOM   630  C  CA  . PRO A 1 76  ? 12.528  0.254   12.340  1.00 18.96 ? 168 PRO A CA  1 
ATOM   631  C  C   . PRO A 1 76  ? 11.202  0.786   12.912  1.00 16.40 ? 168 PRO A C   1 
ATOM   632  O  O   . PRO A 1 76  ? 11.069  1.993   13.049  1.00 17.60 ? 168 PRO A O   1 
ATOM   633  C  CB  . PRO A 1 76  ? 13.567  0.147   13.449  1.00 20.57 ? 168 PRO A CB  1 
ATOM   634  C  CG  . PRO A 1 76  ? 14.559  1.213   13.175  1.00 22.85 ? 168 PRO A CG  1 
ATOM   635  C  CD  . PRO A 1 76  ? 14.497  1.577   11.741  1.00 21.00 ? 168 PRO A CD  1 
ATOM   636  N  N   . PHE A 1 77  ? 10.267  -0.092  13.204  1.00 15.00 ? 169 PHE A N   1 
ATOM   637  C  CA  . PHE A 1 77  ? 9.024   0.300   13.894  1.00 14.76 ? 169 PHE A CA  1 
ATOM   638  C  C   . PHE A 1 77  ? 9.341   0.473   15.331  1.00 17.59 ? 169 PHE A C   1 
ATOM   639  O  O   . PHE A 1 77  ? 10.442  0.126   15.774  1.00 19.28 ? 169 PHE A O   1 
ATOM   640  C  CB  . PHE A 1 77  ? 7.892   -0.760  13.679  1.00 15.38 ? 169 PHE A CB  1 
ATOM   641  C  CG  . PHE A 1 77  ? 7.312   -0.776  12.284  1.00 13.84 ? 169 PHE A CG  1 
ATOM   642  C  CD1 . PHE A 1 77  ? 6.965   0.378   11.637  1.00 15.05 ? 169 PHE A CD1 1 
ATOM   643  C  CD2 . PHE A 1 77  ? 7.043   -1.990  11.651  1.00 14.72 ? 169 PHE A CD2 1 
ATOM   644  C  CE1 . PHE A 1 77  ? 6.387   0.373   10.358  1.00 14.08 ? 169 PHE A CE1 1 
ATOM   645  C  CE2 . PHE A 1 77  ? 6.481   -2.020  10.365  1.00 15.87 ? 169 PHE A CE2 1 
ATOM   646  C  CZ  . PHE A 1 77  ? 6.111   -0.843  9.754   1.00 15.23 ? 169 PHE A CZ  1 
ATOM   647  N  N   . ASP A 1 78  ? 8.370   0.986   16.081  1.00 19.18 ? 170 ASP A N   1 
ATOM   648  C  CA  . ASP A 1 78  ? 8.625   1.724   17.299  1.00 20.88 ? 170 ASP A CA  1 
ATOM   649  C  C   . ASP A 1 78  ? 7.711   1.352   18.449  1.00 18.97 ? 170 ASP A C   1 
ATOM   650  O  O   . ASP A 1 78  ? 7.575   2.132   19.406  1.00 23.19 ? 170 ASP A O   1 
ATOM   651  C  CB  . ASP A 1 78  ? 8.529   3.244   16.991  1.00 19.51 ? 170 ASP A CB  1 
ATOM   652  C  CG  . ASP A 1 78  ? 7.160   3.698   16.342  1.00 20.65 ? 170 ASP A CG  1 
ATOM   653  O  OD1 . ASP A 1 78  ? 6.192   2.920   16.280  1.00 20.11 ? 170 ASP A OD1 1 
ATOM   654  O  OD2 . ASP A 1 78  ? 7.036   4.851   15.938  1.00 23.53 ? 170 ASP A OD2 1 
ATOM   655  N  N   . GLY A 1 79  ? 7.114   0.162   18.386  1.00 16.76 ? 171 GLY A N   1 
ATOM   656  C  CA  . GLY A 1 79  ? 6.205   -0.243  19.416  1.00 17.82 ? 171 GLY A CA  1 
ATOM   657  C  C   . GLY A 1 79  ? 4.836   0.387   19.300  1.00 16.83 ? 171 GLY A C   1 
ATOM   658  O  O   . GLY A 1 79  ? 4.522   0.963   18.304  1.00 16.66 ? 171 GLY A O   1 
ATOM   659  N  N   . PRO A 1 80  ? 4.017   0.285   20.366  1.00 18.68 ? 172 PRO A N   1 
ATOM   660  C  CA  . PRO A 1 80  ? 2.614   0.662   20.256  1.00 18.73 ? 172 PRO A CA  1 
ATOM   661  C  C   . PRO A 1 80  ? 2.490   2.166   20.011  1.00 19.56 ? 172 PRO A C   1 
ATOM   662  O  O   . PRO A 1 80  ? 3.164   2.944   20.675  1.00 20.89 ? 172 PRO A O   1 
ATOM   663  C  CB  . PRO A 1 80  ? 2.018   0.266   21.615  1.00 19.94 ? 172 PRO A CB  1 
ATOM   664  C  CG  . PRO A 1 80  ? 3.171   -0.102  22.483  1.00 20.48 ? 172 PRO A CG  1 
ATOM   665  C  CD  . PRO A 1 80  ? 4.309   -0.447  21.616  1.00 19.20 ? 172 PRO A CD  1 
ATOM   666  N  N   . GLY A 1 81  ? 1.612   2.568   19.084  1.00 16.12 ? 173 GLY A N   1 
ATOM   667  C  CA  . GLY A 1 81  ? 1.450   3.935   18.699  1.00 17.37 ? 173 GLY A CA  1 
ATOM   668  C  C   . GLY A 1 81  ? 2.467   4.536   17.764  1.00 18.42 ? 173 GLY A C   1 
ATOM   669  O  O   . GLY A 1 81  ? 3.278   3.842   17.152  1.00 17.75 ? 173 GLY A O   1 
ATOM   670  N  N   . ASN A 1 82  ? 2.443   5.860   17.661  1.00 19.60 ? 174 ASN A N   1 
ATOM   671  C  CA  . ASN A 1 82  ? 3.421   6.583   16.854  1.00 21.70 ? 174 ASN A CA  1 
ATOM   672  C  C   . ASN A 1 82  ? 3.299   6.035   15.383  1.00 20.92 ? 174 ASN A C   1 
ATOM   673  O  O   . ASN A 1 82  ? 2.202   6.028   14.860  1.00 19.27 ? 174 ASN A O   1 
ATOM   674  C  CB  . ASN A 1 82  ? 4.827   6.468   17.495  1.00 22.84 ? 174 ASN A CB  1 
ATOM   675  C  CG  . ASN A 1 82  ? 4.957   7.316   18.781  1.00 26.61 ? 174 ASN A CG  1 
ATOM   676  O  OD1 . ASN A 1 82  ? 5.251   6.809   19.876  1.00 30.85 ? 174 ASN A OD1 1 
ATOM   677  N  ND2 . ASN A 1 82  ? 4.707   8.601   18.644  1.00 26.64 ? 174 ASN A ND2 1 
ATOM   678  N  N   . THR A 1 83  ? 4.382   5.592   14.725  1.00 19.34 ? 175 THR A N   1 
ATOM   679  C  CA  . THR A 1 83  ? 4.258   5.039   13.355  1.00 17.84 ? 175 THR A CA  1 
ATOM   680  C  C   . THR A 1 83  ? 3.447   3.691   13.304  1.00 16.66 ? 175 THR A C   1 
ATOM   681  O  O   . THR A 1 83  ? 3.681   2.728   14.083  1.00 14.56 ? 175 THR A O   1 
ATOM   682  C  CB  . THR A 1 83  ? 5.661   4.835   12.716  1.00 19.29 ? 175 THR A CB  1 
ATOM   683  O  OG1 . THR A 1 83  ? 6.362   6.082   12.742  1.00 21.38 ? 175 THR A OG1 1 
ATOM   684  C  CG2 . THR A 1 83  ? 5.545   4.349   11.308  1.00 21.83 ? 175 THR A CG2 1 
ATOM   685  N  N   . LEU A 1 84  ? 2.482   3.638   12.393  1.00 13.91 ? 176 LEU A N   1 
ATOM   686  C  CA  . LEU A 1 84  ? 1.546   2.470   12.236  1.00 15.57 ? 176 LEU A CA  1 
ATOM   687  C  C   . LEU A 1 84  ? 1.963   1.548   11.119  1.00 14.49 ? 176 LEU A C   1 
ATOM   688  O  O   . LEU A 1 84  ? 1.675   0.343   11.197  1.00 15.31 ? 176 LEU A O   1 
ATOM   689  C  CB  . LEU A 1 84  ? 0.116   2.968   11.949  1.00 17.65 ? 176 LEU A CB  1 
ATOM   690  C  CG  . LEU A 1 84  ? -0.462  4.069   12.873  1.00 18.06 ? 176 LEU A CG  1 
ATOM   691  C  CD1 . LEU A 1 84  ? -1.865  4.383   12.503  1.00 18.13 ? 176 LEU A CD1 1 
ATOM   692  C  CD2 . LEU A 1 84  ? -0.359  3.721   14.342  1.00 19.87 ? 176 LEU A CD2 1 
ATOM   693  N  N   . ALA A 1 85  ? 2.630   2.121   10.124  1.00 15.31 ? 177 ALA A N   1 
ATOM   694  C  CA  . ALA A 1 85  ? 2.945   1.459   8.830   1.00 14.86 ? 177 ALA A CA  1 
ATOM   695  C  C   . ALA A 1 85  ? 3.745   2.383   7.928   1.00 14.73 ? 177 ALA A C   1 
ATOM   696  O  O   . ALA A 1 85  ? 3.803   3.601   8.085   1.00 16.44 ? 177 ALA A O   1 
ATOM   697  C  CB  . ALA A 1 85  ? 1.630   0.985   8.138   1.00 15.18 ? 177 ALA A CB  1 
ATOM   698  N  N   . HIS A 1 86  ? 4.417   1.822   6.912   1.00 15.87 ? 178 HIS A N   1 
ATOM   699  C  CA  . HIS A 1 86  ? 5.108   2.663   5.918   1.00 14.30 ? 178 HIS A CA  1 
ATOM   700  C  C   . HIS A 1 86  ? 5.223   1.861   4.591   1.00 13.24 ? 178 HIS A C   1 
ATOM   701  O  O   . HIS A 1 86  ? 4.975   0.637   4.566   1.00 12.01 ? 178 HIS A O   1 
ATOM   702  C  CB  . HIS A 1 86  ? 6.420   3.229   6.427   1.00 14.43 ? 178 HIS A CB  1 
ATOM   703  C  CG  . HIS A 1 86  ? 7.435   2.208   6.803   1.00 14.96 ? 178 HIS A CG  1 
ATOM   704  N  ND1 . HIS A 1 86  ? 8.210   2.380   7.910   1.00 13.95 ? 178 HIS A ND1 1 
ATOM   705  C  CD2 . HIS A 1 86  ? 7.817   1.030   6.237   1.00 15.70 ? 178 HIS A CD2 1 
ATOM   706  C  CE1 . HIS A 1 86  ? 9.093   1.389   7.970   1.00 15.76 ? 178 HIS A CE1 1 
ATOM   707  N  NE2 . HIS A 1 86  ? 8.853   0.532   7.009   1.00 15.12 ? 178 HIS A NE2 1 
ATOM   708  N  N   . ALA A 1 87  ? 5.515   2.572   3.496   1.00 12.71 ? 179 ALA A N   1 
ATOM   709  C  CA  . ALA A 1 87  ? 5.765   1.940   2.179   1.00 13.33 ? 179 ALA A CA  1 
ATOM   710  C  C   . ALA A 1 87  ? 6.630   2.766   1.280   1.00 14.53 ? 179 ALA A C   1 
ATOM   711  O  O   . ALA A 1 87  ? 6.672   3.976   1.394   1.00 15.63 ? 179 ALA A O   1 
ATOM   712  C  CB  . ALA A 1 87  ? 4.461   1.715   1.508   1.00 13.53 ? 179 ALA A CB  1 
ATOM   713  N  N   . PHE A 1 88  ? 7.282   2.072   0.358   1.00 13.17 ? 180 PHE A N   1 
ATOM   714  C  CA  . PHE A 1 88  ? 8.261   2.624   -0.539  1.00 12.82 ? 180 PHE A CA  1 
ATOM   715  C  C   . PHE A 1 88  ? 7.794   2.825   -1.980  1.00 13.97 ? 180 PHE A C   1 
ATOM   716  O  O   . PHE A 1 88  ? 7.065   2.055   -2.550  1.00 13.43 ? 180 PHE A O   1 
ATOM   717  C  CB  . PHE A 1 88  ? 9.535   1.806   -0.587  1.00 13.00 ? 180 PHE A CB  1 
ATOM   718  C  CG  . PHE A 1 88  ? 10.232  1.605   0.771   1.00 14.98 ? 180 PHE A CG  1 
ATOM   719  C  CD1 . PHE A 1 88  ? 11.194  2.537   1.166   1.00 16.54 ? 180 PHE A CD1 1 
ATOM   720  C  CD2 . PHE A 1 88  ? 9.943   0.539   1.604   1.00 15.70 ? 180 PHE A CD2 1 
ATOM   721  C  CE1 . PHE A 1 88  ? 11.854  2.432   2.391   1.00 17.48 ? 180 PHE A CE1 1 
ATOM   722  C  CE2 . PHE A 1 88  ? 10.621  0.411   2.869   1.00 17.17 ? 180 PHE A CE2 1 
ATOM   723  C  CZ  . PHE A 1 88  ? 11.574  1.365   3.222   1.00 16.40 ? 180 PHE A CZ  1 
ATOM   724  N  N   . ALA A 1 89  ? 8.247   3.943   -2.547  1.00 13.15 ? 181 ALA A N   1 
ATOM   725  C  CA  . ALA A 1 89  ? 7.934   4.292   -3.961  1.00 14.90 ? 181 ALA A CA  1 
ATOM   726  C  C   . ALA A 1 89  ? 8.437   3.223   -4.926  1.00 14.74 ? 181 ALA A C   1 
ATOM   727  O  O   . ALA A 1 89  ? 9.393   2.522   -4.598  1.00 13.19 ? 181 ALA A O   1 
ATOM   728  C  CB  . ALA A 1 89  ? 8.553   5.671   -4.304  1.00 14.34 ? 181 ALA A CB  1 
ATOM   729  N  N   . PRO A 1 90  ? 7.832   3.092   -6.122  1.00 16.20 ? 182 PRO A N   1 
ATOM   730  C  CA  . PRO A 1 90  ? 8.236   2.071   -7.097  1.00 16.74 ? 182 PRO A CA  1 
ATOM   731  C  C   . PRO A 1 90  ? 9.730   2.157   -7.422  1.00 16.69 ? 182 PRO A C   1 
ATOM   732  O  O   . PRO A 1 90  ? 10.321  3.285   -7.512  1.00 16.56 ? 182 PRO A O   1 
ATOM   733  C  CB  . PRO A 1 90  ? 7.459   2.479   -8.368  1.00 17.63 ? 182 PRO A CB  1 
ATOM   734  C  CG  . PRO A 1 90  ? 6.235   3.111   -7.841  1.00 17.02 ? 182 PRO A CG  1 
ATOM   735  C  CD  . PRO A 1 90  ? 6.677   3.883   -6.645  1.00 16.69 ? 182 PRO A CD  1 
ATOM   736  N  N   . GLY A 1 91  ? 10.349  0.996   -7.565  1.00 16.14 ? 183 GLY A N   1 
ATOM   737  C  CA  . GLY A 1 91  ? 11.777  0.868   -7.810  1.00 16.93 ? 183 GLY A CA  1 
ATOM   738  C  C   . GLY A 1 91  ? 12.289  -0.501  -7.452  1.00 16.59 ? 183 GLY A C   1 
ATOM   739  O  O   . GLY A 1 91  ? 11.475  -1.377  -7.105  1.00 16.67 ? 183 GLY A O   1 
ATOM   740  N  N   . THR A 1 92  ? 13.588  -0.733  -7.641  1.00 17.32 ? 184 THR A N   1 
ATOM   741  C  CA  . THR A 1 92  ? 14.176  -2.054  -7.349  1.00 17.59 ? 184 THR A CA  1 
ATOM   742  C  C   . THR A 1 92  ? 14.262  -2.209  -5.833  1.00 18.95 ? 184 THR A C   1 
ATOM   743  O  O   . THR A 1 92  ? 14.156  -1.203  -5.106  1.00 19.89 ? 184 THR A O   1 
ATOM   744  C  CB  . THR A 1 92  ? 15.579  -2.247  -7.976  1.00 18.86 ? 184 THR A CB  1 
ATOM   745  O  OG1 . THR A 1 92  ? 16.449  -1.203  -7.571  1.00 20.65 ? 184 THR A OG1 1 
ATOM   746  C  CG2 . THR A 1 92  ? 15.448  -2.259  -9.487  1.00 19.52 ? 184 THR A CG2 1 
ATOM   747  N  N   . GLY A 1 93  ? 14.574  -3.429  -5.409  1.00 16.59 ? 185 GLY A N   1 
ATOM   748  C  CA  . GLY A 1 93  ? 14.899  -3.722  -3.972  1.00 17.97 ? 185 GLY A CA  1 
ATOM   749  C  C   . GLY A 1 93  ? 13.731  -3.382  -3.058  1.00 15.89 ? 185 GLY A C   1 
ATOM   750  O  O   . GLY A 1 93  ? 12.650  -3.943  -3.209  1.00 18.09 ? 185 GLY A O   1 
ATOM   751  N  N   . LEU A 1 94  ? 13.953  -2.443  -2.128  1.00 17.03 ? 186 LEU A N   1 
ATOM   752  C  CA  . LEU A 1 94  ? 12.927  -1.997  -1.161  1.00 17.42 ? 186 LEU A CA  1 
ATOM   753  C  C   . LEU A 1 94  ? 11.754  -1.307  -1.861  1.00 16.13 ? 186 LEU A C   1 
ATOM   754  O  O   . LEU A 1 94  ? 10.645  -1.182  -1.304  1.00 15.31 ? 186 LEU A O   1 
ATOM   755  C  CB  . LEU A 1 94  ? 13.534  -1.093  -0.078  1.00 19.55 ? 186 LEU A CB  1 
ATOM   756  C  CG  . LEU A 1 94  ? 14.407  -1.769  0.974   1.00 22.31 ? 186 LEU A CG  1 
ATOM   757  C  CD1 . LEU A 1 94  ? 15.124  -0.737  1.860   1.00 23.34 ? 186 LEU A CD1 1 
ATOM   758  C  CD2 . LEU A 1 94  ? 13.639  -2.810  1.758   1.00 23.34 ? 186 LEU A CD2 1 
ATOM   759  N  N   . GLY A 1 95  ? 11.975  -0.868  -3.104  1.00 15.58 ? 187 GLY A N   1 
ATOM   760  C  CA  . GLY A 1 95  ? 10.951  -0.159  -3.806  1.00 15.25 ? 187 GLY A CA  1 
ATOM   761  C  C   . GLY A 1 95  ? 9.679   -0.925  -3.875  1.00 15.38 ? 187 GLY A C   1 
ATOM   762  O  O   . GLY A 1 95  ? 9.716   -2.135  -4.085  1.00 14.53 ? 187 GLY A O   1 
ATOM   763  N  N   . GLY A 1 96  ? 8.536   -0.268  -3.652  1.00 14.70 ? 188 GLY A N   1 
ATOM   764  C  CA  . GLY A 1 96  ? 7.280   -0.948  -3.716  1.00 15.60 ? 188 GLY A CA  1 
ATOM   765  C  C   . GLY A 1 96  ? 6.872   -1.648  -2.398  1.00 14.61 ? 188 GLY A C   1 
ATOM   766  O  O   . GLY A 1 96  ? 5.740   -1.870  -2.226  1.00 16.43 ? 188 GLY A O   1 
ATOM   767  N  N   . ASP A 1 97  ? 7.797   -1.989  -1.514  1.00 15.46 ? 189 ASP A N   1 
ATOM   768  C  CA  . ASP A 1 97  ? 7.435   -2.809  -0.327  1.00 16.30 ? 189 ASP A CA  1 
ATOM   769  C  C   . ASP A 1 97  ? 6.525   -2.028  0.641   1.00 15.02 ? 189 ASP A C   1 
ATOM   770  O  O   . ASP A 1 97  ? 6.643   -0.796  0.710   1.00 15.04 ? 189 ASP A O   1 
ATOM   771  C  CB  . ASP A 1 97  ? 8.712   -3.366  0.349   1.00 17.21 ? 189 ASP A CB  1 
ATOM   772  C  CG  . ASP A 1 97  ? 9.606   -4.240  -0.617  1.00 18.92 ? 189 ASP A CG  1 
ATOM   773  O  OD1 . ASP A 1 97  ? 9.215   -4.467  -1.818  1.00 16.60 ? 189 ASP A OD1 1 
ATOM   774  O  OD2 . ASP A 1 97  ? 10.701  -4.729  -0.125  1.00 20.15 ? 189 ASP A OD2 1 
ATOM   775  N  N   . ALA A 1 98  ? 5.640   -2.727  1.363   1.00 12.50 ? 190 ALA A N   1 
ATOM   776  C  CA  . ALA A 1 98  ? 4.654   -2.126  2.317   1.00 11.96 ? 190 ALA A CA  1 
ATOM   777  C  C   . ALA A 1 98  ? 4.674   -2.896  3.608   1.00 12.98 ? 190 ALA A C   1 
ATOM   778  O  O   . ALA A 1 98  ? 4.526   -4.181  3.580   1.00 12.95 ? 190 ALA A O   1 
ATOM   779  C  CB  . ALA A 1 98  ? 3.300   -2.154  1.674   1.00 11.91 ? 190 ALA A CB  1 
ATOM   780  N  N   . HIS A 1 99  ? 5.025   -2.210  4.690   1.00 12.77 ? 191 HIS A N   1 
ATOM   781  C  CA  . HIS A 1 99  ? 5.198   -2.834  6.011   1.00 14.05 ? 191 HIS A CA  1 
ATOM   782  C  C   . HIS A 1 99  ? 4.184   -2.283  6.980   1.00 13.77 ? 191 HIS A C   1 
ATOM   783  O  O   . HIS A 1 99  ? 3.888   -1.091  6.935   1.00 15.16 ? 191 HIS A O   1 
ATOM   784  C  CB  . HIS A 1 99  ? 6.584   -2.671  6.528   1.00 13.77 ? 191 HIS A CB  1 
ATOM   785  C  CG  . HIS A 1 99  ? 7.638   -3.216  5.613   1.00 13.66 ? 191 HIS A CG  1 
ATOM   786  N  ND1 . HIS A 1 99  ? 8.889   -2.637  5.492   1.00 14.01 ? 191 HIS A ND1 1 
ATOM   787  C  CD2 . HIS A 1 99  ? 7.595   -4.236  4.723   1.00 14.02 ? 191 HIS A CD2 1 
ATOM   788  C  CE1 . HIS A 1 99  ? 9.542   -3.255  4.524   1.00 12.24 ? 191 HIS A CE1 1 
ATOM   789  N  NE2 . HIS A 1 99  ? 8.788   -4.241  4.057   1.00 12.78 ? 191 HIS A NE2 1 
ATOM   790  N  N   . PHE A 1 100 ? 3.676   -3.151  7.861   1.00 13.25 ? 192 PHE A N   1 
ATOM   791  C  CA  . PHE A 1 100 ? 2.646   -2.825  8.902   1.00 14.32 ? 192 PHE A CA  1 
ATOM   792  C  C   . PHE A 1 100 ? 3.192   -3.164  10.303  1.00 14.66 ? 192 PHE A C   1 
ATOM   793  O  O   . PHE A 1 100 ? 3.724   -4.256  10.489  1.00 16.04 ? 192 PHE A O   1 
ATOM   794  C  CB  . PHE A 1 100 ? 1.361   -3.578  8.625   1.00 15.03 ? 192 PHE A CB  1 
ATOM   795  C  CG  . PHE A 1 100 ? 0.741   -3.222  7.294   1.00 15.58 ? 192 PHE A CG  1 
ATOM   796  C  CD1 . PHE A 1 100 ? 1.188   -3.816  6.129   1.00 16.91 ? 192 PHE A CD1 1 
ATOM   797  C  CD2 . PHE A 1 100 ? -0.240  -2.258  7.210   1.00 16.11 ? 192 PHE A CD2 1 
ATOM   798  C  CE1 . PHE A 1 100 ? 0.657   -3.463  4.890   1.00 17.40 ? 192 PHE A CE1 1 
ATOM   799  C  CE2 . PHE A 1 100 ? -0.766  -1.890  5.982   1.00 14.84 ? 192 PHE A CE2 1 
ATOM   800  C  CZ  . PHE A 1 100 ? -0.344  -2.534  4.823   1.00 17.03 ? 192 PHE A CZ  1 
ATOM   801  N  N   . ASP A 1 101 ? 3.028   -2.266  11.290  1.00 15.62 ? 193 ASP A N   1 
ATOM   802  C  CA  . ASP A 1 101 ? 3.527   -2.473  12.710  1.00 15.55 ? 193 ASP A CA  1 
ATOM   803  C  C   . ASP A 1 101 ? 2.647   -3.476  13.506  1.00 17.28 ? 193 ASP A C   1 
ATOM   804  O  O   . ASP A 1 101 ? 1.466   -3.241  13.771  1.00 14.92 ? 193 ASP A O   1 
ATOM   805  C  CB  . ASP A 1 101 ? 3.701   -1.108  13.436  1.00 17.13 ? 193 ASP A CB  1 
ATOM   806  C  CG  . ASP A 1 101 ? 4.485   -1.194  14.746  1.00 17.00 ? 193 ASP A CG  1 
ATOM   807  O  OD1 . ASP A 1 101 ? 4.772   -2.283  15.237  1.00 17.29 ? 193 ASP A OD1 1 
ATOM   808  O  OD2 . ASP A 1 101 ? 4.930   -0.137  15.265  1.00 15.92 ? 193 ASP A OD2 1 
ATOM   809  N  N   . GLU A 1 102 ? 3.236   -4.603  13.845  1.00 17.47 ? 194 GLU A N   1 
ATOM   810  C  CA  . GLU A 1 102 ? 2.544   -5.701  14.583  1.00 20.54 ? 194 GLU A CA  1 
ATOM   811  C  C   . GLU A 1 102 ? 2.169   -5.284  16.007  1.00 18.32 ? 194 GLU A C   1 
ATOM   812  O  O   . GLU A 1 102 ? 1.309   -5.900  16.612  1.00 16.83 ? 194 GLU A O   1 
ATOM   813  C  CB  . GLU A 1 102 ? 3.419   -6.967  14.598  1.00 23.39 ? 194 GLU A CB  1 
ATOM   814  C  CG  . GLU A 1 102 ? 2.803   -8.301  15.155  1.00 24.77 ? 194 GLU A CG  1 
ATOM   815  C  CD  . GLU A 1 102 ? 1.554   -8.820  14.480  1.00 28.72 ? 194 GLU A CD  1 
ATOM   816  O  OE1 . GLU A 1 102 ? 1.173   -10.003 14.763  1.00 29.16 ? 194 GLU A OE1 1 
ATOM   817  O  OE2 . GLU A 1 102 ? 0.884   -8.066  13.752  1.00 32.67 ? 194 GLU A OE2 1 
ATOM   818  N  N   . ASP A 1 103 ? 2.801   -4.214  16.526  1.00 17.50 ? 195 ASP A N   1 
ATOM   819  C  CA  . ASP A 1 103 ? 2.500   -3.703  17.870  1.00 18.67 ? 195 ASP A CA  1 
ATOM   820  C  C   . ASP A 1 103 ? 1.231   -2.851  17.998  1.00 20.08 ? 195 ASP A C   1 
ATOM   821  O  O   . ASP A 1 103 ? 0.879   -2.412  19.085  1.00 20.20 ? 195 ASP A O   1 
ATOM   822  C  CB  . ASP A 1 103 ? 3.730   -3.037  18.517  1.00 18.98 ? 195 ASP A CB  1 
ATOM   823  C  CG  . ASP A 1 103 ? 4.756   -4.061  18.965  1.00 20.91 ? 195 ASP A CG  1 
ATOM   824  O  OD1 . ASP A 1 103 ? 4.321   -5.233  19.169  1.00 22.61 ? 195 ASP A OD1 1 
ATOM   825  O  OD2 . ASP A 1 103 ? 5.983   -3.705  19.053  1.00 21.40 ? 195 ASP A OD2 1 
ATOM   826  N  N   . GLU A 1 104 ? 0.494   -2.704  16.905  1.00 17.05 ? 196 GLU A N   1 
ATOM   827  C  CA  . GLU A 1 104 ? -0.865  -2.116  16.929  1.00 17.34 ? 196 GLU A CA  1 
ATOM   828  C  C   . GLU A 1 104 ? -1.991  -3.150  16.906  1.00 18.74 ? 196 GLU A C   1 
ATOM   829  O  O   . GLU A 1 104 ? -1.718  -4.369  16.856  1.00 22.30 ? 196 GLU A O   1 
ATOM   830  C  CB  . GLU A 1 104 ? -1.077  -1.141  15.740  1.00 17.14 ? 196 GLU A CB  1 
ATOM   831  C  CG  . GLU A 1 104 ? 0.102   -0.352  15.300  1.00 17.17 ? 196 GLU A CG  1 
ATOM   832  C  CD  . GLU A 1 104 ? 0.778   0.491   16.337  1.00 16.52 ? 196 GLU A CD  1 
ATOM   833  O  OE1 . GLU A 1 104 ? 0.159   0.867   17.382  1.00 19.28 ? 196 GLU A OE1 1 
ATOM   834  O  OE2 . GLU A 1 104 ? 1.934   0.797   16.084  1.00 14.85 ? 196 GLU A OE2 1 
ATOM   835  N  N   . ARG A 1 105 ? -3.271  -2.698  16.872  1.00 17.49 ? 197 ARG A N   1 
ATOM   836  C  CA  . ARG A 1 105 ? -4.420  -3.618  16.744  1.00 18.27 ? 197 ARG A CA  1 
ATOM   837  C  C   . ARG A 1 105 ? -5.077  -3.321  15.372  1.00 18.40 ? 197 ARG A C   1 
ATOM   838  O  O   . ARG A 1 105 ? -5.449  -2.151  15.097  1.00 19.54 ? 197 ARG A O   1 
ATOM   839  C  CB  . ARG A 1 105 ? -5.510  -3.408  17.801  1.00 18.97 ? 197 ARG A CB  1 
ATOM   840  C  CG  . ARG A 1 105 ? -6.552  -4.478  17.752  1.00 19.15 ? 197 ARG A CG  1 
ATOM   841  C  CD  . ARG A 1 105 ? -7.610  -4.350  18.816  1.00 20.83 ? 197 ARG A CD  1 
ATOM   842  N  NE  . ARG A 1 105 ? -8.633  -5.392  18.644  1.00 20.86 ? 197 ARG A NE  1 
ATOM   843  C  CZ  . ARG A 1 105 ? -8.667  -6.588  19.231  1.00 23.23 ? 197 ARG A CZ  1 
ATOM   844  N  NH1 . ARG A 1 105 ? -7.689  -7.023  20.045  1.00 23.16 ? 197 ARG A NH1 1 
ATOM   845  N  NH2 . ARG A 1 105 ? -9.678  -7.401  18.953  1.00 23.35 ? 197 ARG A NH2 1 
ATOM   846  N  N   . TRP A 1 106 ? -5.178  -4.365  14.545  1.00 17.60 ? 198 TRP A N   1 
ATOM   847  C  CA  . TRP A 1 106 ? -5.766  -4.275  13.186  1.00 15.63 ? 198 TRP A CA  1 
ATOM   848  C  C   . TRP A 1 106 ? -7.071  -5.020  13.148  1.00 17.45 ? 198 TRP A C   1 
ATOM   849  O  O   . TRP A 1 106 ? -7.191  -6.048  13.802  1.00 17.34 ? 198 TRP A O   1 
ATOM   850  C  CB  . TRP A 1 106 ? -4.763  -4.911  12.182  1.00 14.67 ? 198 TRP A CB  1 
ATOM   851  C  CG  . TRP A 1 106 ? -3.408  -4.264  12.213  1.00 14.71 ? 198 TRP A CG  1 
ATOM   852  C  CD1 . TRP A 1 106 ? -2.310  -4.654  13.000  1.00 15.33 ? 198 TRP A CD1 1 
ATOM   853  C  CD2 . TRP A 1 106 ? -3.008  -3.055  11.556  1.00 14.75 ? 198 TRP A CD2 1 
ATOM   854  N  NE1 . TRP A 1 106 ? -1.300  -3.778  12.831  1.00 15.28 ? 198 TRP A NE1 1 
ATOM   855  C  CE2 . TRP A 1 106 ? -1.664  -2.793  11.934  1.00 14.19 ? 198 TRP A CE2 1 
ATOM   856  C  CE3 . TRP A 1 106 ? -3.635  -2.174  10.644  1.00 14.77 ? 198 TRP A CE3 1 
ATOM   857  C  CZ2 . TRP A 1 106 ? -0.961  -1.674  11.496  1.00 14.62 ? 198 TRP A CZ2 1 
ATOM   858  C  CZ3 . TRP A 1 106 ? -2.910  -1.101  10.160  1.00 15.29 ? 198 TRP A CZ3 1 
ATOM   859  C  CH2 . TRP A 1 106 ? -1.596  -0.831  10.608  1.00 14.64 ? 198 TRP A CH2 1 
ATOM   860  N  N   . THR A 1 107 ? -8.076  -4.527  12.395  1.00 17.43 ? 199 THR A N   1 
ATOM   861  C  CA  . THR A 1 107 ? -9.351  -5.234  12.239  1.00 17.74 ? 199 THR A CA  1 
ATOM   862  C  C   . THR A 1 107 ? -9.872  -5.277  10.778  1.00 16.99 ? 199 THR A C   1 
ATOM   863  O  O   . THR A 1 107 ? -9.461  -4.471  9.915   1.00 17.12 ? 199 THR A O   1 
ATOM   864  C  CB  . THR A 1 107 ? -10.418 -4.566  13.135  1.00 18.74 ? 199 THR A CB  1 
ATOM   865  O  OG1 . THR A 1 107 ? -11.623 -5.292  13.062  1.00 19.54 ? 199 THR A OG1 1 
ATOM   866  C  CG2 . THR A 1 107 ? -10.682 -3.136  12.706  1.00 19.42 ? 199 THR A CG2 1 
ATOM   867  N  N   . ASP A 1 108 ? -10.731 -6.253  10.530  1.00 15.79 ? 200 ASP A N   1 
ATOM   868  C  CA  . ASP A 1 108 ? -11.447 -6.393  9.254   1.00 18.40 ? 200 ASP A CA  1 
ATOM   869  C  C   . ASP A 1 108 ? -12.759 -5.587  9.282   1.00 21.39 ? 200 ASP A C   1 
ATOM   870  O  O   . ASP A 1 108 ? -13.540 -5.666  8.317   1.00 22.27 ? 200 ASP A O   1 
ATOM   871  C  CB  . ASP A 1 108 ? -11.724 -7.896  8.926   1.00 18.10 ? 200 ASP A CB  1 
ATOM   872  C  CG  . ASP A 1 108 ? -12.629 -8.578  9.923   1.00 21.51 ? 200 ASP A CG  1 
ATOM   873  O  OD1 . ASP A 1 108 ? -13.076 -7.895  10.842  1.00 23.25 ? 200 ASP A OD1 1 
ATOM   874  O  OD2 . ASP A 1 108 ? -12.891 -9.847  9.855   1.00 21.98 ? 200 ASP A OD2 1 
ATOM   875  N  N   . GLY A 1 109 ? -13.006 -4.868  10.383  1.00 21.63 ? 201 GLY A N   1 
ATOM   876  C  CA  . GLY A 1 109 ? -14.218 -4.032  10.574  1.00 22.66 ? 201 GLY A CA  1 
ATOM   877  C  C   . GLY A 1 109 ? -15.112 -4.579  11.656  1.00 24.35 ? 201 GLY A C   1 
ATOM   878  O  O   . GLY A 1 109 ? -15.976 -3.856  12.139  1.00 27.15 ? 201 GLY A O   1 
ATOM   879  N  N   . SER A 1 110 ? -14.990 -5.871  11.992  1.00 24.46 ? 202 SER A N   1 
ATOM   880  C  CA  . SER A 1 110 ? -15.824 -6.491  13.029  1.00 26.01 ? 202 SER A CA  1 
ATOM   881  C  C   . SER A 1 110 ? -15.395 -6.376  14.504  1.00 26.63 ? 202 SER A C   1 
ATOM   882  O  O   . SER A 1 110 ? -16.111 -6.922  15.395  1.00 27.63 ? 202 SER A O   1 
ATOM   883  C  CB  . SER A 1 110 ? -16.074 -7.961  12.653  1.00 25.92 ? 202 SER A CB  1 
ATOM   884  O  OG  . SER A 1 110 ? -14.913 -8.741  12.801  1.00 26.37 ? 202 SER A OG  1 
ATOM   885  N  N   . SER A 1 111 ? -14.275 -5.699  14.781  1.00 25.00 ? 203 SER A N   1 
ATOM   886  C  CA  . SER A 1 111 ? -13.720 -5.582  16.141  1.00 23.37 ? 203 SER A CA  1 
ATOM   887  C  C   . SER A 1 111 ? -13.127 -4.174  16.317  1.00 21.33 ? 203 SER A C   1 
ATOM   888  O  O   . SER A 1 111 ? -13.168 -3.386  15.388  1.00 25.98 ? 203 SER A O   1 
ATOM   889  C  CB  . SER A 1 111 ? -12.569 -6.566  16.332  1.00 23.36 ? 203 SER A CB  1 
ATOM   890  O  OG  . SER A 1 111 ? -12.206 -6.684  17.718  1.00 22.47 ? 203 SER A OG  1 
ATOM   891  N  N   . LEU A 1 112 ? -12.485 -3.916  17.459  1.00 21.25 ? 204 LEU A N   1 
ATOM   892  C  CA  . LEU A 1 112 ? -11.688 -2.690  17.673  1.00 20.53 ? 204 LEU A CA  1 
ATOM   893  C  C   . LEU A 1 112 ? -10.426 -2.842  16.812  1.00 18.81 ? 204 LEU A C   1 
ATOM   894  O  O   . LEU A 1 112 ? -9.940  -3.936  16.657  1.00 20.95 ? 204 LEU A O   1 
ATOM   895  C  CB  . LEU A 1 112 ? -11.149 -2.521  19.105  1.00 20.95 ? 204 LEU A CB  1 
ATOM   896  C  CG  . LEU A 1 112 ? -12.059 -2.364  20.300  1.00 23.83 ? 204 LEU A CG  1 
ATOM   897  C  CD1 . LEU A 1 112 ? -11.233 -2.074  21.523  1.00 22.59 ? 204 LEU A CD1 1 
ATOM   898  C  CD2 . LEU A 1 112 ? -13.119 -1.319  20.135  1.00 23.61 ? 204 LEU A CD2 1 
ATOM   899  N  N   . GLY A 1 113 ? -9.935  -1.725  16.290  1.00 19.10 ? 205 GLY A N   1 
ATOM   900  C  CA  . GLY A 1 113 ? -8.630  -1.675  15.614  1.00 18.84 ? 205 GLY A CA  1 
ATOM   901  C  C   . GLY A 1 113 ? -8.619  -0.664  14.487  1.00 16.63 ? 205 GLY A C   1 
ATOM   902  O  O   . GLY A 1 113 ? -9.641  -0.072  14.142  1.00 17.79 ? 205 GLY A O   1 
ATOM   903  N  N   . ILE A 1 114 ? -7.428  -0.514  13.928  1.00 15.18 ? 206 ILE A N   1 
ATOM   904  C  CA  . ILE A 1 114 ? -7.190  0.212   12.705  1.00 17.95 ? 206 ILE A CA  1 
ATOM   905  C  C   . ILE A 1 114 ? -7.820  -0.576  11.575  1.00 16.89 ? 206 ILE A C   1 
ATOM   906  O  O   . ILE A 1 114 ? -7.669  -1.787  11.505  1.00 16.78 ? 206 ILE A O   1 
ATOM   907  C  CB  . ILE A 1 114 ? -5.687  0.399   12.370  1.00 19.12 ? 206 ILE A CB  1 
ATOM   908  C  CG1 . ILE A 1 114 ? -4.888  1.006   13.540  1.00 20.52 ? 206 ILE A CG1 1 
ATOM   909  C  CG2 . ILE A 1 114 ? -5.570  1.271   11.099  1.00 17.55 ? 206 ILE A CG2 1 
ATOM   910  C  CD1 . ILE A 1 114 ? -3.395  0.727   13.413  1.00 20.31 ? 206 ILE A CD1 1 
ATOM   911  N  N   . ASN A 1 115 ? -8.579  0.105   10.714  1.00 17.73 ? 207 ASN A N   1 
ATOM   912  C  CA  . ASN A 1 115 ? -9.225  -0.551  9.572   1.00 19.39 ? 207 ASN A CA  1 
ATOM   913  C  C   . ASN A 1 115 ? -8.136  -0.985  8.568   1.00 16.91 ? 207 ASN A C   1 
ATOM   914  O  O   . ASN A 1 115 ? -7.578  -0.181  7.882   1.00 16.58 ? 207 ASN A O   1 
ATOM   915  C  CB  . ASN A 1 115 ? -10.298 0.352   8.878   1.00 18.74 ? 207 ASN A CB  1 
ATOM   916  C  CG  . ASN A 1 115 ? -11.114 -0.417  7.844   1.00 23.83 ? 207 ASN A CG  1 
ATOM   917  O  OD1 . ASN A 1 115 ? -10.696 -0.564  6.684   1.00 21.82 ? 207 ASN A OD1 1 
ATOM   918  N  ND2 . ASN A 1 115 ? -12.276 -0.946  8.258   1.00 24.51 ? 207 ASN A ND2 1 
ATOM   919  N  N   . PHE A 1 116 ? -7.915  -2.288  8.446   1.00 16.92 ? 208 PHE A N   1 
ATOM   920  C  CA  . PHE A 1 116 ? -6.802  -2.804  7.624   1.00 15.66 ? 208 PHE A CA  1 
ATOM   921  C  C   . PHE A 1 116 ? -7.018  -2.512  6.128   1.00 15.70 ? 208 PHE A C   1 
ATOM   922  O  O   . PHE A 1 116 ? -6.060  -2.222  5.413   1.00 16.17 ? 208 PHE A O   1 
ATOM   923  C  CB  . PHE A 1 116 ? -6.628  -4.337  7.810   1.00 16.93 ? 208 PHE A CB  1 
ATOM   924  C  CG  . PHE A 1 116 ? -5.484  -4.888  6.983   1.00 16.75 ? 208 PHE A CG  1 
ATOM   925  C  CD1 . PHE A 1 116 ? -4.176  -4.461  7.202   1.00 17.51 ? 208 PHE A CD1 1 
ATOM   926  C  CD2 . PHE A 1 116 ? -5.700  -5.804  5.960   1.00 18.77 ? 208 PHE A CD2 1 
ATOM   927  C  CE1 . PHE A 1 116 ? -3.130  -4.951  6.396   1.00 16.31 ? 208 PHE A CE1 1 
ATOM   928  C  CE2 . PHE A 1 116 ? -4.665  -6.299  5.172   1.00 16.57 ? 208 PHE A CE2 1 
ATOM   929  C  CZ  . PHE A 1 116 ? -3.398  -5.868  5.376   1.00 17.67 ? 208 PHE A CZ  1 
ATOM   930  N  N   . LEU A 1 117 ? -8.248  -2.619  5.639   1.00 16.18 ? 209 LEU A N   1 
ATOM   931  C  CA  . LEU A 1 117 ? -8.500  -2.347  4.228   1.00 15.25 ? 209 LEU A CA  1 
ATOM   932  C  C   . LEU A 1 117 ? -8.128  -0.897  3.898   1.00 15.76 ? 209 LEU A C   1 
ATOM   933  O  O   . LEU A 1 117 ? -7.473  -0.630  2.906   1.00 13.57 ? 209 LEU A O   1 
ATOM   934  C  CB  . LEU A 1 117 ? -9.963  -2.552  3.833   1.00 16.38 ? 209 LEU A CB  1 
ATOM   935  C  CG  . LEU A 1 117 ? -10.359 -2.297  2.366   1.00 16.38 ? 209 LEU A CG  1 
ATOM   936  C  CD1 . LEU A 1 117 ? -9.530  -3.087  1.397   1.00 16.81 ? 209 LEU A CD1 1 
ATOM   937  C  CD2 . LEU A 1 117 ? -11.838 -2.444  2.020   1.00 19.45 ? 209 LEU A CD2 1 
ATOM   938  N  N   . TYR A 1 118 ? -8.595  0.030   4.725   1.00 15.12 ? 210 TYR A N   1 
ATOM   939  C  CA  . TYR A 1 118 ? -8.251  1.452   4.487   1.00 17.03 ? 210 TYR A CA  1 
ATOM   940  C  C   . TYR A 1 118 ? -6.716  1.636   4.560   1.00 14.86 ? 210 TYR A C   1 
ATOM   941  O  O   . TYR A 1 118 ? -6.093  2.240   3.687   1.00 13.95 ? 210 TYR A O   1 
ATOM   942  C  CB  . TYR A 1 118 ? -8.961  2.359   5.477   1.00 16.75 ? 210 TYR A CB  1 
ATOM   943  C  CG  . TYR A 1 118 ? -8.719  3.850   5.183   1.00 19.60 ? 210 TYR A CG  1 
ATOM   944  C  CD1 . TYR A 1 118 ? -7.575  4.509   5.654   1.00 20.73 ? 210 TYR A CD1 1 
ATOM   945  C  CD2 . TYR A 1 118 ? -9.639  4.580   4.411   1.00 21.36 ? 210 TYR A CD2 1 
ATOM   946  C  CE1 . TYR A 1 118 ? -7.349  5.873   5.385   1.00 20.72 ? 210 TYR A CE1 1 
ATOM   947  C  CE2 . TYR A 1 118 ? -9.442  5.940   4.137   1.00 23.53 ? 210 TYR A CE2 1 
ATOM   948  C  CZ  . TYR A 1 118 ? -8.299  6.585   4.603   1.00 22.48 ? 210 TYR A CZ  1 
ATOM   949  O  OH  . TYR A 1 118 ? -8.169  7.950   4.297   1.00 25.32 ? 210 TYR A OH  1 
ATOM   950  N  N   . ALA A 1 119 ? -6.089  1.150   5.624   1.00 16.56 ? 211 ALA A N   1 
ATOM   951  C  CA  . ALA A 1 119 ? -4.628  1.232   5.776   1.00 15.01 ? 211 ALA A CA  1 
ATOM   952  C  C   . ALA A 1 119 ? -3.869  0.638   4.579   1.00 14.08 ? 211 ALA A C   1 
ATOM   953  O  O   . ALA A 1 119 ? -2.929  1.177   4.100   1.00 13.31 ? 211 ALA A O   1 
ATOM   954  C  CB  . ALA A 1 119 ? -4.171  0.542   7.038   1.00 15.04 ? 211 ALA A CB  1 
ATOM   955  N  N   . ALA A 1 120 ? -4.272  -0.549  4.165   1.00 12.76 ? 212 ALA A N   1 
ATOM   956  C  CA  . ALA A 1 120 ? -3.612  -1.179  2.994   1.00 12.84 ? 212 ALA A CA  1 
ATOM   957  C  C   . ALA A 1 120 ? -3.799  -0.411  1.702   1.00 13.01 ? 212 ALA A C   1 
ATOM   958  O  O   . ALA A 1 120 ? -2.871  -0.353  0.860   1.00 13.89 ? 212 ALA A O   1 
ATOM   959  C  CB  . ALA A 1 120 ? -4.101  -2.662  2.794   1.00 13.37 ? 212 ALA A CB  1 
ATOM   960  N  N   . THR A 1 121 ? -4.990  0.176   1.491   1.00 13.30 ? 213 THR A N   1 
ATOM   961  C  CA  . THR A 1 121 ? -5.190  1.024   0.288   1.00 12.67 ? 213 THR A CA  1 
ATOM   962  C  C   . THR A 1 121 ? -4.263  2.287   0.315   1.00 12.38 ? 213 THR A C   1 
ATOM   963  O  O   . THR A 1 121 ? -3.646  2.640   -0.663  1.00 14.78 ? 213 THR A O   1 
ATOM   964  C  CB  . THR A 1 121 ? -6.695  1.318   0.146   1.00 12.95 ? 213 THR A CB  1 
ATOM   965  O  OG1 . THR A 1 121 ? -7.454  0.098   0.163   1.00 14.49 ? 213 THR A OG1 1 
ATOM   966  C  CG2 . THR A 1 121 ? -6.967  2.007   -1.161  1.00 13.34 ? 213 THR A CG2 1 
ATOM   967  N  N   . HIS A 1 122 ? -4.099  2.894   1.477   1.00 11.21 ? 214 HIS A N   1 
ATOM   968  C  CA  . HIS A 1 122 ? -3.200  4.059   1.624   1.00 12.34 ? 214 HIS A CA  1 
ATOM   969  C  C   . HIS A 1 122 ? -1.724  3.625   1.333   1.00 14.06 ? 214 HIS A C   1 
ATOM   970  O  O   . HIS A 1 122 ? -1.084  4.203   0.479   1.00 12.74 ? 214 HIS A O   1 
ATOM   971  C  CB  . HIS A 1 122 ? -3.328  4.633   2.999   1.00 13.98 ? 214 HIS A CB  1 
ATOM   972  C  CG  . HIS A 1 122 ? -2.452  5.816   3.220   1.00 14.83 ? 214 HIS A CG  1 
ATOM   973  N  ND1 . HIS A 1 122 ? -2.923  7.113   3.192   1.00 16.04 ? 214 HIS A ND1 1 
ATOM   974  C  CD2 . HIS A 1 122 ? -1.140  5.888   3.520   1.00 13.51 ? 214 HIS A CD2 1 
ATOM   975  C  CE1 . HIS A 1 122 ? -1.910  7.922   3.410   1.00 14.93 ? 214 HIS A CE1 1 
ATOM   976  N  NE2 . HIS A 1 122 ? -0.820  7.184   3.632   1.00 17.41 ? 214 HIS A NE2 1 
ATOM   977  N  N   . GLN A 1 123 ? -1.291  2.520   1.947   1.00 13.08 ? 215 GLN A N   1 
ATOM   978  C  CA  . GLN A 1 123 ? 0.149   2.086   1.779   1.00 13.31 ? 215 GLN A CA  1 
ATOM   979  C  C   . GLN A 1 123 ? 0.417   1.634   0.407   1.00 13.53 ? 215 GLN A C   1 
ATOM   980  O  O   . GLN A 1 123 ? 1.464   1.944   -0.122  1.00 14.24 ? 215 GLN A O   1 
ATOM   981  C  CB  . GLN A 1 123 ? 0.584   1.005   2.757   1.00 13.22 ? 215 GLN A CB  1 
ATOM   982  C  CG  . GLN A 1 123 ? 0.435   1.378   4.240   1.00 13.63 ? 215 GLN A CG  1 
ATOM   983  C  CD  . GLN A 1 123 ? 1.248   2.606   4.593   1.00 15.19 ? 215 GLN A CD  1 
ATOM   984  O  OE1 . GLN A 1 123 ? 2.311   2.771   4.116   1.00 17.70 ? 215 GLN A OE1 1 
ATOM   985  N  NE2 . GLN A 1 123 ? 0.760   3.405   5.490   1.00 16.91 ? 215 GLN A NE2 1 
ATOM   986  N  N   . LEU A 1 124 ? -0.484  0.838   -0.143  1.00 14.56 ? 216 LEU A N   1 
ATOM   987  C  CA  . LEU A 1 124 ? -0.301  0.358   -1.526  1.00 15.01 ? 216 LEU A CA  1 
ATOM   988  C  C   . LEU A 1 124 ? -0.369  1.565   -2.505  1.00 15.81 ? 216 LEU A C   1 
ATOM   989  O  O   . LEU A 1 124 ? 0.263   1.511   -3.538  1.00 14.66 ? 216 LEU A O   1 
ATOM   990  C  CB  . LEU A 1 124 ? -1.265  -0.812  -1.881  1.00 15.53 ? 216 LEU A CB  1 
ATOM   991  C  CG  . LEU A 1 124 ? -0.875  -2.080  -1.071  1.00 15.00 ? 216 LEU A CG  1 
ATOM   992  C  CD1 . LEU A 1 124 ? -1.966  -3.146  -1.054  1.00 15.29 ? 216 LEU A CD1 1 
ATOM   993  C  CD2 . LEU A 1 124 ? 0.460   -2.658  -1.524  1.00 16.92 ? 216 LEU A CD2 1 
ATOM   994  N  N   . GLY A 1 125 ? -1.118  2.620   -2.209  1.00 13.90 ? 217 GLY A N   1 
ATOM   995  C  CA  . GLY A 1 125 ? -1.004  3.886   -2.955  1.00 14.43 ? 217 GLY A CA  1 
ATOM   996  C  C   . GLY A 1 125 ? 0.442   4.375   -3.137  1.00 12.94 ? 217 GLY A C   1 
ATOM   997  O  O   . GLY A 1 125 ? 0.946   4.591   -4.244  1.00 12.98 ? 217 GLY A O   1 
ATOM   998  N  N   . HIS A 1 126 ? 1.161   4.428   -2.023  1.00 12.90 ? 218 HIS A N   1 
ATOM   999  C  CA  . HIS A 1 126 ? 2.597   4.744   -2.035  1.00 13.82 ? 218 HIS A CA  1 
ATOM   1000 C  C   . HIS A 1 126 ? 3.369   3.750   -2.871  1.00 12.94 ? 218 HIS A C   1 
ATOM   1001 O  O   . HIS A 1 126 ? 4.240   4.144   -3.654  1.00 13.61 ? 218 HIS A O   1 
ATOM   1002 C  CB  . HIS A 1 126 ? 3.167   4.784   -0.545  1.00 13.99 ? 218 HIS A CB  1 
ATOM   1003 C  CG  . HIS A 1 126 ? 2.660   5.925   0.302   1.00 14.86 ? 218 HIS A CG  1 
ATOM   1004 N  ND1 . HIS A 1 126 ? 2.696   7.241   -0.117  1.00 14.28 ? 218 HIS A ND1 1 
ATOM   1005 C  CD2 . HIS A 1 126 ? 2.329   5.982   1.627   1.00 14.19 ? 218 HIS A CD2 1 
ATOM   1006 C  CE1 . HIS A 1 126 ? 2.233   8.029   0.853   1.00 15.75 ? 218 HIS A CE1 1 
ATOM   1007 N  NE2 . HIS A 1 126 ? 2.055   7.307   1.937   1.00 13.46 ? 218 HIS A NE2 1 
ATOM   1008 N  N   . SER A 1 127 ? 3.054   2.447   -2.691  1.00 12.37 ? 219 SER A N   1 
ATOM   1009 C  CA  . SER A 1 127 ? 3.788   1.381   -3.438  1.00 12.51 ? 219 SER A CA  1 
ATOM   1010 C  C   . SER A 1 127 ? 3.677   1.567   -4.953  1.00 13.94 ? 219 SER A C   1 
ATOM   1011 O  O   . SER A 1 127 ? 4.503   1.063   -5.686  1.00 14.38 ? 219 SER A O   1 
ATOM   1012 C  CB  . SER A 1 127 ? 3.303   -0.059  -3.067  1.00 13.12 ? 219 SER A CB  1 
ATOM   1013 O  OG  . SER A 1 127 ? 3.432   -0.374  -1.686  1.00 14.58 ? 219 SER A OG  1 
ATOM   1014 N  N   . LEU A 1 128 ? 2.560   2.150   -5.418  1.00 13.20 ? 220 LEU A N   1 
ATOM   1015 C  CA  . LEU A 1 128 ? 2.323   2.407   -6.863  1.00 13.56 ? 220 LEU A CA  1 
ATOM   1016 C  C   . LEU A 1 128 ? 2.792   3.812   -7.308  1.00 13.99 ? 220 LEU A C   1 
ATOM   1017 O  O   . LEU A 1 128 ? 2.832   4.091   -8.586  1.00 15.82 ? 220 LEU A O   1 
ATOM   1018 C  CB  . LEU A 1 128 ? 0.834   2.227   -7.208  1.00 13.52 ? 220 LEU A CB  1 
ATOM   1019 C  CG  . LEU A 1 128 ? 0.205   0.862   -6.916  1.00 14.59 ? 220 LEU A CG  1 
ATOM   1020 C  CD1 . LEU A 1 128 ? -1.291  0.909   -7.228  1.00 15.42 ? 220 LEU A CD1 1 
ATOM   1021 C  CD2 . LEU A 1 128 ? 1.014   -0.231  -7.544  1.00 15.70 ? 220 LEU A CD2 1 
ATOM   1022 N  N   . GLY A 1 129 ? 3.262   4.648   -6.378  1.00 13.17 ? 221 GLY A N   1 
ATOM   1023 C  CA  . GLY A 1 129 ? 3.780   5.966   -6.753  1.00 14.02 ? 221 GLY A CA  1 
ATOM   1024 C  C   . GLY A 1 129 ? 3.013   7.214   -6.274  1.00 13.83 ? 221 GLY A C   1 
ATOM   1025 O  O   . GLY A 1 129 ? 3.388   8.342   -6.650  1.00 14.99 ? 221 GLY A O   1 
ATOM   1026 N  N   . MET A 1 130 ? 1.983   7.042   -5.458  1.00 16.57 ? 222 MET A N   1 
ATOM   1027 C  CA  . MET A 1 130 ? 1.230   8.166   -4.917  1.00 16.01 ? 222 MET A CA  1 
ATOM   1028 C  C   . MET A 1 130 ? 1.926   8.726   -3.695  1.00 16.84 ? 222 MET A C   1 
ATOM   1029 O  O   . MET A 1 130 ? 2.383   7.989   -2.800  1.00 16.20 ? 222 MET A O   1 
ATOM   1030 C  CB  . MET A 1 130 ? -0.192  7.720   -4.514  1.00 18.52 ? 222 MET A CB  1 
ATOM   1031 C  CG  . MET A 1 130 ? -1.019  7.136   -5.624  1.00 20.20 ? 222 MET A CG  1 
ATOM   1032 S  SD  . MET A 1 130 ? -1.440  8.311   -6.928  1.00 24.01 ? 222 MET A SD  1 
ATOM   1033 C  CE  . MET A 1 130 ? -2.764  9.198   -6.068  1.00 25.11 ? 222 MET A CE  1 
ATOM   1034 N  N   . GLY A 1 131 ? 1.966   10.051  -3.607  1.00 17.05 ? 223 GLY A N   1 
ATOM   1035 C  CA  . GLY A 1 131 ? 2.335   10.735  -2.392  1.00 17.55 ? 223 GLY A CA  1 
ATOM   1036 C  C   . GLY A 1 131 ? 1.075   11.133  -1.630  1.00 17.37 ? 223 GLY A C   1 
ATOM   1037 O  O   . GLY A 1 131 ? -0.010  10.604  -1.825  1.00 18.28 ? 223 GLY A O   1 
ATOM   1038 N  N   . HIS A 1 132 ? 1.220   12.113  -0.758  1.00 17.27 ? 224 HIS A N   1 
ATOM   1039 C  CA  . HIS A 1 132 ? 0.104   12.532  0.078   1.00 16.44 ? 224 HIS A CA  1 
ATOM   1040 C  C   . HIS A 1 132 ? -0.704  13.683  -0.573  1.00 16.97 ? 224 HIS A C   1 
ATOM   1041 O  O   . HIS A 1 132 ? -0.122  14.549  -1.202  1.00 19.45 ? 224 HIS A O   1 
ATOM   1042 C  CB  . HIS A 1 132 ? 0.614   13.015  1.419   1.00 16.11 ? 224 HIS A CB  1 
ATOM   1043 C  CG  . HIS A 1 132 ? 0.954   11.919  2.352   1.00 17.02 ? 224 HIS A CG  1 
ATOM   1044 N  ND1 . HIS A 1 132 ? 1.953   12.018  3.287   1.00 17.46 ? 224 HIS A ND1 1 
ATOM   1045 C  CD2 . HIS A 1 132 ? 0.485   10.644  2.429   1.00 17.94 ? 224 HIS A CD2 1 
ATOM   1046 C  CE1 . HIS A 1 132 ? 2.072   10.863  3.919   1.00 19.83 ? 224 HIS A CE1 1 
ATOM   1047 N  NE2 . HIS A 1 132 ? 1.165   10.021  3.444   1.00 16.63 ? 224 HIS A NE2 1 
ATOM   1048 N  N   . SER A 1 133 ? -1.993  13.711  -0.312  1.00 16.68 ? 225 SER A N   1 
ATOM   1049 C  CA  . SER A 1 133 ? -2.908  14.690  -0.921  1.00 18.27 ? 225 SER A CA  1 
ATOM   1050 C  C   . SER A 1 133 ? -3.199  15.837  0.081   1.00 17.97 ? 225 SER A C   1 
ATOM   1051 O  O   . SER A 1 133 ? -3.169  15.637  1.325   1.00 19.61 ? 225 SER A O   1 
ATOM   1052 C  CB  . SER A 1 133 ? -4.195  14.015  -1.350  1.00 19.76 ? 225 SER A CB  1 
ATOM   1053 O  OG  . SER A 1 133 ? -5.145  14.949  -1.863  1.00 20.95 ? 225 SER A OG  1 
ATOM   1054 N  N   . SER A 1 134 ? -3.460  17.028  -0.458  1.00 19.12 ? 226 SER A N   1 
ATOM   1055 C  CA  . SER A 1 134 ? -4.018  18.126  0.340   1.00 20.54 ? 226 SER A CA  1 
ATOM   1056 C  C   . SER A 1 134 ? -5.530  18.080  0.479   1.00 21.91 ? 226 SER A C   1 
ATOM   1057 O  O   . SER A 1 134 ? -6.046  18.918  1.192   1.00 22.51 ? 226 SER A O   1 
ATOM   1058 C  CB  . SER A 1 134 ? -3.597  19.482  -0.247  1.00 22.44 ? 226 SER A CB  1 
ATOM   1059 O  OG  . SER A 1 134 ? -4.044  19.620  -1.587  1.00 22.23 ? 226 SER A OG  1 
ATOM   1060 N  N   . ASP A 1 135 ? -6.224  17.110  -0.161  1.00 21.72 ? 227 ASP A N   1 
ATOM   1061 C  CA  . ASP A 1 135 ? -7.663  16.938  -0.108  1.00 23.25 ? 227 ASP A CA  1 
ATOM   1062 C  C   . ASP A 1 135 ? -8.056  16.040  1.060   1.00 22.21 ? 227 ASP A C   1 
ATOM   1063 O  O   . ASP A 1 135 ? -7.784  14.813  1.022   1.00 21.37 ? 227 ASP A O   1 
ATOM   1064 C  CB  . ASP A 1 135 ? -8.167  16.307  -1.422  1.00 27.51 ? 227 ASP A CB  1 
ATOM   1065 C  CG  . ASP A 1 135 ? -9.694  16.305  -1.540  1.00 28.53 ? 227 ASP A CG  1 
ATOM   1066 O  OD1 . ASP A 1 135 ? -10.381 16.319  -0.496  1.00 29.87 ? 227 ASP A OD1 1 
ATOM   1067 O  OD2 . ASP A 1 135 ? -10.215 16.301  -2.705  1.00 32.45 ? 227 ASP A OD2 1 
ATOM   1068 N  N   . PRO A 1 136 ? -8.774  16.598  2.059   1.00 20.58 ? 228 PRO A N   1 
ATOM   1069 C  CA  . PRO A 1 136 ? -9.207  15.824  3.213   1.00 20.52 ? 228 PRO A CA  1 
ATOM   1070 C  C   . PRO A 1 136 ? -10.064 14.593  2.932   1.00 20.43 ? 228 PRO A C   1 
ATOM   1071 O  O   . PRO A 1 136 ? -10.037 13.669  3.757   1.00 21.70 ? 228 PRO A O   1 
ATOM   1072 C  CB  . PRO A 1 136 ? -9.977  16.856  4.062   1.00 22.23 ? 228 PRO A CB  1 
ATOM   1073 C  CG  . PRO A 1 136 ? -9.271  18.182  3.728   1.00 21.54 ? 228 PRO A CG  1 
ATOM   1074 C  CD  . PRO A 1 136 ? -8.987  18.065  2.253   1.00 22.05 ? 228 PRO A CD  1 
ATOM   1075 N  N   . ASN A 1 137 ? -10.716 14.541  1.754   1.00 21.70 ? 229 ASN A N   1 
ATOM   1076 C  CA  . ASN A 1 137 ? -11.495 13.375  1.331   1.00 20.38 ? 229 ASN A CA  1 
ATOM   1077 C  C   . ASN A 1 137 ? -10.691 12.192  0.787   1.00 21.65 ? 229 ASN A C   1 
ATOM   1078 O  O   . ASN A 1 137 ? -11.266 11.073  0.607   1.00 23.86 ? 229 ASN A O   1 
ATOM   1079 C  CB  . ASN A 1 137 ? -12.478 13.775  0.204   1.00 21.61 ? 229 ASN A CB  1 
ATOM   1080 C  CG  . ASN A 1 137 ? -13.566 14.735  0.642   1.00 23.57 ? 229 ASN A CG  1 
ATOM   1081 O  OD1 . ASN A 1 137 ? -13.868 15.688  -0.102  1.00 31.17 ? 229 ASN A OD1 1 
ATOM   1082 N  ND2 . ASN A 1 137 ? -14.169 14.506  1.821   1.00 22.82 ? 229 ASN A ND2 1 
ATOM   1083 N  N   . ALA A 1 138 ? -9.440  12.420  0.418   1.00 18.69 ? 230 ALA A N   1 
ATOM   1084 C  CA  . ALA A 1 138 ? -8.613  11.451  -0.288  1.00 19.42 ? 230 ALA A CA  1 
ATOM   1085 C  C   . ALA A 1 138 ? -8.058  10.371  0.639   1.00 18.93 ? 230 ALA A C   1 
ATOM   1086 O  O   . ALA A 1 138 ? -7.686  10.641  1.814   1.00 18.41 ? 230 ALA A O   1 
ATOM   1087 C  CB  . ALA A 1 138 ? -7.463  12.151  -0.994  1.00 20.46 ? 230 ALA A CB  1 
ATOM   1088 N  N   . VAL A 1 139 ? -8.042  9.139   0.149   1.00 16.25 ? 231 VAL A N   1 
ATOM   1089 C  CA  . VAL A 1 139 ? -7.359  8.029   0.872   1.00 17.15 ? 231 VAL A CA  1 
ATOM   1090 C  C   . VAL A 1 139 ? -5.893  8.369   1.175   1.00 15.97 ? 231 VAL A C   1 
ATOM   1091 O  O   . VAL A 1 139 ? -5.372  8.034   2.294   1.00 18.23 ? 231 VAL A O   1 
ATOM   1092 C  CB  . VAL A 1 139 ? -7.460  6.694   0.060   1.00 17.82 ? 231 VAL A CB  1 
ATOM   1093 C  CG1 . VAL A 1 139 ? -6.684  5.577   0.738   1.00 19.84 ? 231 VAL A CG1 1 
ATOM   1094 C  CG2 . VAL A 1 139 ? -8.885  6.296   -0.052  1.00 18.79 ? 231 VAL A CG2 1 
ATOM   1095 N  N   . MET A 1 140 ? -5.255  9.066   0.241   1.00 14.58 ? 232 MET A N   1 
ATOM   1096 C  CA  . MET A 1 140 ? -3.876  9.546   0.397   1.00 15.33 ? 232 MET A CA  1 
ATOM   1097 C  C   . MET A 1 140 ? -3.671  10.793  1.294   1.00 16.11 ? 232 MET A C   1 
ATOM   1098 O  O   . MET A 1 140 ? -2.560  11.322  1.362   1.00 15.29 ? 232 MET A O   1 
ATOM   1099 C  CB  . MET A 1 140 ? -3.179  9.674   -0.951  1.00 16.15 ? 232 MET A CB  1 
ATOM   1100 C  CG  . MET A 1 140 ? -3.164  8.426   -1.783  1.00 16.81 ? 232 MET A CG  1 
ATOM   1101 S  SD  . MET A 1 140 ? -2.585  6.935   -0.969  1.00 16.55 ? 232 MET A SD  1 
ATOM   1102 C  CE  . MET A 1 140 ? -0.975  7.504   -0.417  1.00 16.48 ? 232 MET A CE  1 
ATOM   1103 N  N   . TYR A 1 141 ? -4.724  11.307  1.951   1.00 16.24 ? 233 TYR A N   1 
ATOM   1104 C  CA  . TYR A 1 141 ? -4.558  12.399  2.927   1.00 16.69 ? 233 TYR A CA  1 
ATOM   1105 C  C   . TYR A 1 141 ? -3.559  11.889  4.033   1.00 18.65 ? 233 TYR A C   1 
ATOM   1106 O  O   . TYR A 1 141 ? -3.549  10.672  4.349   1.00 18.50 ? 233 TYR A O   1 
ATOM   1107 C  CB  . TYR A 1 141 ? -5.909  12.823  3.551   1.00 18.86 ? 233 TYR A CB  1 
ATOM   1108 C  CG  . TYR A 1 141 ? -5.892  14.161  4.304   1.00 20.49 ? 233 TYR A CG  1 
ATOM   1109 C  CD1 . TYR A 1 141 ? -5.681  15.353  3.629   1.00 20.96 ? 233 TYR A CD1 1 
ATOM   1110 C  CD2 . TYR A 1 141 ? -6.058  14.201  5.702   1.00 23.46 ? 233 TYR A CD2 1 
ATOM   1111 C  CE1 . TYR A 1 141 ? -5.652  16.561  4.298   1.00 23.15 ? 233 TYR A CE1 1 
ATOM   1112 C  CE2 . TYR A 1 141 ? -6.043  15.406  6.390   1.00 24.82 ? 233 TYR A CE2 1 
ATOM   1113 C  CZ  . TYR A 1 141 ? -5.858  16.580  5.688   1.00 25.93 ? 233 TYR A CZ  1 
ATOM   1114 O  OH  . TYR A 1 141 ? -5.832  17.781  6.395   1.00 29.85 ? 233 TYR A OH  1 
ATOM   1115 N  N   . PRO A 1 142 ? -2.723  12.749  4.585   1.00 19.73 ? 234 PRO A N   1 
ATOM   1116 C  CA  . PRO A 1 142 ? -1.609  12.223  5.433   1.00 19.43 ? 234 PRO A CA  1 
ATOM   1117 C  C   . PRO A 1 142 ? -1.939  11.605  6.761   1.00 20.77 ? 234 PRO A C   1 
ATOM   1118 O  O   . PRO A 1 142 ? -1.097  10.888  7.305   1.00 22.03 ? 234 PRO A O   1 
ATOM   1119 C  CB  . PRO A 1 142 ? -0.674  13.458  5.676   1.00 21.77 ? 234 PRO A CB  1 
ATOM   1120 C  CG  . PRO A 1 142 ? -1.153  14.498  4.811   1.00 21.76 ? 234 PRO A CG  1 
ATOM   1121 C  CD  . PRO A 1 142 ? -2.524  14.175  4.251   1.00 23.01 ? 234 PRO A CD  1 
ATOM   1122 N  N   . THR A 1 143 ? -3.127  11.858  7.289   1.00 20.90 ? 235 THR A N   1 
ATOM   1123 C  CA  . THR A 1 143 ? -3.519  11.301  8.566   1.00 25.09 ? 235 THR A CA  1 
ATOM   1124 C  C   . THR A 1 143 ? -4.688  10.316  8.428   1.00 23.66 ? 235 THR A C   1 
ATOM   1125 O  O   . THR A 1 143 ? -5.576  10.470  7.575   1.00 22.12 ? 235 THR A O   1 
ATOM   1126 C  CB  . THR A 1 143 ? -3.832  12.404  9.592   1.00 26.02 ? 235 THR A CB  1 
ATOM   1127 O  OG1 . THR A 1 143 ? -4.713  13.354  8.990   1.00 27.03 ? 235 THR A OG1 1 
ATOM   1128 C  CG2 . THR A 1 143 ? -2.535  13.096  10.004  1.00 29.62 ? 235 THR A CG2 1 
ATOM   1129 N  N   . TYR A 1 144 ? -4.676  9.321   9.302   1.00 24.34 ? 236 TYR A N   1 
ATOM   1130 C  CA  . TYR A 1 144 ? -5.798  8.420   9.490   1.00 25.13 ? 236 TYR A CA  1 
ATOM   1131 C  C   . TYR A 1 144 ? -6.877  9.142   10.331  1.00 28.73 ? 236 TYR A C   1 
ATOM   1132 O  O   . TYR A 1 144 ? -8.037  9.116   9.958   1.00 35.21 ? 236 TYR A O   1 
ATOM   1133 C  CB  . TYR A 1 144 ? -5.345  7.160   10.201  1.00 26.77 ? 236 TYR A CB  1 
ATOM   1134 C  CG  . TYR A 1 144 ? -6.387  6.087   10.380  1.00 25.98 ? 236 TYR A CG  1 
ATOM   1135 C  CD1 . TYR A 1 144 ? -7.174  6.019   11.545  1.00 29.81 ? 236 TYR A CD1 1 
ATOM   1136 C  CD2 . TYR A 1 144 ? -6.581  5.105   9.419   1.00 28.62 ? 236 TYR A CD2 1 
ATOM   1137 C  CE1 . TYR A 1 144 ? -8.108  4.983   11.730  1.00 29.69 ? 236 TYR A CE1 1 
ATOM   1138 C  CE2 . TYR A 1 144 ? -7.525  4.090   9.578   1.00 25.04 ? 236 TYR A CE2 1 
ATOM   1139 C  CZ  . TYR A 1 144 ? -8.294  4.012   10.743  1.00 26.62 ? 236 TYR A CZ  1 
ATOM   1140 O  OH  . TYR A 1 144 ? -9.234  2.979   10.943  1.00 22.91 ? 236 TYR A OH  1 
ATOM   1141 N  N   . ASN A 1 151 ? -16.015 1.507   5.662   1.00 53.74 ? 243 ASN A N   1 
ATOM   1142 C  CA  . ASN A 1 151 ? -16.782 1.690   4.441   1.00 54.67 ? 243 ASN A CA  1 
ATOM   1143 C  C   . ASN A 1 151 ? -16.284 2.931   3.674   1.00 55.35 ? 243 ASN A C   1 
ATOM   1144 O  O   . ASN A 1 151 ? -16.576 4.068   4.096   1.00 56.14 ? 243 ASN A O   1 
ATOM   1145 C  CB  . ASN A 1 151 ? -18.260 1.845   4.821   1.00 58.11 ? 243 ASN A CB  1 
ATOM   1146 C  CG  . ASN A 1 151 ? -19.147 2.174   3.642   1.00 55.70 ? 243 ASN A CG  1 
ATOM   1147 O  OD1 . ASN A 1 151 ? -18.729 2.094   2.489   1.00 62.35 ? 243 ASN A OD1 1 
ATOM   1148 N  ND2 . ASN A 1 151 ? -20.385 2.547   3.929   1.00 55.03 ? 243 ASN A ND2 1 
ATOM   1149 N  N   . PHE A 1 152 ? -15.558 2.709   2.566   1.00 43.75 ? 244 PHE A N   1 
ATOM   1150 C  CA  . PHE A 1 152 ? -15.023 3.803   1.730   1.00 36.39 ? 244 PHE A CA  1 
ATOM   1151 C  C   . PHE A 1 152 ? -14.789 3.394   0.272   1.00 32.46 ? 244 PHE A C   1 
ATOM   1152 O  O   . PHE A 1 152 ? -14.900 2.238   -0.096  1.00 29.91 ? 244 PHE A O   1 
ATOM   1153 C  CB  . PHE A 1 152 ? -13.690 4.329   2.315   1.00 36.38 ? 244 PHE A CB  1 
ATOM   1154 C  CG  . PHE A 1 152 ? -12.499 3.430   2.046   1.00 31.16 ? 244 PHE A CG  1 
ATOM   1155 C  CD1 . PHE A 1 152 ? -12.387 2.216   2.677   1.00 30.18 ? 244 PHE A CD1 1 
ATOM   1156 C  CD2 . PHE A 1 152 ? -11.516 3.797   1.112   1.00 30.81 ? 244 PHE A CD2 1 
ATOM   1157 C  CE1 . PHE A 1 152 ? -11.297 1.385   2.440   1.00 31.05 ? 244 PHE A CE1 1 
ATOM   1158 C  CE2 . PHE A 1 152 ? -10.422 2.949   0.853   1.00 29.80 ? 244 PHE A CE2 1 
ATOM   1159 C  CZ  . PHE A 1 152 ? -10.324 1.736   1.509   1.00 29.50 ? 244 PHE A CZ  1 
ATOM   1160 N  N   . LYS A 1 153 ? -14.452 4.371   -0.546  1.00 30.67 ? 245 LYS A N   1 
ATOM   1161 C  CA  . LYS A 1 153 ? -13.900 4.130   -1.888  1.00 33.10 ? 245 LYS A CA  1 
ATOM   1162 C  C   . LYS A 1 153 ? -12.862 5.220   -2.198  1.00 27.52 ? 245 LYS A C   1 
ATOM   1163 O  O   . LYS A 1 153 ? -12.778 6.225   -1.459  1.00 27.37 ? 245 LYS A O   1 
ATOM   1164 C  CB  . LYS A 1 153 ? -14.999 4.123   -2.937  1.00 36.60 ? 245 LYS A CB  1 
ATOM   1165 C  CG  . LYS A 1 153 ? -15.828 5.386   -2.956  1.00 40.99 ? 245 LYS A CG  1 
ATOM   1166 C  CD  . LYS A 1 153 ? -17.247 5.143   -3.465  1.00 44.61 ? 245 LYS A CD  1 
ATOM   1167 C  CE  . LYS A 1 153 ? -18.199 6.229   -2.981  1.00 45.82 ? 245 LYS A CE  1 
ATOM   1168 N  NZ  . LYS A 1 153 ? -19.360 6.399   -3.907  1.00 50.62 ? 245 LYS A NZ  1 
ATOM   1169 N  N   . LEU A 1 154 ? -12.086 5.057   -3.292  1.00 25.12 ? 246 LEU A N   1 
ATOM   1170 C  CA  . LEU A 1 154 ? -11.162 6.106   -3.697  1.00 21.45 ? 246 LEU A CA  1 
ATOM   1171 C  C   . LEU A 1 154 ? -11.928 7.411   -3.977  1.00 23.48 ? 246 LEU A C   1 
ATOM   1172 O  O   . LEU A 1 154 ? -13.087 7.366   -4.445  1.00 24.56 ? 246 LEU A O   1 
ATOM   1173 C  CB  . LEU A 1 154 ? -10.388 5.699   -4.951  1.00 20.91 ? 246 LEU A CB  1 
ATOM   1174 C  CG  . LEU A 1 154 ? -9.410  4.531   -4.871  1.00 19.37 ? 246 LEU A CG  1 
ATOM   1175 C  CD1 . LEU A 1 154 ? -8.568  4.431   -6.141  1.00 18.55 ? 246 LEU A CD1 1 
ATOM   1176 C  CD2 . LEU A 1 154 ? -8.535  4.566   -3.655  1.00 18.25 ? 246 LEU A CD2 1 
ATOM   1177 N  N   . SER A 1 155 ? -11.327 8.553   -3.627  1.00 19.94 ? 247 SER A N   1 
ATOM   1178 C  CA  . SER A 1 155 ? -11.891 9.833   -3.959  1.00 20.65 ? 247 SER A CA  1 
ATOM   1179 C  C   . SER A 1 155 ? -11.601 10.178  -5.445  1.00 22.57 ? 247 SER A C   1 
ATOM   1180 O  O   . SER A 1 155 ? -10.678 9.614   -6.077  1.00 18.88 ? 247 SER A O   1 
ATOM   1181 C  CB  . SER A 1 155 ? -11.344 10.892  -3.015  1.00 23.05 ? 247 SER A CB  1 
ATOM   1182 O  OG  . SER A 1 155 ? -10.066 11.335  -3.386  1.00 23.48 ? 247 SER A OG  1 
ATOM   1183 N  N   . GLN A 1 156 ? -12.347 11.144  -5.991  1.00 23.85 ? 248 GLN A N   1 
ATOM   1184 C  CA  . GLN A 1 156 ? -12.018 11.694  -7.315  1.00 28.26 ? 248 GLN A CA  1 
ATOM   1185 C  C   . GLN A 1 156 ? -10.546 12.147  -7.434  1.00 23.68 ? 248 GLN A C   1 
ATOM   1186 O  O   . GLN A 1 156 ? -9.914  11.918  -8.452  1.00 21.65 ? 248 GLN A O   1 
ATOM   1187 C  CB  . GLN A 1 156 ? -12.987 12.833  -7.735  1.00 30.58 ? 248 GLN A CB  1 
ATOM   1188 C  CG  . GLN A 1 156 ? -14.399 12.341  -8.039  1.00 36.50 ? 248 GLN A CG  1 
ATOM   1189 C  CD  . GLN A 1 156 ? -14.462 11.158  -9.019  1.00 41.77 ? 248 GLN A CD  1 
ATOM   1190 O  OE1 . GLN A 1 156 ? -13.864 11.178  -10.099 1.00 48.96 ? 248 GLN A OE1 1 
ATOM   1191 N  NE2 . GLN A 1 156 ? -15.161 10.105  -8.621  1.00 49.19 ? 248 GLN A NE2 1 
ATOM   1192 N  N   . ASP A 1 157 ? -9.999  12.688  -6.358  1.00 22.04 ? 249 ASP A N   1 
ATOM   1193 C  CA  . ASP A 1 157 ? -8.604  13.172  -6.348  1.00 20.24 ? 249 ASP A CA  1 
ATOM   1194 C  C   . ASP A 1 157 ? -7.603  12.000  -6.434  1.00 19.16 ? 249 ASP A C   1 
ATOM   1195 O  O   . ASP A 1 157 ? -6.612  12.100  -7.146  1.00 20.76 ? 249 ASP A O   1 
ATOM   1196 C  CB  . ASP A 1 157 ? -8.327  14.036  -5.110  1.00 20.20 ? 249 ASP A CB  1 
ATOM   1197 C  CG  . ASP A 1 157 ? -6.880  14.504  -5.018  1.00 21.50 ? 249 ASP A CG  1 
ATOM   1198 O  OD1 . ASP A 1 157 ? -6.489  15.368  -5.816  1.00 25.50 ? 249 ASP A OD1 1 
ATOM   1199 O  OD2 . ASP A 1 157 ? -6.107  14.022  -4.133  1.00 21.73 ? 249 ASP A OD2 1 
ATOM   1200 N  N   . ASP A 1 158 ? -7.875  10.909  -5.708  1.00 18.72 ? 250 ASP A N   1 
ATOM   1201 C  CA  . ASP A 1 158 ? -7.095  9.667   -5.791  1.00 18.74 ? 250 ASP A CA  1 
ATOM   1202 C  C   . ASP A 1 158 ? -7.096  9.107   -7.205  1.00 17.60 ? 250 ASP A C   1 
ATOM   1203 O  O   . ASP A 1 158 ? -6.037  8.795   -7.745  1.00 16.08 ? 250 ASP A O   1 
ATOM   1204 C  CB  . ASP A 1 158 ? -7.571  8.594   -4.845  1.00 18.06 ? 250 ASP A CB  1 
ATOM   1205 C  CG  . ASP A 1 158 ? -7.431  8.974   -3.384  1.00 19.64 ? 250 ASP A CG  1 
ATOM   1206 O  OD1 . ASP A 1 158 ? -6.342  9.441   -2.891  1.00 17.41 ? 250 ASP A OD1 1 
ATOM   1207 O  OD2 . ASP A 1 158 ? -8.446  8.824   -2.695  1.00 20.06 ? 250 ASP A OD2 1 
ATOM   1208 N  N   . ILE A 1 159 ? -8.296  9.021   -7.810  1.00 18.35 ? 251 ILE A N   1 
ATOM   1209 C  CA  . ILE A 1 159 ? -8.390  8.552   -9.190  1.00 18.72 ? 251 ILE A CA  1 
ATOM   1210 C  C   . ILE A 1 159 ? -7.667  9.502   -10.168 1.00 19.53 ? 251 ILE A C   1 
ATOM   1211 O  O   . ILE A 1 159 ? -6.958  9.035   -11.061 1.00 21.56 ? 251 ILE A O   1 
ATOM   1212 C  CB  . ILE A 1 159 ? -9.872  8.369   -9.620  1.00 20.28 ? 251 ILE A CB  1 
ATOM   1213 C  CG1 . ILE A 1 159 ? -10.517 7.212   -8.841  1.00 19.45 ? 251 ILE A CG1 1 
ATOM   1214 C  CG2 . ILE A 1 159 ? -9.993  8.146   -11.153 1.00 20.77 ? 251 ILE A CG2 1 
ATOM   1215 C  CD1 . ILE A 1 159 ? -12.030 7.356   -8.714  1.00 21.00 ? 251 ILE A CD1 1 
ATOM   1216 N  N   . LYS A 1 160 ? -7.818  10.809  -9.998  1.00 19.56 ? 252 LYS A N   1 
ATOM   1217 C  CA  . LYS A 1 160 ? -7.099  11.773  -10.819 1.00 21.55 ? 252 LYS A CA  1 
ATOM   1218 C  C   . LYS A 1 160 ? -5.592  11.558  -10.811 1.00 20.20 ? 252 LYS A C   1 
ATOM   1219 O  O   . LYS A 1 160 ? -4.951  11.532  -11.880 1.00 18.59 ? 252 LYS A O   1 
ATOM   1220 C  CB  . LYS A 1 160 ? -7.393  13.194  -10.371 1.00 23.41 ? 252 LYS A CB  1 
ATOM   1221 C  CG  . LYS A 1 160 ? -7.000  14.272  -11.358 1.00 27.31 ? 252 LYS A CG  1 
ATOM   1222 C  CD  . LYS A 1 160 ? -7.358  15.636  -10.734 1.00 30.93 ? 252 LYS A CD  1 
ATOM   1223 C  CE  . LYS A 1 160 ? -7.331  16.782  -11.732 1.00 37.04 ? 252 LYS A CE  1 
ATOM   1224 N  NZ  . LYS A 1 160 ? -6.848  18.052  -11.115 1.00 38.61 ? 252 LYS A NZ  1 
ATOM   1225 N  N   . GLY A 1 161 ? -5.029  11.361  -9.619  1.00 18.62 ? 253 GLY A N   1 
ATOM   1226 C  CA  . GLY A 1 161 ? -3.599  11.162  -9.536  1.00 19.64 ? 253 GLY A CA  1 
ATOM   1227 C  C   . GLY A 1 161 ? -3.030  9.909   -10.087 1.00 17.38 ? 253 GLY A C   1 
ATOM   1228 O  O   . GLY A 1 161 ? -2.023  9.934   -10.801 1.00 16.97 ? 253 GLY A O   1 
ATOM   1229 N  N   . ILE A 1 162 ? -3.655  8.768   -9.763  1.00 16.92 ? 254 ILE A N   1 
ATOM   1230 C  CA  . ILE A 1 162 ? -3.173  7.531   -10.273 1.00 15.90 ? 254 ILE A CA  1 
ATOM   1231 C  C   . ILE A 1 162 ? -3.279  7.480   -11.818 1.00 16.80 ? 254 ILE A C   1 
ATOM   1232 O  O   . ILE A 1 162 ? -2.377  6.992   -12.465 1.00 17.90 ? 254 ILE A O   1 
ATOM   1233 C  CB  . ILE A 1 162 ? -3.827  6.344   -9.526  1.00 18.13 ? 254 ILE A CB  1 
ATOM   1234 C  CG1 . ILE A 1 162 ? -2.988  5.116   -9.690  1.00 18.20 ? 254 ILE A CG1 1 
ATOM   1235 C  CG2 . ILE A 1 162 ? -5.268  6.094   -10.006 1.00 17.92 ? 254 ILE A CG2 1 
ATOM   1236 C  CD1 . ILE A 1 162 ? -1.836  5.002   -8.725  1.00 17.70 ? 254 ILE A CD1 1 
ATOM   1237 N  N   . GLN A 1 163 ? -4.325  8.017   -12.405 1.00 16.58 ? 255 GLN A N   1 
ATOM   1238 C  CA  . GLN A 1 163 ? -4.461  8.043   -13.862 1.00 18.86 ? 255 GLN A CA  1 
ATOM   1239 C  C   . GLN A 1 163 ? -3.501  9.056   -14.546 1.00 19.84 ? 255 GLN A C   1 
ATOM   1240 O  O   . GLN A 1 163 ? -3.085  8.845   -15.711 1.00 21.05 ? 255 GLN A O   1 
ATOM   1241 C  CB  . GLN A 1 163 ? -5.923  8.342   -14.243 1.00 18.22 ? 255 GLN A CB  1 
ATOM   1242 C  CG  . GLN A 1 163 ? -6.866  7.170   -13.913 1.00 19.75 ? 255 GLN A CG  1 
ATOM   1243 C  CD  . GLN A 1 163 ? -8.293  7.370   -14.375 1.00 19.86 ? 255 GLN A CD  1 
ATOM   1244 O  OE1 . GLN A 1 163 ? -8.745  8.492   -14.567 1.00 21.05 ? 255 GLN A OE1 1 
ATOM   1245 N  NE2 . GLN A 1 163 ? -8.997  6.294   -14.531 1.00 19.29 ? 255 GLN A NE2 1 
ATOM   1246 N  N   . LYS A 1 164 ? -3.107  10.105  -13.816 1.00 21.04 ? 256 LYS A N   1 
ATOM   1247 C  CA  . LYS A 1 164 ? -2.092  11.041  -14.318 1.00 21.44 ? 256 LYS A CA  1 
ATOM   1248 C  C   . LYS A 1 164 ? -0.782  10.313  -14.443 1.00 21.75 ? 256 LYS A C   1 
ATOM   1249 O  O   . LYS A 1 164 ? -0.085  10.430  -15.422 1.00 21.29 ? 256 LYS A O   1 
ATOM   1250 C  CB  . LYS A 1 164 ? -1.951  12.294  -13.449 1.00 25.56 ? 256 LYS A CB  1 
ATOM   1251 C  CG  . LYS A 1 164 ? -1.246  13.482  -14.139 1.00 26.69 ? 256 LYS A CG  1 
ATOM   1252 C  CD  . LYS A 1 164 ? -2.091  14.095  -15.246 1.00 28.65 ? 256 LYS A CD  1 
ATOM   1253 C  CE  . LYS A 1 164 ? -1.554  15.414  -15.765 1.00 31.42 ? 256 LYS A CE  1 
ATOM   1254 N  NZ  . LYS A 1 164 ? -2.138  15.740  -17.105 1.00 31.00 ? 256 LYS A NZ  1 
ATOM   1255 N  N   . LEU A 1 165 ? -0.488  9.476   -13.460 1.00 21.40 ? 257 LEU A N   1 
ATOM   1256 C  CA  . LEU A 1 165 ? 0.763   8.710   -13.445 1.00 20.50 ? 257 LEU A CA  1 
ATOM   1257 C  C   . LEU A 1 165 ? 0.855   7.528   -14.443 1.00 20.89 ? 257 LEU A C   1 
ATOM   1258 O  O   . LEU A 1 165 ? 1.891   7.374   -15.093 1.00 20.68 ? 257 LEU A O   1 
ATOM   1259 C  CB  . LEU A 1 165 ? 1.082   8.285   -12.020 1.00 19.10 ? 257 LEU A CB  1 
ATOM   1260 C  CG  . LEU A 1 165 ? 2.421   7.557   -11.821 1.00 19.53 ? 257 LEU A CG  1 
ATOM   1261 C  CD1 . LEU A 1 165 ? 3.570   8.408   -12.326 1.00 19.52 ? 257 LEU A CD1 1 
ATOM   1262 C  CD2 . LEU A 1 165 ? 2.582   7.142   -10.324 1.00 20.18 ? 257 LEU A CD2 1 
ATOM   1263 N  N   . TYR A 1 166 ? -0.201  6.734   -14.607 1.00 20.41 ? 258 TYR A N   1 
ATOM   1264 C  CA  . TYR A 1 166 ? -0.190  5.542   -15.475 1.00 19.61 ? 258 TYR A CA  1 
ATOM   1265 C  C   . TYR A 1 166 ? -1.059  5.619   -16.737 1.00 20.91 ? 258 TYR A C   1 
ATOM   1266 O  O   . TYR A 1 166 ? -1.030  4.681   -17.533 1.00 20.83 ? 258 TYR A O   1 
ATOM   1267 C  CB  . TYR A 1 166 ? -0.669  4.300   -14.674 1.00 20.67 ? 258 TYR A CB  1 
ATOM   1268 C  CG  . TYR A 1 166 ? 0.292   3.831   -13.615 1.00 17.30 ? 258 TYR A CG  1 
ATOM   1269 C  CD1 . TYR A 1 166 ? 1.415   3.063   -13.943 1.00 17.45 ? 258 TYR A CD1 1 
ATOM   1270 C  CD2 . TYR A 1 166 ? 0.160   4.266   -12.336 1.00 15.95 ? 258 TYR A CD2 1 
ATOM   1271 C  CE1 . TYR A 1 166 ? 2.331   2.708   -12.977 1.00 17.19 ? 258 TYR A CE1 1 
ATOM   1272 C  CE2 . TYR A 1 166 ? 1.057   3.878   -11.340 1.00 16.02 ? 258 TYR A CE2 1 
ATOM   1273 C  CZ  . TYR A 1 166 ? 2.120   3.086   -11.678 1.00 16.24 ? 258 TYR A CZ  1 
ATOM   1274 O  OH  . TYR A 1 166 ? 3.085   2.698   -10.774 1.00 17.09 ? 258 TYR A OH  1 
ATOM   1275 N  N   . GLY A 1 167 ? -1.916  6.645   -16.827 1.00 21.03 ? 259 GLY A N   1 
ATOM   1276 C  CA  . GLY A 1 167 ? -2.997  6.733   -17.819 1.00 21.78 ? 259 GLY A CA  1 
ATOM   1277 C  C   . GLY A 1 167 ? -4.258  6.040   -17.320 1.00 25.01 ? 259 GLY A C   1 
ATOM   1278 O  O   . GLY A 1 167 ? -4.275  5.444   -16.230 1.00 23.08 ? 259 GLY A O   1 
ATOM   1279 N  N   . LYS A 1 168 ? -5.281  6.006   -18.193 1.00 26.49 ? 260 LYS A N   1 
ATOM   1280 C  CA  . LYS A 1 168 ? -6.562  5.356   -17.890 1.00 27.64 ? 260 LYS A CA  1 
ATOM   1281 C  C   . LYS A 1 168 ? -6.620  3.925   -18.462 1.00 28.82 ? 260 LYS A C   1 
ATOM   1282 O  O   . LYS A 1 168 ? -6.078  3.612   -19.560 1.00 27.56 ? 260 LYS A O   1 
ATOM   1283 C  CB  . LYS A 1 168 ? -7.755  6.158   -18.449 1.00 29.55 ? 260 LYS A CB  1 
ATOM   1284 C  CG  . LYS A 1 168 ? -7.723  7.652   -18.159 1.00 29.72 ? 260 LYS A CG  1 
ATOM   1285 C  CD  . LYS A 1 168 ? -8.848  8.414   -18.864 1.00 31.53 ? 260 LYS A CD  1 
ATOM   1286 C  CE  . LYS A 1 168 ? -9.827  9.027   -17.887 1.00 34.27 ? 260 LYS A CE  1 
ATOM   1287 N  NZ  . LYS A 1 168 ? -10.639 10.152  -18.452 1.00 32.97 ? 260 LYS A NZ  1 
ATOM   1288 N  N   . ARG A 1 169 ? -7.297  3.071   -17.703 1.00 28.67 ? 261 ARG A N   1 
ATOM   1289 C  CA  . ARG A 1 169 ? -7.611  1.723   -18.149 1.00 31.24 ? 261 ARG A CA  1 
ATOM   1290 C  C   . ARG A 1 169 ? -8.627  1.796   -19.312 1.00 33.37 ? 261 ARG A C   1 
ATOM   1291 O  O   . ARG A 1 169 ? -8.427  1.179   -20.356 1.00 39.00 ? 261 ARG A O   1 
ATOM   1292 C  CB  . ARG A 1 169 ? -8.174  0.893   -16.996 1.00 29.25 ? 261 ARG A CB  1 
ATOM   1293 C  CG  . ARG A 1 169 ? -8.688  -0.473  -17.432 1.00 30.51 ? 261 ARG A CG  1 
ATOM   1294 C  CD  . ARG A 1 169 ? -9.038  -1.360  -16.267 1.00 31.89 ? 261 ARG A CD  1 
ATOM   1295 N  NE  . ARG A 1 169 ? -7.857  -1.806  -15.526 1.00 30.83 ? 261 ARG A NE  1 
ATOM   1296 C  CZ  . ARG A 1 169 ? -7.151  -2.909  -15.769 1.00 32.44 ? 261 ARG A CZ  1 
ATOM   1297 N  NH1 . ARG A 1 169 ? -6.101  -3.208  -15.016 1.00 32.91 ? 261 ARG A NH1 1 
ATOM   1298 N  NH2 . ARG A 1 169 ? -7.479  -3.736  -16.757 1.00 34.01 ? 261 ARG A NH2 1 
ATOM   1299 N  N   . SER A 1 170 ? -9.725  2.505   -19.095 1.00 35.63 ? 262 SER A N   1 
ATOM   1300 C  CA  . SER A 1 170 ? -10.781 2.625   -20.102 1.00 39.79 ? 262 SER A CA  1 
ATOM   1301 C  C   . SER A 1 170 ? -10.733 4.034   -20.656 1.00 39.83 ? 262 SER A C   1 
ATOM   1302 O  O   . SER A 1 170 ? -9.781  4.376   -21.341 1.00 44.33 ? 262 SER A O   1 
ATOM   1303 C  CB  . SER A 1 170 ? -12.144 2.329   -19.497 1.00 39.37 ? 262 SER A CB  1 
ATOM   1304 O  OG  . SER A 1 170 ? -12.838 3.540   -19.274 1.00 40.75 ? 262 SER A OG  1 
HETATM 1305 C  C37 . 7SF B 2 1   ? 0.374   6.566   8.589   1.00 19.15 ? 1   7SF B C37 1 
HETATM 1306 S  S34 . 7SF B 2 1   ? 1.814   6.703   9.340   1.00 19.83 ? 1   7SF B S34 1 
HETATM 1307 C  C43 . 7SF B 2 1   ? -0.309  5.317   8.528   1.00 20.86 ? 1   7SF B C43 1 
HETATM 1308 C  C42 . 7SF B 2 1   ? -1.569  5.174   7.921   1.00 21.16 ? 1   7SF B C42 1 
HETATM 1309 C  C44 . 7SF B 2 1   ? -2.222  3.785   7.851   1.00 23.69 ? 1   7SF B C44 1 
HETATM 1310 F  F47 . 7SF B 2 1   ? -3.414  3.728   8.397   1.00 21.85 ? 1   7SF B F47 1 
HETATM 1311 F  F46 . 7SF B 2 1   ? -1.474  2.920   8.454   1.00 26.72 ? 1   7SF B F46 1 
HETATM 1312 F  F45 . 7SF B 2 1   ? -2.277  3.412   6.564   1.00 20.96 ? 1   7SF B F45 1 
HETATM 1313 C  C40 . 7SF B 2 1   ? -2.166  6.276   7.361   1.00 21.34 ? 1   7SF B C40 1 
HETATM 1314 CL CL1 . 7SF B 2 1   ? -3.802  6.231   6.593   1.00 26.08 ? 1   7SF B CL1 1 
HETATM 1315 C  C39 . 7SF B 2 1   ? -1.536  7.543   7.432   1.00 19.57 ? 1   7SF B C39 1 
HETATM 1316 C  C38 . 7SF B 2 1   ? -0.283  7.675   8.041   1.00 21.02 ? 1   7SF B C38 1 
HETATM 1317 O  O35 . 7SF B 2 1   ? 2.082   8.086   9.683   1.00 22.31 ? 1   7SF B O35 1 
HETATM 1318 O  O1  . 7SF B 2 1   ? 1.807   5.768   10.412  1.00 17.70 ? 1   7SF B O1  1 
HETATM 1319 N  N   . GGL B 2 2   ? 2.966   6.210   8.335   1.00 17.07 ? 2   GGL B N   1 
HETATM 1320 C  CA  . GGL B 2 2   ? 3.380   7.128   7.282   1.00 18.48 ? 2   GGL B CA  1 
HETATM 1321 C  C   . GGL B 2 2   ? 2.414   6.998   6.136   1.00 17.94 ? 2   GGL B C   1 
HETATM 1322 O  O   . GGL B 2 2   ? 2.191   7.890   5.347   1.00 17.01 ? 2   GGL B O   1 
HETATM 1323 C  CB  . GGL B 2 2   ? 4.786   6.639   6.838   1.00 18.17 ? 2   GGL B CB  1 
HETATM 1324 C  CG  . GGL B 2 2   ? 5.367   7.466   5.722   1.00 17.47 ? 2   GGL B CG  1 
HETATM 1325 C  CD  . GGL B 2 2   ? 5.437   6.868   4.314   1.00 14.82 ? 2   GGL B CD  1 
HETATM 1326 O  OE1 . GGL B 2 2   ? 5.501   5.668   4.139   1.00 15.11 ? 2   GGL B OE1 1 
HETATM 1327 O  OXT . GGL B 2 2   ? 1.887   5.917   5.885   1.00 20.63 ? 2   GGL B OXT 1 
ATOM   1328 N  N   . GLY B 2 3   ? 5.415   7.722   3.332   1.00 15.54 ? 3   GLY B N   1 
ATOM   1329 C  CA  . GLY B 2 3   ? 5.612   7.390   1.914   1.00 14.99 ? 3   GLY B CA  1 
ATOM   1330 C  C   . GLY B 2 3   ? 7.118   7.547   1.742   1.00 16.50 ? 3   GLY B C   1 
ATOM   1331 O  O   . GLY B 2 3   ? 7.533   8.714   1.764   1.00 21.59 ? 3   GLY B O   1 
ATOM   1332 N  N   . LEU B 2 4   ? 7.962   6.536   1.669   1.00 16.60 ? 4   LEU B N   1 
ATOM   1333 C  CA  . LEU B 2 4   ? 9.416   6.602   1.632   1.00 17.43 ? 4   LEU B CA  1 
ATOM   1334 C  C   . LEU B 2 4   ? 10.068  6.361   0.281   1.00 17.35 ? 4   LEU B C   1 
ATOM   1335 O  O   . LEU B 2 4   ? 9.488   5.720   -0.590  1.00 17.86 ? 4   LEU B O   1 
ATOM   1336 C  CB  . LEU B 2 4   ? 9.965   5.528   2.551   1.00 18.71 ? 4   LEU B CB  1 
ATOM   1337 C  CG  . LEU B 2 4   ? 9.752   5.453   4.093   1.00 23.33 ? 4   LEU B CG  1 
ATOM   1338 C  CD1 . LEU B 2 4   ? 9.008   6.575   4.808   1.00 24.06 ? 4   LEU B CD1 1 
ATOM   1339 C  CD2 . LEU B 2 4   ? 9.450   4.017   4.540   1.00 24.80 ? 4   LEU B CD2 1 
HETATM 1340 N  N   . TBG B 2 5   ? 11.266  6.923   0.074   1.00 20.21 ? 5   TBG B N   1 
HETATM 1341 C  CA  . TBG B 2 5   ? 12.060  6.759   -1.164  1.00 20.64 ? 5   TBG B CA  1 
HETATM 1342 C  CB  . TBG B 2 5   ? 12.739  8.062   -1.653  1.00 23.61 ? 5   TBG B CB  1 
HETATM 1343 C  CG1 . TBG B 2 5   ? 11.627  9.091   -1.929  1.00 24.79 ? 5   TBG B CG1 1 
HETATM 1344 C  CG2 . TBG B 2 5   ? 13.747  8.556   -0.630  1.00 23.93 ? 5   TBG B CG2 1 
HETATM 1345 C  CG3 . TBG B 2 5   ? 13.443  7.826   -3.008  1.00 25.27 ? 5   TBG B CG3 1 
HETATM 1346 C  C   . TBG B 2 5   ? 13.013  5.647   -0.875  1.00 21.44 ? 5   TBG B C   1 
HETATM 1347 O  O   . TBG B 2 5   ? 13.630  5.718   0.184   1.00 22.25 ? 5   TBG B O   1 
HETATM 1348 C  C   . EOE B 2 6   ? 16.317  2.619   -1.319  1.00 26.42 ? 6   EOE B C   1 
HETATM 1349 C  CA  . EOE B 2 6   ? 15.459  3.809   -1.747  1.00 23.20 ? 6   EOE B CA  1 
HETATM 1350 C  CB  . EOE B 2 6   ? 14.010  3.430   -1.414  1.00 22.65 ? 6   EOE B CB  1 
HETATM 1351 C  C05 . EOE B 2 6   ? 13.450  2.307   -2.277  1.00 21.65 ? 6   EOE B C05 1 
HETATM 1352 C  C06 . EOE B 2 6   ? 12.822  3.007   -3.436  1.00 20.73 ? 6   EOE B C06 1 
HETATM 1353 C  C07 . EOE B 2 6   ? 12.392  4.354   -2.955  1.00 20.70 ? 6   EOE B C07 1 
HETATM 1354 N  N   . EOE B 2 6   ? 13.087  4.568   -1.703  1.00 21.89 ? 6   EOE B N   1 
HETATM 1355 O  O   . EOE B 2 6   ? 16.632  1.747   -2.120  1.00 31.06 ? 6   EOE B O   1 
HETATM 1356 N  N   . NH2 B 2 7   ? 16.629  2.560   -0.021  1.00 27.47 ? 7   NH2 B N   1 
HETATM 1357 CA CA  . CA  C 3 .   ? 10.412  -4.330  -3.959  1.00 15.71 ? 301 CA  A CA  1 
HETATM 1358 CA CA  . CA  D 3 .   ? 4.132   1.837   16.148  1.00 15.90 ? 302 CA  A CA  1 
HETATM 1359 ZN ZN  . ZN  E 4 .   ? 9.815   -1.281  6.793   1.00 16.45 ? 303 ZN  A ZN  1 
HETATM 1360 ZN ZN  . ZN  F 4 .   ? 1.189   7.921   3.749   1.00 15.95 ? 304 ZN  A ZN  1 
HETATM 1361 O  O   . HOH G 5 .   ? -11.552 0.594   13.204  1.00 42.47 ? 401 HOH A O   1 
HETATM 1362 O  O   . HOH G 5 .   ? 16.639  -2.510  10.066  1.00 18.04 ? 402 HOH A O   1 
HETATM 1363 O  O   . HOH G 5 .   ? -0.842  -4.484  -18.139 1.00 40.05 ? 403 HOH A O   1 
HETATM 1364 O  O   . HOH G 5 .   ? -14.224 13.106  3.851   1.00 35.66 ? 404 HOH A O   1 
HETATM 1365 O  O   . HOH G 5 .   ? 6.385   -14.814 -10.650 1.00 40.78 ? 405 HOH A O   1 
HETATM 1366 O  O   . HOH G 5 .   ? 11.198  -6.606  -4.076  1.00 14.57 ? 406 HOH A O   1 
HETATM 1367 O  O   . HOH G 5 .   ? -11.339 2.330   -7.854  1.00 27.13 ? 407 HOH A O   1 
HETATM 1368 O  O   . HOH G 5 .   ? -0.144  6.936   15.482  1.00 36.73 ? 408 HOH A O   1 
HETATM 1369 O  O   . HOH G 5 .   ? 11.558  9.887   -5.783  1.00 28.30 ? 409 HOH A O   1 
HETATM 1370 O  O   . HOH G 5 .   ? 12.370  -6.486  -1.078  1.00 19.89 ? 410 HOH A O   1 
HETATM 1371 O  O   . HOH G 5 .   ? -4.051  -11.443 -1.930  1.00 29.86 ? 411 HOH A O   1 
HETATM 1372 O  O   . HOH G 5 .   ? -5.863  12.260  -14.210 1.00 24.75 ? 412 HOH A O   1 
HETATM 1373 O  O   . HOH G 5 .   ? -3.689  -15.249 12.427  1.00 34.19 ? 413 HOH A O   1 
HETATM 1374 O  O   . HOH G 5 .   ? -5.838  8.968   5.008   1.00 22.50 ? 414 HOH A O   1 
HETATM 1375 O  O   . HOH G 5 .   ? 11.416  -5.338  -8.515  1.00 20.67 ? 415 HOH A O   1 
HETATM 1376 O  O   . HOH G 5 .   ? -8.354  11.119  -14.616 1.00 29.60 ? 416 HOH A O   1 
HETATM 1377 O  O   . HOH G 5 .   ? -1.158  -7.194  15.506  1.00 28.18 ? 417 HOH A O   1 
HETATM 1378 O  O   . HOH G 5 .   ? 10.594  -5.680  2.370   1.00 17.01 ? 418 HOH A O   1 
HETATM 1379 O  O   . HOH G 5 .   ? -0.640  18.426  -2.760  1.00 37.11 ? 419 HOH A O   1 
HETATM 1380 O  O   . HOH G 5 .   ? -4.731  11.376  -3.805  1.00 18.71 ? 420 HOH A O   1 
HETATM 1381 O  O   . HOH G 5 .   ? -12.595 -0.082  4.857   1.00 40.61 ? 421 HOH A O   1 
HETATM 1382 O  O   . HOH G 5 .   ? -3.729  16.512  -13.172 1.00 25.25 ? 422 HOH A O   1 
HETATM 1383 O  O   . HOH G 5 .   ? 1.175   0.645   -17.365 1.00 28.02 ? 423 HOH A O   1 
HETATM 1384 O  O   . HOH G 5 .   ? 13.638  -1.756  9.896   1.00 16.51 ? 424 HOH A O   1 
HETATM 1385 O  O   . HOH G 5 .   ? 3.611   -0.155  -16.303 1.00 24.13 ? 425 HOH A O   1 
HETATM 1386 O  O   . HOH G 5 .   ? 7.034   -2.448  16.715  1.00 15.36 ? 426 HOH A O   1 
HETATM 1387 O  O   . HOH G 5 .   ? -11.012 -7.903  13.520  1.00 24.51 ? 427 HOH A O   1 
HETATM 1388 O  O   . HOH G 5 .   ? -14.408 -7.234  6.269   1.00 27.61 ? 428 HOH A O   1 
HETATM 1389 O  O   . HOH G 5 .   ? 5.573   8.754   -8.250  1.00 17.34 ? 429 HOH A O   1 
HETATM 1390 O  O   . HOH G 5 .   ? 10.315  2.087   -11.362 1.00 34.93 ? 430 HOH A O   1 
HETATM 1391 O  O   . HOH G 5 .   ? 5.782   13.567  -2.503  1.00 29.11 ? 431 HOH A O   1 
HETATM 1392 O  O   . HOH G 5 .   ? -9.234  10.896  4.092   1.00 25.45 ? 432 HOH A O   1 
HETATM 1393 O  O   . HOH G 5 .   ? 1.451   3.450   -17.632 1.00 23.03 ? 433 HOH A O   1 
HETATM 1394 O  O   . HOH G 5 .   ? -12.045 -12.505 9.327   1.00 22.98 ? 434 HOH A O   1 
HETATM 1395 O  O   . HOH G 5 .   ? -9.111  -7.058  15.577  1.00 27.62 ? 435 HOH A O   1 
HETATM 1396 O  O   . HOH G 5 .   ? 11.103  -3.978  -6.124  1.00 13.63 ? 436 HOH A O   1 
HETATM 1397 O  O   . HOH G 5 .   ? 1.325   -13.941 -1.070  1.00 22.73 ? 437 HOH A O   1 
HETATM 1398 O  O   . HOH G 5 .   ? -10.746 -9.473  -2.546  1.00 37.28 ? 438 HOH A O   1 
HETATM 1399 O  O   . HOH G 5 .   ? -14.332 12.377  -4.406  1.00 25.79 ? 439 HOH A O   1 
HETATM 1400 O  O   . HOH G 5 .   ? -3.087  -6.479  18.571  1.00 26.62 ? 440 HOH A O   1 
HETATM 1401 O  O   . HOH G 5 .   ? 8.649   4.661   9.526   1.00 22.28 ? 441 HOH A O   1 
HETATM 1402 O  O   . HOH G 5 .   ? -10.247 -8.278  -4.959  1.00 37.54 ? 442 HOH A O   1 
HETATM 1403 O  O   . HOH G 5 .   ? 8.640   -8.957  -11.866 1.00 25.00 ? 443 HOH A O   1 
HETATM 1404 O  O   . HOH G 5 .   ? -11.485 3.223   12.647  1.00 38.03 ? 444 HOH A O   1 
HETATM 1405 O  O   . HOH G 5 .   ? 4.625   -15.823 2.026   1.00 28.04 ? 445 HOH A O   1 
HETATM 1406 O  O   . HOH G 5 .   ? 0.895   -15.657 0.942   1.00 25.62 ? 446 HOH A O   1 
HETATM 1407 O  O   . HOH G 5 .   ? 15.574  1.258   -5.080  1.00 27.32 ? 447 HOH A O   1 
HETATM 1408 O  O   . HOH G 5 .   ? 11.980  5.073   -6.034  1.00 25.42 ? 448 HOH A O   1 
HETATM 1409 O  O   . HOH G 5 .   ? 4.966   8.059   11.215  1.00 30.53 ? 449 HOH A O   1 
HETATM 1410 O  O   . HOH G 5 .   ? -5.107  7.000   -20.872 1.00 39.15 ? 450 HOH A O   1 
HETATM 1411 O  O   . HOH G 5 .   ? -15.268 4.509   -18.079 1.00 44.02 ? 451 HOH A O   1 
HETATM 1412 O  O   . HOH G 5 .   ? -14.511 5.889   -6.471  1.00 32.33 ? 452 HOH A O   1 
HETATM 1413 O  O   . HOH G 5 .   ? -1.838  12.139  -3.454  1.00 17.58 ? 453 HOH A O   1 
HETATM 1414 O  O   . HOH G 5 .   ? 1.662   -16.136 -10.141 1.00 43.13 ? 454 HOH A O   1 
HETATM 1415 O  O   . HOH G 5 .   ? -10.112 3.866   -16.558 1.00 30.71 ? 455 HOH A O   1 
HETATM 1416 O  O   . HOH G 5 .   ? 15.034  1.448   -8.925  1.00 26.15 ? 456 HOH A O   1 
HETATM 1417 O  O   . HOH G 5 .   ? -11.931 1.654   -15.483 1.00 34.07 ? 457 HOH A O   1 
HETATM 1418 O  O   . HOH G 5 .   ? -5.964  -16.962 0.029   1.00 36.54 ? 458 HOH A O   1 
HETATM 1419 O  O   . HOH G 5 .   ? -3.393  -12.444 9.275   1.00 23.02 ? 459 HOH A O   1 
HETATM 1420 O  O   . HOH G 5 .   ? -10.273 -10.136 19.839  1.00 36.97 ? 460 HOH A O   1 
HETATM 1421 O  O   . HOH G 5 .   ? 3.111   -17.803 1.404   1.00 31.56 ? 461 HOH A O   1 
HETATM 1422 O  O   . HOH G 5 .   ? -10.470 -3.871  7.098   1.00 21.95 ? 462 HOH A O   1 
HETATM 1423 O  O   . HOH G 5 .   ? 11.713  3.818   -10.047 1.00 28.94 ? 463 HOH A O   1 
HETATM 1424 O  O   . HOH G 5 .   ? 9.140   -15.558 -6.483  1.00 33.05 ? 464 HOH A O   1 
HETATM 1425 O  O   . HOH G 5 .   ? 17.177  5.352   7.503   1.00 41.69 ? 465 HOH A O   1 
HETATM 1426 O  O   . HOH G 5 .   ? -6.881  -13.188 -2.419  1.00 32.93 ? 466 HOH A O   1 
HETATM 1427 O  O   . HOH G 5 .   ? 17.552  1.274   -8.763  1.00 27.80 ? 467 HOH A O   1 
HETATM 1428 O  O   . HOH G 5 .   ? 6.601   -9.241  -13.633 1.00 29.54 ? 468 HOH A O   1 
HETATM 1429 O  O   . HOH G 5 .   ? -0.491  -15.008 12.036  1.00 30.39 ? 469 HOH A O   1 
HETATM 1430 O  O   . HOH G 5 .   ? 9.008   3.961   12.140  1.00 33.49 ? 470 HOH A O   1 
HETATM 1431 O  O   . HOH G 5 .   ? 8.796   -11.205 -10.277 1.00 26.24 ? 471 HOH A O   1 
HETATM 1432 O  O   . HOH G 5 .   ? 14.158  -5.671  -7.451  1.00 18.79 ? 472 HOH A O   1 
HETATM 1433 O  O   . HOH G 5 .   ? -13.557 -0.413  11.002  1.00 32.71 ? 473 HOH A O   1 
HETATM 1434 O  O   . HOH G 5 .   ? 0.356   -12.494 -14.835 1.00 40.96 ? 474 HOH A O   1 
HETATM 1435 O  O   . HOH G 5 .   ? -11.986 14.676  -4.650  1.00 31.30 ? 475 HOH A O   1 
HETATM 1436 O  O   . HOH G 5 .   ? -5.540  -18.258 9.623   1.00 27.08 ? 476 HOH A O   1 
HETATM 1437 O  O   . HOH G 5 .   ? 12.822  -4.977  4.835   1.00 27.67 ? 477 HOH A O   1 
HETATM 1438 O  O   . HOH G 5 .   ? -13.198 -3.290  6.312   1.00 33.68 ? 478 HOH A O   1 
HETATM 1439 O  O   . HOH G 5 .   ? 3.260   -14.986 9.387   1.00 21.89 ? 479 HOH A O   1 
HETATM 1440 O  O   . HOH G 5 .   ? -4.852  -5.748  20.656  1.00 19.18 ? 480 HOH A O   1 
HETATM 1441 O  O   . HOH G 5 .   ? -2.958  -13.327 -9.101  1.00 35.19 ? 481 HOH A O   1 
HETATM 1442 O  O   . HOH G 5 .   ? -12.965 3.021   -5.579  1.00 19.61 ? 482 HOH A O   1 
HETATM 1443 O  O   . HOH G 5 .   ? 12.788  -15.128 -5.813  1.00 32.27 ? 483 HOH A O   1 
HETATM 1444 O  O   . HOH G 5 .   ? 9.713   5.626   -13.518 1.00 33.99 ? 484 HOH A O   1 
HETATM 1445 O  O   . HOH G 5 .   ? -6.989  -18.635 7.168   1.00 21.58 ? 485 HOH A O   1 
HETATM 1446 O  O   . HOH G 5 .   ? -11.836 5.978   -16.394 1.00 36.22 ? 486 HOH A O   1 
HETATM 1447 O  O   . HOH G 5 .   ? 15.192  -5.370  -0.635  1.00 39.53 ? 487 HOH A O   1 
HETATM 1448 O  O   . HOH G 5 .   ? -8.129  19.192  -3.756  1.00 41.69 ? 488 HOH A O   1 
HETATM 1449 O  O   . HOH G 5 .   ? 13.961  -7.196  -5.138  1.00 30.66 ? 489 HOH A O   1 
HETATM 1450 O  O   . HOH G 5 .   ? 1.554   -14.908 12.287  1.00 47.14 ? 490 HOH A O   1 
HETATM 1451 O  O   . HOH G 5 .   ? 11.597  -8.261  1.574   1.00 45.46 ? 491 HOH A O   1 
HETATM 1452 O  O   . HOH G 5 .   ? -3.604  -20.280 6.663   1.00 51.08 ? 492 HOH A O   1 
HETATM 1453 O  O   . HOH G 5 .   ? 13.502  11.389  -4.644  1.00 34.72 ? 493 HOH A O   1 
HETATM 1454 O  O   . HOH G 5 .   ? 12.596  7.650   -6.849  1.00 24.95 ? 494 HOH A O   1 
HETATM 1455 O  O   . HOH G 5 .   ? 14.586  3.513   -6.728  1.00 27.26 ? 495 HOH A O   1 
HETATM 1456 O  O   . HOH G 5 .   ? 14.675  3.380   -10.763 1.00 40.77 ? 496 HOH A O   1 
HETATM 1457 O  O   . HOH H 5 .   ? 16.690  -1.150  -1.986  1.00 25.14 ? 101 HOH B O   1 
HETATM 1458 O  O   . HOH H 5 .   ? 5.350   10.733  3.868   1.00 27.99 ? 102 HOH B O   1 
# 
loop_
_pdbx_poly_seq_scheme.asym_id 
_pdbx_poly_seq_scheme.entity_id 
_pdbx_poly_seq_scheme.seq_id 
_pdbx_poly_seq_scheme.mon_id 
_pdbx_poly_seq_scheme.ndb_seq_num 
_pdbx_poly_seq_scheme.pdb_seq_num 
_pdbx_poly_seq_scheme.auth_seq_num 
_pdbx_poly_seq_scheme.pdb_mon_id 
_pdbx_poly_seq_scheme.auth_mon_id 
_pdbx_poly_seq_scheme.pdb_strand_id 
_pdbx_poly_seq_scheme.pdb_ins_code 
_pdbx_poly_seq_scheme.hetero 
A 1 1   MET 1   93  ?    ?   ?   A . n 
A 1 2   GLY 2   94  94   GLY GLY A . n 
A 1 3   TYR 3   95  95   TYR TYR A . n 
A 1 4   SER 4   96  96   SER SER A . n 
A 1 5   LEU 5   97  97   LEU LEU A . n 
A 1 6   PHE 6   98  98   PHE PHE A . n 
A 1 7   PRO 7   99  99   PRO PRO A . n 
A 1 8   ASN 8   100 100  ASN ASN A . n 
A 1 9   SER 9   101 101  SER SER A . n 
A 1 10  PRO 10  102 102  PRO PRO A . n 
A 1 11  LYS 11  103 103  LYS LYS A . n 
A 1 12  TRP 12  104 104  TRP TRP A . n 
A 1 13  THR 13  105 105  THR THR A . n 
A 1 14  SER 14  106 106  SER SER A . n 
A 1 15  LYS 15  107 107  LYS LYS A . n 
A 1 16  VAL 16  108 108  VAL VAL A . n 
A 1 17  VAL 17  109 109  VAL VAL A . n 
A 1 18  THR 18  110 110  THR THR A . n 
A 1 19  TYR 19  111 111  TYR TYR A . n 
A 1 20  ARG 20  112 112  ARG ARG A . n 
A 1 21  ILE 21  113 113  ILE ILE A . n 
A 1 22  VAL 22  114 114  VAL VAL A . n 
A 1 23  SER 23  115 115  SER SER A . n 
A 1 24  TYR 24  116 116  TYR TYR A . n 
A 1 25  THR 25  117 117  THR THR A . n 
A 1 26  ARG 26  118 118  ARG ARG A . n 
A 1 27  ASP 27  119 119  ASP ASP A . n 
A 1 28  LEU 28  120 120  LEU LEU A . n 
A 1 29  PRO 29  121 121  PRO PRO A . n 
A 1 30  HIS 30  122 122  HIS HIS A . n 
A 1 31  ILE 31  123 123  ILE ILE A . n 
A 1 32  THR 32  124 124  THR THR A . n 
A 1 33  VAL 33  125 125  VAL VAL A . n 
A 1 34  ASP 34  126 126  ASP ASP A . n 
A 1 35  ARG 35  127 127  ARG ARG A . n 
A 1 36  LEU 36  128 128  LEU LEU A . n 
A 1 37  VAL 37  129 129  VAL VAL A . n 
A 1 38  SER 38  130 130  SER SER A . n 
A 1 39  LYS 39  131 131  LYS LYS A . n 
A 1 40  ALA 40  132 132  ALA ALA A . n 
A 1 41  LEU 41  133 133  LEU LEU A . n 
A 1 42  ASN 42  134 134  ASN ASN A . n 
A 1 43  MET 43  135 135  MET MET A . n 
A 1 44  TRP 44  136 136  TRP TRP A . n 
A 1 45  GLY 45  137 137  GLY GLY A . n 
A 1 46  LYS 46  138 138  LYS LYS A . n 
A 1 47  GLU 47  139 139  GLU GLU A . n 
A 1 48  ILE 48  140 140  ILE ILE A . n 
A 1 49  PRO 49  141 141  PRO PRO A . n 
A 1 50  LEU 50  142 142  LEU LEU A . n 
A 1 51  HIS 51  143 143  HIS HIS A . n 
A 1 52  PHE 52  144 144  PHE PHE A . n 
A 1 53  ARG 53  145 145  ARG ARG A . n 
A 1 54  LYS 54  146 146  LYS LYS A . n 
A 1 55  VAL 55  147 147  VAL VAL A . n 
A 1 56  VAL 56  148 148  VAL VAL A . n 
A 1 57  TRP 57  149 149  TRP TRP A . n 
A 1 58  GLY 58  150 150  GLY GLY A . n 
A 1 59  THR 59  151 151  THR THR A . n 
A 1 60  ALA 60  152 152  ALA ALA A . n 
A 1 61  ASP 61  153 153  ASP ASP A . n 
A 1 62  ILE 62  154 154  ILE ILE A . n 
A 1 63  MET 63  155 155  MET MET A . n 
A 1 64  ILE 64  156 156  ILE ILE A . n 
A 1 65  GLY 65  157 157  GLY GLY A . n 
A 1 66  PHE 66  158 158  PHE PHE A . n 
A 1 67  ALA 67  159 159  ALA ALA A . n 
A 1 68  ARG 68  160 160  ARG ARG A . n 
A 1 69  GLY 69  161 161  GLY GLY A . n 
A 1 70  ALA 70  162 162  ALA ALA A . n 
A 1 71  HIS 71  163 163  HIS HIS A . n 
A 1 72  GLY 72  164 164  GLY GLY A . n 
A 1 73  ASP 73  165 165  ASP ASP A . n 
A 1 74  SER 74  166 166  SER SER A . n 
A 1 75  TYR 75  167 167  TYR TYR A . n 
A 1 76  PRO 76  168 168  PRO PRO A . n 
A 1 77  PHE 77  169 169  PHE PHE A . n 
A 1 78  ASP 78  170 170  ASP ASP A . n 
A 1 79  GLY 79  171 171  GLY GLY A . n 
A 1 80  PRO 80  172 172  PRO PRO A . n 
A 1 81  GLY 81  173 173  GLY GLY A . n 
A 1 82  ASN 82  174 174  ASN ASN A . n 
A 1 83  THR 83  175 175  THR THR A . n 
A 1 84  LEU 84  176 176  LEU LEU A . n 
A 1 85  ALA 85  177 177  ALA ALA A . n 
A 1 86  HIS 86  178 178  HIS HIS A . n 
A 1 87  ALA 87  179 179  ALA ALA A . n 
A 1 88  PHE 88  180 180  PHE PHE A . n 
A 1 89  ALA 89  181 181  ALA ALA A . n 
A 1 90  PRO 90  182 182  PRO PRO A . n 
A 1 91  GLY 91  183 183  GLY GLY A . n 
A 1 92  THR 92  184 184  THR THR A . n 
A 1 93  GLY 93  185 185  GLY GLY A . n 
A 1 94  LEU 94  186 186  LEU LEU A . n 
A 1 95  GLY 95  187 187  GLY GLY A . n 
A 1 96  GLY 96  188 188  GLY GLY A . n 
A 1 97  ASP 97  189 189  ASP ASP A . n 
A 1 98  ALA 98  190 190  ALA ALA A . n 
A 1 99  HIS 99  191 191  HIS HIS A . n 
A 1 100 PHE 100 192 192  PHE PHE A . n 
A 1 101 ASP 101 193 193  ASP ASP A . n 
A 1 102 GLU 102 194 194  GLU GLU A . n 
A 1 103 ASP 103 195 195  ASP ASP A . n 
A 1 104 GLU 104 196 196  GLU GLU A . n 
A 1 105 ARG 105 197 197  ARG ARG A . n 
A 1 106 TRP 106 198 198  TRP TRP A . n 
A 1 107 THR 107 199 199  THR THR A . n 
A 1 108 ASP 108 200 200  ASP ASP A . n 
A 1 109 GLY 109 201 201  GLY GLY A . n 
A 1 110 SER 110 202 202  SER SER A . n 
A 1 111 SER 111 203 203  SER SER A . n 
A 1 112 LEU 112 204 204  LEU LEU A . n 
A 1 113 GLY 113 205 205  GLY GLY A . n 
A 1 114 ILE 114 206 206  ILE ILE A . n 
A 1 115 ASN 115 207 207  ASN ASN A . n 
A 1 116 PHE 116 208 208  PHE PHE A . n 
A 1 117 LEU 117 209 209  LEU LEU A . n 
A 1 118 TYR 118 210 210  TYR TYR A . n 
A 1 119 ALA 119 211 211  ALA ALA A . n 
A 1 120 ALA 120 212 212  ALA ALA A . n 
A 1 121 THR 121 213 213  THR THR A . n 
A 1 122 HIS 122 214 214  HIS HIS A . n 
A 1 123 GLN 123 215 215  GLN GLN A . n 
A 1 124 LEU 124 216 216  LEU LEU A . n 
A 1 125 GLY 125 217 217  GLY GLY A . n 
A 1 126 HIS 126 218 218  HIS HIS A . n 
A 1 127 SER 127 219 219  SER SER A . n 
A 1 128 LEU 128 220 220  LEU LEU A . n 
A 1 129 GLY 129 221 221  GLY GLY A . n 
A 1 130 MET 130 222 222  MET MET A . n 
A 1 131 GLY 131 223 223  GLY GLY A . n 
A 1 132 HIS 132 224 224  HIS HIS A . n 
A 1 133 SER 133 225 225  SER SER A . n 
A 1 134 SER 134 226 226  SER SER A . n 
A 1 135 ASP 135 227 227  ASP ASP A . n 
A 1 136 PRO 136 228 228  PRO PRO A . n 
A 1 137 ASN 137 229 229  ASN ASN A . n 
A 1 138 ALA 138 230 230  ALA ALA A . n 
A 1 139 VAL 139 231 231  VAL VAL A . n 
A 1 140 MET 140 232 232  MET MET A . n 
A 1 141 TYR 141 233 233  TYR TYR A . n 
A 1 142 PRO 142 234 234  PRO PRO A . n 
A 1 143 THR 143 235 235  THR THR A . n 
A 1 144 TYR 144 236 236  TYR TYR A . n 
A 1 145 GLY 145 237 ?    ?   ?   A . n 
A 1 146 ASN 146 238 ?    ?   ?   A . n 
A 1 147 GLY 147 239 ?    ?   ?   A . n 
A 1 148 ASP 148 240 ?    ?   ?   A . n 
A 1 149 PRO 149 241 ?    ?   ?   A . n 
A 1 150 GLN 150 242 ?    ?   ?   A . n 
A 1 151 ASN 151 243 243  ASN ASN A . n 
A 1 152 PHE 152 244 244  PHE PHE A . n 
A 1 153 LYS 153 245 245  LYS LYS A . n 
A 1 154 LEU 154 246 246  LEU LEU A . n 
A 1 155 SER 155 247 247  SER SER A . n 
A 1 156 GLN 156 248 248  GLN GLN A . n 
A 1 157 ASP 157 249 249  ASP ASP A . n 
A 1 158 ASP 158 250 250  ASP ASP A . n 
A 1 159 ILE 159 251 251  ILE ILE A . n 
A 1 160 LYS 160 252 252  LYS LYS A . n 
A 1 161 GLY 161 253 253  GLY GLY A . n 
A 1 162 ILE 162 254 254  ILE ILE A . n 
A 1 163 GLN 163 255 255  GLN GLN A . n 
A 1 164 LYS 164 256 256  LYS LYS A . n 
A 1 165 LEU 165 257 257  LEU LEU A . n 
A 1 166 TYR 166 258 258  TYR TYR A . n 
A 1 167 GLY 167 259 259  GLY GLY A . n 
A 1 168 LYS 168 260 260  LYS LYS A . n 
A 1 169 ARG 169 261 261  ARG ARG A . n 
A 1 170 SER 170 262 262  SER SER A . n 
A 1 171 ASN 171 263 ?    ?   ?   A . n 
A 1 172 SER 172 264 ?    ?   ?   A . n 
A 1 173 ARG 173 265 ?    ?   ?   A . n 
A 1 174 LYS 174 266 ?    ?   ?   A . n 
A 1 175 LYS 175 267 ?    ?   ?   A . n 
B 2 1   7SF 1   1   1266 7SF inh B . n 
B 2 2   GGL 2   2   1266 GGL inh B . n 
B 2 3   GLY 3   3   1266 GLY inh B . n 
B 2 4   LEU 4   4   1266 LEU inh B . n 
B 2 5   TBG 5   5   1266 TBG inh B . n 
B 2 6   EOE 6   6   1266 EOE inh B . n 
B 2 7   NH2 7   7   1266 NH2 inh B . n 
# 
_pdbx_contact_author.id                 2 
_pdbx_contact_author.email              masafumikamitani@gmail.com 
_pdbx_contact_author.name_first         Masafumi 
_pdbx_contact_author.name_last          Kamitani 
_pdbx_contact_author.name_mi            ? 
_pdbx_contact_author.role               'principal investigator/group leader' 
_pdbx_contact_author.identifier_ORCID   0000-0002-0570-7799 
# 
loop_
_pdbx_nonpoly_scheme.asym_id 
_pdbx_nonpoly_scheme.entity_id 
_pdbx_nonpoly_scheme.mon_id 
_pdbx_nonpoly_scheme.ndb_seq_num 
_pdbx_nonpoly_scheme.pdb_seq_num 
_pdbx_nonpoly_scheme.auth_seq_num 
_pdbx_nonpoly_scheme.pdb_mon_id 
_pdbx_nonpoly_scheme.auth_mon_id 
_pdbx_nonpoly_scheme.pdb_strand_id 
_pdbx_nonpoly_scheme.pdb_ins_code 
C 3 CA  1  301 1262 CA  CA  A . 
D 3 CA  1  302 1263 CA  CA  A . 
E 4 ZN  1  303 1264 ZN  ZN  A . 
F 4 ZN  1  304 1265 ZN  ZN  A . 
G 5 HOH 1  401 1459 HOH HOH A . 
G 5 HOH 2  402 1375 HOH HOH A . 
G 5 HOH 3  403 1442 HOH HOH A . 
G 5 HOH 4  404 1462 HOH HOH A . 
G 5 HOH 5  405 1463 HOH HOH A . 
G 5 HOH 6  406 1387 HOH HOH A . 
G 5 HOH 7  407 1434 HOH HOH A . 
G 5 HOH 8  408 1458 HOH HOH A . 
G 5 HOH 9  409 1412 HOH HOH A . 
G 5 HOH 10 410 1389 HOH HOH A . 
G 5 HOH 11 411 1429 HOH HOH A . 
G 5 HOH 12 412 1394 HOH HOH A . 
G 5 HOH 13 413 1426 HOH HOH A . 
G 5 HOH 14 414 1388 HOH HOH A . 
G 5 HOH 15 415 1380 HOH HOH A . 
G 5 HOH 16 416 1410 HOH HOH A . 
G 5 HOH 17 417 1405 HOH HOH A . 
G 5 HOH 18 418 1372 HOH HOH A . 
G 5 HOH 19 419 1440 HOH HOH A . 
G 5 HOH 20 420 1367 HOH HOH A . 
G 5 HOH 21 421 1461 HOH HOH A . 
G 5 HOH 22 422 1411 HOH HOH A . 
G 5 HOH 23 423 1449 HOH HOH A . 
G 5 HOH 24 424 1377 HOH HOH A . 
G 5 HOH 25 425 1415 HOH HOH A . 
G 5 HOH 26 426 1369 HOH HOH A . 
G 5 HOH 27 427 1416 HOH HOH A . 
G 5 HOH 28 428 1436 HOH HOH A . 
G 5 HOH 29 429 1371 HOH HOH A . 
G 5 HOH 30 430 1455 HOH HOH A . 
G 5 HOH 31 431 1399 HOH HOH A . 
G 5 HOH 32 432 1390 HOH HOH A . 
G 5 HOH 33 433 1391 HOH HOH A . 
G 5 HOH 34 434 1383 HOH HOH A . 
G 5 HOH 35 435 1444 HOH HOH A . 
G 5 HOH 36 436 1373 HOH HOH A . 
G 5 HOH 37 437 1409 HOH HOH A . 
G 5 HOH 38 438 1447 HOH HOH A . 
G 5 HOH 39 439 1396 HOH HOH A . 
G 5 HOH 40 440 1400 HOH HOH A . 
G 5 HOH 41 441 1384 HOH HOH A . 
G 5 HOH 42 442 1422 HOH HOH A . 
G 5 HOH 43 443 1402 HOH HOH A . 
G 5 HOH 44 444 1460 HOH HOH A . 
G 5 HOH 45 445 1424 HOH HOH A . 
G 5 HOH 46 446 1393 HOH HOH A . 
G 5 HOH 47 447 1378 HOH HOH A . 
G 5 HOH 48 448 1392 HOH HOH A . 
G 5 HOH 49 449 1425 HOH HOH A . 
G 5 HOH 50 450 1433 HOH HOH A . 
G 5 HOH 51 451 1437 HOH HOH A . 
G 5 HOH 52 452 1439 HOH HOH A . 
G 5 HOH 53 453 1370 HOH HOH A . 
G 5 HOH 54 454 1443 HOH HOH A . 
G 5 HOH 55 455 1407 HOH HOH A . 
G 5 HOH 56 456 1397 HOH HOH A . 
G 5 HOH 57 457 1420 HOH HOH A . 
G 5 HOH 58 458 1456 HOH HOH A . 
G 5 HOH 59 459 1368 HOH HOH A . 
G 5 HOH 60 460 1445 HOH HOH A . 
G 5 HOH 61 461 1450 HOH HOH A . 
G 5 HOH 62 462 1401 HOH HOH A . 
G 5 HOH 63 463 1395 HOH HOH A . 
G 5 HOH 64 464 1404 HOH HOH A . 
G 5 HOH 65 465 1414 HOH HOH A . 
G 5 HOH 66 466 1382 HOH HOH A . 
G 5 HOH 67 467 1431 HOH HOH A . 
G 5 HOH 68 468 1398 HOH HOH A . 
G 5 HOH 69 469 1408 HOH HOH A . 
G 5 HOH 70 470 1441 HOH HOH A . 
G 5 HOH 71 471 1386 HOH HOH A . 
G 5 HOH 72 472 1430 HOH HOH A . 
G 5 HOH 73 473 1435 HOH HOH A . 
G 5 HOH 74 474 1438 HOH HOH A . 
G 5 HOH 75 475 1376 HOH HOH A . 
G 5 HOH 76 476 1419 HOH HOH A . 
G 5 HOH 77 477 1413 HOH HOH A . 
G 5 HOH 78 478 1432 HOH HOH A . 
G 5 HOH 79 479 1379 HOH HOH A . 
G 5 HOH 80 480 1374 HOH HOH A . 
G 5 HOH 81 481 1457 HOH HOH A . 
G 5 HOH 82 482 1381 HOH HOH A . 
G 5 HOH 83 483 1403 HOH HOH A . 
G 5 HOH 84 484 1451 HOH HOH A . 
G 5 HOH 85 485 1428 HOH HOH A . 
G 5 HOH 86 486 1418 HOH HOH A . 
G 5 HOH 87 487 1454 HOH HOH A . 
G 5 HOH 88 488 1448 HOH HOH A . 
G 5 HOH 89 489 1421 HOH HOH A . 
G 5 HOH 90 490 1446 HOH HOH A . 
G 5 HOH 91 491 1423 HOH HOH A . 
G 5 HOH 92 492 1453 HOH HOH A . 
G 5 HOH 93 493 1427 HOH HOH A . 
G 5 HOH 94 494 1417 HOH HOH A . 
G 5 HOH 95 495 1406 HOH HOH A . 
G 5 HOH 96 496 1452 HOH HOH A . 
H 5 HOH 1  101 1385 HOH HOH B . 
H 5 HOH 2  102 1366 HOH HOH B . 
# 
_pdbx_struct_assembly.id                   1 
_pdbx_struct_assembly.details              author_and_software_defined_assembly 
_pdbx_struct_assembly.method_details       PISA 
_pdbx_struct_assembly.oligomeric_details   dimeric 
_pdbx_struct_assembly.oligomeric_count     2 
# 
_pdbx_struct_assembly_gen.assembly_id       1 
_pdbx_struct_assembly_gen.oper_expression   1 
_pdbx_struct_assembly_gen.asym_id_list      A,B,C,D,E,F,G,H 
# 
loop_
_pdbx_struct_assembly_prop.biol_id 
_pdbx_struct_assembly_prop.type 
_pdbx_struct_assembly_prop.value 
_pdbx_struct_assembly_prop.details 
1 'ABSA (A^2)' 1510 ? 
1 MORE         -58  ? 
1 'SSA (A^2)'  8530 ? 
# 
_pdbx_struct_oper_list.id                   1 
_pdbx_struct_oper_list.type                 'identity operation' 
_pdbx_struct_oper_list.name                 1_555 
_pdbx_struct_oper_list.symmetry_operation   x,y,z 
_pdbx_struct_oper_list.matrix[1][1]         1.0000000000 
_pdbx_struct_oper_list.matrix[1][2]         0.0000000000 
_pdbx_struct_oper_list.matrix[1][3]         0.0000000000 
_pdbx_struct_oper_list.vector[1]            0.0000000000 
_pdbx_struct_oper_list.matrix[2][1]         0.0000000000 
_pdbx_struct_oper_list.matrix[2][2]         1.0000000000 
_pdbx_struct_oper_list.matrix[2][3]         0.0000000000 
_pdbx_struct_oper_list.vector[2]            0.0000000000 
_pdbx_struct_oper_list.matrix[3][1]         0.0000000000 
_pdbx_struct_oper_list.matrix[3][2]         0.0000000000 
_pdbx_struct_oper_list.matrix[3][3]         1.0000000000 
_pdbx_struct_oper_list.vector[3]            0.0000000000 
# 
loop_
_pdbx_struct_conn_angle.id 
_pdbx_struct_conn_angle.ptnr1_label_atom_id 
_pdbx_struct_conn_angle.ptnr1_label_alt_id 
_pdbx_struct_conn_angle.ptnr1_label_asym_id 
_pdbx_struct_conn_angle.ptnr1_label_comp_id 
_pdbx_struct_conn_angle.ptnr1_label_seq_id 
_pdbx_struct_conn_angle.ptnr1_auth_atom_id 
_pdbx_struct_conn_angle.ptnr1_auth_asym_id 
_pdbx_struct_conn_angle.ptnr1_auth_comp_id 
_pdbx_struct_conn_angle.ptnr1_auth_seq_id 
_pdbx_struct_conn_angle.ptnr1_PDB_ins_code 
_pdbx_struct_conn_angle.ptnr1_symmetry 
_pdbx_struct_conn_angle.ptnr2_label_atom_id 
_pdbx_struct_conn_angle.ptnr2_label_alt_id 
_pdbx_struct_conn_angle.ptnr2_label_asym_id 
_pdbx_struct_conn_angle.ptnr2_label_comp_id 
_pdbx_struct_conn_angle.ptnr2_label_seq_id 
_pdbx_struct_conn_angle.ptnr2_auth_atom_id 
_pdbx_struct_conn_angle.ptnr2_auth_asym_id 
_pdbx_struct_conn_angle.ptnr2_auth_comp_id 
_pdbx_struct_conn_angle.ptnr2_auth_seq_id 
_pdbx_struct_conn_angle.ptnr2_PDB_ins_code 
_pdbx_struct_conn_angle.ptnr2_symmetry 
_pdbx_struct_conn_angle.ptnr3_label_atom_id 
_pdbx_struct_conn_angle.ptnr3_label_alt_id 
_pdbx_struct_conn_angle.ptnr3_label_asym_id 
_pdbx_struct_conn_angle.ptnr3_label_comp_id 
_pdbx_struct_conn_angle.ptnr3_label_seq_id 
_pdbx_struct_conn_angle.ptnr3_auth_atom_id 
_pdbx_struct_conn_angle.ptnr3_auth_asym_id 
_pdbx_struct_conn_angle.ptnr3_auth_comp_id 
_pdbx_struct_conn_angle.ptnr3_auth_seq_id 
_pdbx_struct_conn_angle.ptnr3_PDB_ins_code 
_pdbx_struct_conn_angle.ptnr3_symmetry 
_pdbx_struct_conn_angle.value 
_pdbx_struct_conn_angle.value_esd 
1  O   ? A ASP 61  ? A ASP 153 ? 1_555 CA ? C CA . ? A CA 301 ? 1_555 O   ? A GLY 93  ? A GLY 185 ? 1_555 166.5 ? 
2  O   ? A ASP 61  ? A ASP 153 ? 1_555 CA ? C CA . ? A CA 301 ? 1_555 O   ? A GLY 95  ? A GLY 187 ? 1_555 92.3  ? 
3  O   ? A GLY 93  ? A GLY 185 ? 1_555 CA ? C CA . ? A CA 301 ? 1_555 O   ? A GLY 95  ? A GLY 187 ? 1_555 98.4  ? 
4  O   ? A ASP 61  ? A ASP 153 ? 1_555 CA ? C CA . ? A CA 301 ? 1_555 OD1 ? A ASP 97  ? A ASP 189 ? 1_555 87.6  ? 
5  O   ? A GLY 93  ? A GLY 185 ? 1_555 CA ? C CA . ? A CA 301 ? 1_555 OD1 ? A ASP 97  ? A ASP 189 ? 1_555 101.0 ? 
6  O   ? A GLY 95  ? A GLY 187 ? 1_555 CA ? C CA . ? A CA 301 ? 1_555 OD1 ? A ASP 97  ? A ASP 189 ? 1_555 87.4  ? 
7  O   ? A ASP 61  ? A ASP 153 ? 1_555 CA ? C CA . ? A CA 301 ? 1_555 O   ? G HOH .   ? A HOH 406 ? 1_555 86.4  ? 
8  O   ? A GLY 93  ? A GLY 185 ? 1_555 CA ? C CA . ? A CA 301 ? 1_555 O   ? G HOH .   ? A HOH 406 ? 1_555 82.1  ? 
9  O   ? A GLY 95  ? A GLY 187 ? 1_555 CA ? C CA . ? A CA 301 ? 1_555 O   ? G HOH .   ? A HOH 406 ? 1_555 173.9 ? 
10 OD1 ? A ASP 97  ? A ASP 189 ? 1_555 CA ? C CA . ? A CA 301 ? 1_555 O   ? G HOH .   ? A HOH 406 ? 1_555 98.5  ? 
11 O   ? A ASP 61  ? A ASP 153 ? 1_555 CA ? C CA . ? A CA 301 ? 1_555 O   ? G HOH .   ? A HOH 436 ? 1_555 83.5  ? 
12 O   ? A GLY 93  ? A GLY 185 ? 1_555 CA ? C CA . ? A CA 301 ? 1_555 O   ? G HOH .   ? A HOH 436 ? 1_555 89.4  ? 
13 O   ? A GLY 95  ? A GLY 187 ? 1_555 CA ? C CA . ? A CA 301 ? 1_555 O   ? G HOH .   ? A HOH 436 ? 1_555 83.9  ? 
14 OD1 ? A ASP 97  ? A ASP 189 ? 1_555 CA ? C CA . ? A CA 301 ? 1_555 O   ? G HOH .   ? A HOH 436 ? 1_555 167.3 ? 
15 O   ? G HOH .   ? A HOH 406 ? 1_555 CA ? C CA . ? A CA 301 ? 1_555 O   ? G HOH .   ? A HOH 436 ? 1_555 90.0  ? 
16 NE2 ? A HIS 71  ? A HIS 163 ? 1_555 ZN ? E ZN . ? A ZN 303 ? 1_555 OD2 ? A ASP 73  ? A ASP 165 ? 1_555 105.2 ? 
17 NE2 ? A HIS 71  ? A HIS 163 ? 1_555 ZN ? E ZN . ? A ZN 303 ? 1_555 NE2 ? A HIS 86  ? A HIS 178 ? 1_555 117.3 ? 
18 OD2 ? A ASP 73  ? A ASP 165 ? 1_555 ZN ? E ZN . ? A ZN 303 ? 1_555 NE2 ? A HIS 86  ? A HIS 178 ? 1_555 116.8 ? 
19 NE2 ? A HIS 71  ? A HIS 163 ? 1_555 ZN ? E ZN . ? A ZN 303 ? 1_555 ND1 ? A HIS 99  ? A HIS 191 ? 1_555 105.0 ? 
20 OD2 ? A ASP 73  ? A ASP 165 ? 1_555 ZN ? E ZN . ? A ZN 303 ? 1_555 ND1 ? A HIS 99  ? A HIS 191 ? 1_555 94.2  ? 
21 NE2 ? A HIS 86  ? A HIS 178 ? 1_555 ZN ? E ZN . ? A ZN 303 ? 1_555 ND1 ? A HIS 99  ? A HIS 191 ? 1_555 115.3 ? 
22 OD1 ? A ASP 78  ? A ASP 170 ? 1_555 CA ? D CA . ? A CA 302 ? 1_555 O   ? A GLY 79  ? A GLY 171 ? 1_555 88.5  ? 
23 OD1 ? A ASP 78  ? A ASP 170 ? 1_555 CA ? D CA . ? A CA 302 ? 1_555 O   ? A GLY 81  ? A GLY 173 ? 1_555 84.4  ? 
24 O   ? A GLY 79  ? A GLY 171 ? 1_555 CA ? D CA . ? A CA 302 ? 1_555 O   ? A GLY 81  ? A GLY 173 ? 1_555 89.2  ? 
25 OD1 ? A ASP 78  ? A ASP 170 ? 1_555 CA ? D CA . ? A CA 302 ? 1_555 O   ? A THR 83  ? A THR 175 ? 1_555 92.5  ? 
26 O   ? A GLY 79  ? A GLY 171 ? 1_555 CA ? D CA . ? A CA 302 ? 1_555 O   ? A THR 83  ? A THR 175 ? 1_555 177.8 ? 
27 O   ? A GLY 81  ? A GLY 173 ? 1_555 CA ? D CA . ? A CA 302 ? 1_555 O   ? A THR 83  ? A THR 175 ? 1_555 89.0  ? 
28 OD1 ? A ASP 78  ? A ASP 170 ? 1_555 CA ? D CA . ? A CA 302 ? 1_555 OD2 ? A ASP 101 ? A ASP 193 ? 1_555 96.5  ? 
29 O   ? A GLY 79  ? A GLY 171 ? 1_555 CA ? D CA . ? A CA 302 ? 1_555 OD2 ? A ASP 101 ? A ASP 193 ? 1_555 88.6  ? 
30 O   ? A GLY 81  ? A GLY 173 ? 1_555 CA ? D CA . ? A CA 302 ? 1_555 OD2 ? A ASP 101 ? A ASP 193 ? 1_555 177.6 ? 
31 O   ? A THR 83  ? A THR 175 ? 1_555 CA ? D CA . ? A CA 302 ? 1_555 OD2 ? A ASP 101 ? A ASP 193 ? 1_555 93.2  ? 
32 OD1 ? A ASP 78  ? A ASP 170 ? 1_555 CA ? D CA . ? A CA 302 ? 1_555 OE2 ? A GLU 104 ? A GLU 196 ? 1_555 177.1 ? 
33 O   ? A GLY 79  ? A GLY 171 ? 1_555 CA ? D CA . ? A CA 302 ? 1_555 OE2 ? A GLU 104 ? A GLU 196 ? 1_555 90.9  ? 
34 O   ? A GLY 81  ? A GLY 173 ? 1_555 CA ? D CA . ? A CA 302 ? 1_555 OE2 ? A GLU 104 ? A GLU 196 ? 1_555 92.7  ? 
35 O   ? A THR 83  ? A THR 175 ? 1_555 CA ? D CA . ? A CA 302 ? 1_555 OE2 ? A GLU 104 ? A GLU 196 ? 1_555 88.0  ? 
36 OD2 ? A ASP 101 ? A ASP 193 ? 1_555 CA ? D CA . ? A CA 302 ? 1_555 OE2 ? A GLU 104 ? A GLU 196 ? 1_555 86.4  ? 
37 NE2 ? A HIS 122 ? A HIS 214 ? 1_555 ZN ? F ZN . ? A ZN 304 ? 1_555 NE2 ? A HIS 126 ? A HIS 218 ? 1_555 103.8 ? 
38 NE2 ? A HIS 122 ? A HIS 214 ? 1_555 ZN ? F ZN . ? A ZN 304 ? 1_555 NE2 ? A HIS 132 ? A HIS 224 ? 1_555 108.8 ? 
39 NE2 ? A HIS 126 ? A HIS 218 ? 1_555 ZN ? F ZN . ? A ZN 304 ? 1_555 NE2 ? A HIS 132 ? A HIS 224 ? 1_555 99.8  ? 
40 NE2 ? A HIS 122 ? A HIS 214 ? 1_555 ZN ? F ZN . ? A ZN 304 ? 1_555 O   ? B GGL 2   ? B GGL 2   ? 1_555 122.6 ? 
41 NE2 ? A HIS 126 ? A HIS 218 ? 1_555 ZN ? F ZN . ? A ZN 304 ? 1_555 O   ? B GGL 2   ? B GGL 2   ? 1_555 120.5 ? 
42 NE2 ? A HIS 132 ? A HIS 224 ? 1_555 ZN ? F ZN . ? A ZN 304 ? 1_555 O   ? B GGL 2   ? B GGL 2   ? 1_555 98.3  ? 
# 
loop_
_pdbx_audit_revision_history.ordinal 
_pdbx_audit_revision_history.data_content_type 
_pdbx_audit_revision_history.major_revision 
_pdbx_audit_revision_history.minor_revision 
_pdbx_audit_revision_history.revision_date 
1 'Structure model' 1 0 2023-11-01 
2 'Structure model' 2 0 2023-11-15 
3 'Structure model' 2 1 2023-11-22 
# 
_pdbx_audit_revision_details.ordinal             1 
_pdbx_audit_revision_details.revision_ordinal    1 
_pdbx_audit_revision_details.data_content_type   'Structure model' 
_pdbx_audit_revision_details.provider            repository 
_pdbx_audit_revision_details.type                'Initial release' 
_pdbx_audit_revision_details.description         ? 
_pdbx_audit_revision_details.details             ? 
# 
loop_
_pdbx_audit_revision_group.ordinal 
_pdbx_audit_revision_group.revision_ordinal 
_pdbx_audit_revision_group.data_content_type 
_pdbx_audit_revision_group.group 
1 2 'Structure model' 'Atomic model'         
2 2 'Structure model' 'Data collection'      
3 2 'Structure model' 'Derived calculations' 
4 3 'Structure model' 'Database references'  
# 
loop_
_pdbx_audit_revision_category.ordinal 
_pdbx_audit_revision_category.revision_ordinal 
_pdbx_audit_revision_category.data_content_type 
_pdbx_audit_revision_category.category 
1 2 'Structure model' atom_site                   
2 2 'Structure model' chem_comp_atom              
3 2 'Structure model' chem_comp_bond              
4 2 'Structure model' pdbx_validate_peptide_omega 
5 2 'Structure model' struct_conn                 
6 3 'Structure model' citation                    
7 3 'Structure model' citation_author             
# 
loop_
_pdbx_audit_revision_item.ordinal 
_pdbx_audit_revision_item.revision_ordinal 
_pdbx_audit_revision_item.data_content_type 
_pdbx_audit_revision_item.item 
1  2 'Structure model' '_atom_site.auth_atom_id'           
2  2 'Structure model' '_atom_site.label_atom_id'          
3  2 'Structure model' '_chem_comp_atom.atom_id'           
4  2 'Structure model' '_chem_comp_bond.atom_id_1'         
5  2 'Structure model' '_chem_comp_bond.atom_id_2'         
6  2 'Structure model' '_struct_conn.ptnr1_label_atom_id'  
7  2 'Structure model' '_struct_conn.ptnr2_label_atom_id'  
8  3 'Structure model' '_citation.journal_volume'          
9  3 'Structure model' '_citation.page_first'              
10 3 'Structure model' '_citation.page_last'               
11 3 'Structure model' '_citation_author.identifier_ORCID' 
# 
_software.citation_id            ? 
_software.classification         refinement 
_software.compiler_name          ? 
_software.compiler_version       ? 
_software.contact_author         ? 
_software.contact_author_email   ? 
_software.date                   ? 
_software.description            ? 
_software.dependencies           ? 
_software.hardware               ? 
_software.language               ? 
_software.location               ? 
_software.mods                   ? 
_software.name                   REFMAC 
_software.os                     ? 
_software.os_version             ? 
_software.type                   ? 
_software.version                5.8.0189 
_software.pdbx_ordinal           1 
# 
_pdbx_entry_details.entry_id                 8JUD 
_pdbx_entry_details.has_ligand_of_interest   Y 
_pdbx_entry_details.compound_details         ? 
_pdbx_entry_details.source_details           ? 
_pdbx_entry_details.nonpolymer_details       ? 
_pdbx_entry_details.sequence_details         ? 
# 
_pdbx_validate_close_contact.id               1 
_pdbx_validate_close_contact.PDB_model_num    1 
_pdbx_validate_close_contact.auth_atom_id_1   O 
_pdbx_validate_close_contact.auth_asym_id_1   A 
_pdbx_validate_close_contact.auth_comp_id_1   HOH 
_pdbx_validate_close_contact.auth_seq_id_1    469 
_pdbx_validate_close_contact.PDB_ins_code_1   ? 
_pdbx_validate_close_contact.label_alt_id_1   ? 
_pdbx_validate_close_contact.auth_atom_id_2   O 
_pdbx_validate_close_contact.auth_asym_id_2   A 
_pdbx_validate_close_contact.auth_comp_id_2   HOH 
_pdbx_validate_close_contact.auth_seq_id_2    490 
_pdbx_validate_close_contact.PDB_ins_code_2   ? 
_pdbx_validate_close_contact.label_alt_id_2   ? 
_pdbx_validate_close_contact.dist             2.06 
# 
_pdbx_validate_rmsd_angle.id                         1 
_pdbx_validate_rmsd_angle.PDB_model_num              1 
_pdbx_validate_rmsd_angle.auth_atom_id_1             NE 
_pdbx_validate_rmsd_angle.auth_asym_id_1             A 
_pdbx_validate_rmsd_angle.auth_comp_id_1             ARG 
_pdbx_validate_rmsd_angle.auth_seq_id_1              112 
_pdbx_validate_rmsd_angle.PDB_ins_code_1             ? 
_pdbx_validate_rmsd_angle.label_alt_id_1             ? 
_pdbx_validate_rmsd_angle.auth_atom_id_2             CZ 
_pdbx_validate_rmsd_angle.auth_asym_id_2             A 
_pdbx_validate_rmsd_angle.auth_comp_id_2             ARG 
_pdbx_validate_rmsd_angle.auth_seq_id_2              112 
_pdbx_validate_rmsd_angle.PDB_ins_code_2             ? 
_pdbx_validate_rmsd_angle.label_alt_id_2             ? 
_pdbx_validate_rmsd_angle.auth_atom_id_3             NH1 
_pdbx_validate_rmsd_angle.auth_asym_id_3             A 
_pdbx_validate_rmsd_angle.auth_comp_id_3             ARG 
_pdbx_validate_rmsd_angle.auth_seq_id_3              112 
_pdbx_validate_rmsd_angle.PDB_ins_code_3             ? 
_pdbx_validate_rmsd_angle.label_alt_id_3             ? 
_pdbx_validate_rmsd_angle.angle_value                123.63 
_pdbx_validate_rmsd_angle.angle_target_value         120.30 
_pdbx_validate_rmsd_angle.angle_deviation            3.33 
_pdbx_validate_rmsd_angle.angle_standard_deviation   0.50 
_pdbx_validate_rmsd_angle.linker_flag                N 
# 
loop_
_pdbx_validate_torsion.id 
_pdbx_validate_torsion.PDB_model_num 
_pdbx_validate_torsion.auth_comp_id 
_pdbx_validate_torsion.auth_asym_id 
_pdbx_validate_torsion.auth_seq_id 
_pdbx_validate_torsion.PDB_ins_code 
_pdbx_validate_torsion.label_alt_id 
_pdbx_validate_torsion.phi 
_pdbx_validate_torsion.psi 
1 1 LEU A 97  ? ? -109.58 -158.03 
2 1 LEU A 97  ? ? -110.04 -158.03 
3 1 HIS A 163 ? ? -145.36 26.73   
4 1 ASN A 174 ? ? 58.47   -127.35 
# 
_pdbx_validate_peptide_omega.id               1 
_pdbx_validate_peptide_omega.PDB_model_num    1 
_pdbx_validate_peptide_omega.auth_comp_id_1   TBG 
_pdbx_validate_peptide_omega.auth_asym_id_1   B 
_pdbx_validate_peptide_omega.auth_seq_id_1    5 
_pdbx_validate_peptide_omega.PDB_ins_code_1   ? 
_pdbx_validate_peptide_omega.label_alt_id_1   ? 
_pdbx_validate_peptide_omega.auth_comp_id_2   EOE 
_pdbx_validate_peptide_omega.auth_asym_id_2   B 
_pdbx_validate_peptide_omega.auth_seq_id_2    6 
_pdbx_validate_peptide_omega.PDB_ins_code_2   ? 
_pdbx_validate_peptide_omega.label_alt_id_2   ? 
_pdbx_validate_peptide_omega.omega            145.55 
# 
loop_
_pdbx_unobs_or_zero_occ_residues.id 
_pdbx_unobs_or_zero_occ_residues.PDB_model_num 
_pdbx_unobs_or_zero_occ_residues.polymer_flag 
_pdbx_unobs_or_zero_occ_residues.occupancy_flag 
_pdbx_unobs_or_zero_occ_residues.auth_asym_id 
_pdbx_unobs_or_zero_occ_residues.auth_comp_id 
_pdbx_unobs_or_zero_occ_residues.auth_seq_id 
_pdbx_unobs_or_zero_occ_residues.PDB_ins_code 
_pdbx_unobs_or_zero_occ_residues.label_asym_id 
_pdbx_unobs_or_zero_occ_residues.label_comp_id 
_pdbx_unobs_or_zero_occ_residues.label_seq_id 
1  1 Y 1 A MET 93  ? A MET 1   
2  1 Y 1 A GLY 237 ? A GLY 145 
3  1 Y 1 A ASN 238 ? A ASN 146 
4  1 Y 1 A GLY 239 ? A GLY 147 
5  1 Y 1 A ASP 240 ? A ASP 148 
6  1 Y 1 A PRO 241 ? A PRO 149 
7  1 Y 1 A GLN 242 ? A GLN 150 
8  1 Y 1 A ASN 263 ? A ASN 171 
9  1 Y 1 A SER 264 ? A SER 172 
10 1 Y 1 A ARG 265 ? A ARG 173 
11 1 Y 1 A LYS 266 ? A LYS 174 
12 1 Y 1 A LYS 267 ? A LYS 175 
# 
loop_
_chem_comp_atom.comp_id 
_chem_comp_atom.atom_id 
_chem_comp_atom.type_symbol 
_chem_comp_atom.pdbx_aromatic_flag 
_chem_comp_atom.pdbx_stereo_config 
_chem_comp_atom.pdbx_ordinal 
7SF C37  C  Y N 1   
7SF S34  S  N N 2   
7SF O36  O  N N 3   
7SF C43  C  Y N 4   
7SF C42  C  Y N 5   
7SF C44  C  N N 6   
7SF F47  F  N N 7   
7SF F46  F  N N 8   
7SF F45  F  N N 9   
7SF C40  C  Y N 10  
7SF CL1  CL N N 11  
7SF C39  C  Y N 12  
7SF C38  C  Y N 13  
7SF O35  O  N N 14  
7SF H2   H  N N 15  
7SF H3   H  N N 16  
7SF H4   H  N N 17  
7SF O1   O  N N 18  
7SF H1   H  N N 19  
ALA N    N  N N 20  
ALA CA   C  N S 21  
ALA C    C  N N 22  
ALA O    O  N N 23  
ALA CB   C  N N 24  
ALA OXT  O  N N 25  
ALA H    H  N N 26  
ALA H2   H  N N 27  
ALA HA   H  N N 28  
ALA HB1  H  N N 29  
ALA HB2  H  N N 30  
ALA HB3  H  N N 31  
ALA HXT  H  N N 32  
ARG N    N  N N 33  
ARG CA   C  N S 34  
ARG C    C  N N 35  
ARG O    O  N N 36  
ARG CB   C  N N 37  
ARG CG   C  N N 38  
ARG CD   C  N N 39  
ARG NE   N  N N 40  
ARG CZ   C  N N 41  
ARG NH1  N  N N 42  
ARG NH2  N  N N 43  
ARG OXT  O  N N 44  
ARG H    H  N N 45  
ARG H2   H  N N 46  
ARG HA   H  N N 47  
ARG HB2  H  N N 48  
ARG HB3  H  N N 49  
ARG HG2  H  N N 50  
ARG HG3  H  N N 51  
ARG HD2  H  N N 52  
ARG HD3  H  N N 53  
ARG HE   H  N N 54  
ARG HH11 H  N N 55  
ARG HH12 H  N N 56  
ARG HH21 H  N N 57  
ARG HH22 H  N N 58  
ARG HXT  H  N N 59  
ASN N    N  N N 60  
ASN CA   C  N S 61  
ASN C    C  N N 62  
ASN O    O  N N 63  
ASN CB   C  N N 64  
ASN CG   C  N N 65  
ASN OD1  O  N N 66  
ASN ND2  N  N N 67  
ASN OXT  O  N N 68  
ASN H    H  N N 69  
ASN H2   H  N N 70  
ASN HA   H  N N 71  
ASN HB2  H  N N 72  
ASN HB3  H  N N 73  
ASN HD21 H  N N 74  
ASN HD22 H  N N 75  
ASN HXT  H  N N 76  
ASP N    N  N N 77  
ASP CA   C  N S 78  
ASP C    C  N N 79  
ASP O    O  N N 80  
ASP CB   C  N N 81  
ASP CG   C  N N 82  
ASP OD1  O  N N 83  
ASP OD2  O  N N 84  
ASP OXT  O  N N 85  
ASP H    H  N N 86  
ASP H2   H  N N 87  
ASP HA   H  N N 88  
ASP HB2  H  N N 89  
ASP HB3  H  N N 90  
ASP HD2  H  N N 91  
ASP HXT  H  N N 92  
CA  CA   CA N N 93  
EOE C    C  N N 94  
EOE CA   C  N N 95  
EOE CB   C  N S 96  
EOE C05  C  N N 97  
EOE C06  C  N N 98  
EOE C07  C  N N 99  
EOE N    N  N N 100 
EOE O    O  N N 101 
EOE HA1  H  N N 102 
EOE HA2  H  N N 103 
EOE HB   H  N N 104 
EOE H5   H  N N 105 
EOE H6   H  N N 106 
EOE H7   H  N N 107 
EOE H8   H  N N 108 
EOE H9   H  N N 109 
EOE H10  H  N N 110 
EOE H    H  N N 111 
EOE OXT  O  N N 112 
EOE HXT  H  N N 113 
GGL N    N  N N 114 
GGL CA   C  N S 115 
GGL C    C  N N 116 
GGL O    O  N N 117 
GGL CB   C  N N 118 
GGL CG   C  N N 119 
GGL CD   C  N N 120 
GGL OE1  O  N N 121 
GGL OE2  O  N N 122 
GGL OXT  O  N N 123 
GGL H    H  N N 124 
GGL H2   H  N N 125 
GGL HA   H  N N 126 
GGL HB2  H  N N 127 
GGL HB3  H  N N 128 
GGL HG2  H  N N 129 
GGL HG3  H  N N 130 
GGL HE2  H  N N 131 
GGL HXT  H  N N 132 
GLN N    N  N N 133 
GLN CA   C  N S 134 
GLN C    C  N N 135 
GLN O    O  N N 136 
GLN CB   C  N N 137 
GLN CG   C  N N 138 
GLN CD   C  N N 139 
GLN OE1  O  N N 140 
GLN NE2  N  N N 141 
GLN OXT  O  N N 142 
GLN H    H  N N 143 
GLN H2   H  N N 144 
GLN HA   H  N N 145 
GLN HB2  H  N N 146 
GLN HB3  H  N N 147 
GLN HG2  H  N N 148 
GLN HG3  H  N N 149 
GLN HE21 H  N N 150 
GLN HE22 H  N N 151 
GLN HXT  H  N N 152 
GLU N    N  N N 153 
GLU CA   C  N S 154 
GLU C    C  N N 155 
GLU O    O  N N 156 
GLU CB   C  N N 157 
GLU CG   C  N N 158 
GLU CD   C  N N 159 
GLU OE1  O  N N 160 
GLU OE2  O  N N 161 
GLU OXT  O  N N 162 
GLU H    H  N N 163 
GLU H2   H  N N 164 
GLU HA   H  N N 165 
GLU HB2  H  N N 166 
GLU HB3  H  N N 167 
GLU HG2  H  N N 168 
GLU HG3  H  N N 169 
GLU HE2  H  N N 170 
GLU HXT  H  N N 171 
GLY N    N  N N 172 
GLY CA   C  N N 173 
GLY C    C  N N 174 
GLY O    O  N N 175 
GLY OXT  O  N N 176 
GLY H    H  N N 177 
GLY H2   H  N N 178 
GLY HA2  H  N N 179 
GLY HA3  H  N N 180 
GLY HXT  H  N N 181 
HIS N    N  N N 182 
HIS CA   C  N S 183 
HIS C    C  N N 184 
HIS O    O  N N 185 
HIS CB   C  N N 186 
HIS CG   C  Y N 187 
HIS ND1  N  Y N 188 
HIS CD2  C  Y N 189 
HIS CE1  C  Y N 190 
HIS NE2  N  Y N 191 
HIS OXT  O  N N 192 
HIS H    H  N N 193 
HIS H2   H  N N 194 
HIS HA   H  N N 195 
HIS HB2  H  N N 196 
HIS HB3  H  N N 197 
HIS HD1  H  N N 198 
HIS HD2  H  N N 199 
HIS HE1  H  N N 200 
HIS HE2  H  N N 201 
HIS HXT  H  N N 202 
HOH O    O  N N 203 
HOH H1   H  N N 204 
HOH H2   H  N N 205 
ILE N    N  N N 206 
ILE CA   C  N S 207 
ILE C    C  N N 208 
ILE O    O  N N 209 
ILE CB   C  N S 210 
ILE CG1  C  N N 211 
ILE CG2  C  N N 212 
ILE CD1  C  N N 213 
ILE OXT  O  N N 214 
ILE H    H  N N 215 
ILE H2   H  N N 216 
ILE HA   H  N N 217 
ILE HB   H  N N 218 
ILE HG12 H  N N 219 
ILE HG13 H  N N 220 
ILE HG21 H  N N 221 
ILE HG22 H  N N 222 
ILE HG23 H  N N 223 
ILE HD11 H  N N 224 
ILE HD12 H  N N 225 
ILE HD13 H  N N 226 
ILE HXT  H  N N 227 
LEU N    N  N N 228 
LEU CA   C  N S 229 
LEU C    C  N N 230 
LEU O    O  N N 231 
LEU CB   C  N N 232 
LEU CG   C  N N 233 
LEU CD1  C  N N 234 
LEU CD2  C  N N 235 
LEU OXT  O  N N 236 
LEU H    H  N N 237 
LEU H2   H  N N 238 
LEU HA   H  N N 239 
LEU HB2  H  N N 240 
LEU HB3  H  N N 241 
LEU HG   H  N N 242 
LEU HD11 H  N N 243 
LEU HD12 H  N N 244 
LEU HD13 H  N N 245 
LEU HD21 H  N N 246 
LEU HD22 H  N N 247 
LEU HD23 H  N N 248 
LEU HXT  H  N N 249 
LYS N    N  N N 250 
LYS CA   C  N S 251 
LYS C    C  N N 252 
LYS O    O  N N 253 
LYS CB   C  N N 254 
LYS CG   C  N N 255 
LYS CD   C  N N 256 
LYS CE   C  N N 257 
LYS NZ   N  N N 258 
LYS OXT  O  N N 259 
LYS H    H  N N 260 
LYS H2   H  N N 261 
LYS HA   H  N N 262 
LYS HB2  H  N N 263 
LYS HB3  H  N N 264 
LYS HG2  H  N N 265 
LYS HG3  H  N N 266 
LYS HD2  H  N N 267 
LYS HD3  H  N N 268 
LYS HE2  H  N N 269 
LYS HE3  H  N N 270 
LYS HZ1  H  N N 271 
LYS HZ2  H  N N 272 
LYS HZ3  H  N N 273 
LYS HXT  H  N N 274 
MET N    N  N N 275 
MET CA   C  N S 276 
MET C    C  N N 277 
MET O    O  N N 278 
MET CB   C  N N 279 
MET CG   C  N N 280 
MET SD   S  N N 281 
MET CE   C  N N 282 
MET OXT  O  N N 283 
MET H    H  N N 284 
MET H2   H  N N 285 
MET HA   H  N N 286 
MET HB2  H  N N 287 
MET HB3  H  N N 288 
MET HG2  H  N N 289 
MET HG3  H  N N 290 
MET HE1  H  N N 291 
MET HE2  H  N N 292 
MET HE3  H  N N 293 
MET HXT  H  N N 294 
NH2 N    N  N N 295 
NH2 HN1  H  N N 296 
NH2 HN2  H  N N 297 
PHE N    N  N N 298 
PHE CA   C  N S 299 
PHE C    C  N N 300 
PHE O    O  N N 301 
PHE CB   C  N N 302 
PHE CG   C  Y N 303 
PHE CD1  C  Y N 304 
PHE CD2  C  Y N 305 
PHE CE1  C  Y N 306 
PHE CE2  C  Y N 307 
PHE CZ   C  Y N 308 
PHE OXT  O  N N 309 
PHE H    H  N N 310 
PHE H2   H  N N 311 
PHE HA   H  N N 312 
PHE HB2  H  N N 313 
PHE HB3  H  N N 314 
PHE HD1  H  N N 315 
PHE HD2  H  N N 316 
PHE HE1  H  N N 317 
PHE HE2  H  N N 318 
PHE HZ   H  N N 319 
PHE HXT  H  N N 320 
PRO N    N  N N 321 
PRO CA   C  N S 322 
PRO C    C  N N 323 
PRO O    O  N N 324 
PRO CB   C  N N 325 
PRO CG   C  N N 326 
PRO CD   C  N N 327 
PRO OXT  O  N N 328 
PRO H    H  N N 329 
PRO HA   H  N N 330 
PRO HB2  H  N N 331 
PRO HB3  H  N N 332 
PRO HG2  H  N N 333 
PRO HG3  H  N N 334 
PRO HD2  H  N N 335 
PRO HD3  H  N N 336 
PRO HXT  H  N N 337 
SER N    N  N N 338 
SER CA   C  N S 339 
SER C    C  N N 340 
SER O    O  N N 341 
SER CB   C  N N 342 
SER OG   O  N N 343 
SER OXT  O  N N 344 
SER H    H  N N 345 
SER H2   H  N N 346 
SER HA   H  N N 347 
SER HB2  H  N N 348 
SER HB3  H  N N 349 
SER HG   H  N N 350 
SER HXT  H  N N 351 
TBG N    N  N N 352 
TBG CA   C  N S 353 
TBG CB   C  N N 354 
TBG CG1  C  N N 355 
TBG CG2  C  N N 356 
TBG CG3  C  N N 357 
TBG C    C  N N 358 
TBG O    O  N N 359 
TBG OXT  O  N N 360 
TBG H    H  N N 361 
TBG H2   H  N N 362 
TBG HA   H  N N 363 
TBG HG11 H  N N 364 
TBG HG12 H  N N 365 
TBG HG13 H  N N 366 
TBG HG21 H  N N 367 
TBG HG22 H  N N 368 
TBG HG23 H  N N 369 
TBG HG31 H  N N 370 
TBG HG32 H  N N 371 
TBG HG33 H  N N 372 
TBG HXT  H  N N 373 
THR N    N  N N 374 
THR CA   C  N S 375 
THR C    C  N N 376 
THR O    O  N N 377 
THR CB   C  N R 378 
THR OG1  O  N N 379 
THR CG2  C  N N 380 
THR OXT  O  N N 381 
THR H    H  N N 382 
THR H2   H  N N 383 
THR HA   H  N N 384 
THR HB   H  N N 385 
THR HG1  H  N N 386 
THR HG21 H  N N 387 
THR HG22 H  N N 388 
THR HG23 H  N N 389 
THR HXT  H  N N 390 
TRP N    N  N N 391 
TRP CA   C  N S 392 
TRP C    C  N N 393 
TRP O    O  N N 394 
TRP CB   C  N N 395 
TRP CG   C  Y N 396 
TRP CD1  C  Y N 397 
TRP CD2  C  Y N 398 
TRP NE1  N  Y N 399 
TRP CE2  C  Y N 400 
TRP CE3  C  Y N 401 
TRP CZ2  C  Y N 402 
TRP CZ3  C  Y N 403 
TRP CH2  C  Y N 404 
TRP OXT  O  N N 405 
TRP H    H  N N 406 
TRP H2   H  N N 407 
TRP HA   H  N N 408 
TRP HB2  H  N N 409 
TRP HB3  H  N N 410 
TRP HD1  H  N N 411 
TRP HE1  H  N N 412 
TRP HE3  H  N N 413 
TRP HZ2  H  N N 414 
TRP HZ3  H  N N 415 
TRP HH2  H  N N 416 
TRP HXT  H  N N 417 
TYR N    N  N N 418 
TYR CA   C  N S 419 
TYR C    C  N N 420 
TYR O    O  N N 421 
TYR CB   C  N N 422 
TYR CG   C  Y N 423 
TYR CD1  C  Y N 424 
TYR CD2  C  Y N 425 
TYR CE1  C  Y N 426 
TYR CE2  C  Y N 427 
TYR CZ   C  Y N 428 
TYR OH   O  N N 429 
TYR OXT  O  N N 430 
TYR H    H  N N 431 
TYR H2   H  N N 432 
TYR HA   H  N N 433 
TYR HB2  H  N N 434 
TYR HB3  H  N N 435 
TYR HD1  H  N N 436 
TYR HD2  H  N N 437 
TYR HE1  H  N N 438 
TYR HE2  H  N N 439 
TYR HH   H  N N 440 
TYR HXT  H  N N 441 
VAL N    N  N N 442 
VAL CA   C  N S 443 
VAL C    C  N N 444 
VAL O    O  N N 445 
VAL CB   C  N N 446 
VAL CG1  C  N N 447 
VAL CG2  C  N N 448 
VAL OXT  O  N N 449 
VAL H    H  N N 450 
VAL H2   H  N N 451 
VAL HA   H  N N 452 
VAL HB   H  N N 453 
VAL HG11 H  N N 454 
VAL HG12 H  N N 455 
VAL HG13 H  N N 456 
VAL HG21 H  N N 457 
VAL HG22 H  N N 458 
VAL HG23 H  N N 459 
VAL HXT  H  N N 460 
ZN  ZN   ZN N N 461 
# 
loop_
_chem_comp_bond.comp_id 
_chem_comp_bond.atom_id_1 
_chem_comp_bond.atom_id_2 
_chem_comp_bond.value_order 
_chem_comp_bond.pdbx_aromatic_flag 
_chem_comp_bond.pdbx_stereo_config 
_chem_comp_bond.pdbx_ordinal 
7SF O35 S34  doub N N 1   
7SF C38 C39  doub Y N 2   
7SF C38 C37  sing Y N 3   
7SF S34 C37  sing N N 4   
7SF S34 O36  doub N N 5   
7SF C39 C40  sing Y N 6   
7SF C37 C43  doub Y N 7   
7SF C40 CL1  sing N N 8   
7SF C40 C42  doub Y N 9   
7SF C43 C42  sing Y N 10  
7SF C42 C44  sing N N 11  
7SF C44 F47  sing N N 12  
7SF C44 F45  sing N N 13  
7SF C44 F46  sing N N 14  
7SF C43 H2   sing N N 15  
7SF C39 H3   sing N N 16  
7SF C38 H4   sing N N 17  
7SF S34 O1   sing N N 18  
7SF O1  H1   sing N N 19  
ALA N   CA   sing N N 20  
ALA N   H    sing N N 21  
ALA N   H2   sing N N 22  
ALA CA  C    sing N N 23  
ALA CA  CB   sing N N 24  
ALA CA  HA   sing N N 25  
ALA C   O    doub N N 26  
ALA C   OXT  sing N N 27  
ALA CB  HB1  sing N N 28  
ALA CB  HB2  sing N N 29  
ALA CB  HB3  sing N N 30  
ALA OXT HXT  sing N N 31  
ARG N   CA   sing N N 32  
ARG N   H    sing N N 33  
ARG N   H2   sing N N 34  
ARG CA  C    sing N N 35  
ARG CA  CB   sing N N 36  
ARG CA  HA   sing N N 37  
ARG C   O    doub N N 38  
ARG C   OXT  sing N N 39  
ARG CB  CG   sing N N 40  
ARG CB  HB2  sing N N 41  
ARG CB  HB3  sing N N 42  
ARG CG  CD   sing N N 43  
ARG CG  HG2  sing N N 44  
ARG CG  HG3  sing N N 45  
ARG CD  NE   sing N N 46  
ARG CD  HD2  sing N N 47  
ARG CD  HD3  sing N N 48  
ARG NE  CZ   sing N N 49  
ARG NE  HE   sing N N 50  
ARG CZ  NH1  sing N N 51  
ARG CZ  NH2  doub N N 52  
ARG NH1 HH11 sing N N 53  
ARG NH1 HH12 sing N N 54  
ARG NH2 HH21 sing N N 55  
ARG NH2 HH22 sing N N 56  
ARG OXT HXT  sing N N 57  
ASN N   CA   sing N N 58  
ASN N   H    sing N N 59  
ASN N   H2   sing N N 60  
ASN CA  C    sing N N 61  
ASN CA  CB   sing N N 62  
ASN CA  HA   sing N N 63  
ASN C   O    doub N N 64  
ASN C   OXT  sing N N 65  
ASN CB  CG   sing N N 66  
ASN CB  HB2  sing N N 67  
ASN CB  HB3  sing N N 68  
ASN CG  OD1  doub N N 69  
ASN CG  ND2  sing N N 70  
ASN ND2 HD21 sing N N 71  
ASN ND2 HD22 sing N N 72  
ASN OXT HXT  sing N N 73  
ASP N   CA   sing N N 74  
ASP N   H    sing N N 75  
ASP N   H2   sing N N 76  
ASP CA  C    sing N N 77  
ASP CA  CB   sing N N 78  
ASP CA  HA   sing N N 79  
ASP C   O    doub N N 80  
ASP C   OXT  sing N N 81  
ASP CB  CG   sing N N 82  
ASP CB  HB2  sing N N 83  
ASP CB  HB3  sing N N 84  
ASP CG  OD1  doub N N 85  
ASP CG  OD2  sing N N 86  
ASP OD2 HD2  sing N N 87  
ASP OXT HXT  sing N N 88  
EOE N   C07  sing N N 89  
EOE N   CB   sing N N 90  
EOE C07 C06  sing N N 91  
EOE CB  C05  sing N N 92  
EOE CB  CA   sing N N 93  
EOE C06 C05  sing N N 94  
EOE CA  C    sing N N 95  
EOE C   O    doub N N 96  
EOE CA  HA1  sing N N 97  
EOE CA  HA2  sing N N 98  
EOE CB  HB   sing N N 99  
EOE C05 H5   sing N N 100 
EOE C05 H6   sing N N 101 
EOE C06 H7   sing N N 102 
EOE C06 H8   sing N N 103 
EOE C07 H9   sing N N 104 
EOE C07 H10  sing N N 105 
EOE N   H    sing N N 106 
EOE C   OXT  sing N N 107 
EOE OXT HXT  sing N N 108 
GGL N   CA   sing N N 109 
GGL N   H    sing N N 110 
GGL N   H2   sing N N 111 
GGL CA  C    sing N N 112 
GGL CA  CB   sing N N 113 
GGL CA  HA   sing N N 114 
GGL C   O    doub N N 115 
GGL C   OXT  sing N N 116 
GGL CB  CG   sing N N 117 
GGL CB  HB2  sing N N 118 
GGL CB  HB3  sing N N 119 
GGL CG  CD   sing N N 120 
GGL CG  HG2  sing N N 121 
GGL CG  HG3  sing N N 122 
GGL CD  OE1  doub N N 123 
GGL CD  OE2  sing N N 124 
GGL OE2 HE2  sing N N 125 
GGL OXT HXT  sing N N 126 
GLN N   CA   sing N N 127 
GLN N   H    sing N N 128 
GLN N   H2   sing N N 129 
GLN CA  C    sing N N 130 
GLN CA  CB   sing N N 131 
GLN CA  HA   sing N N 132 
GLN C   O    doub N N 133 
GLN C   OXT  sing N N 134 
GLN CB  CG   sing N N 135 
GLN CB  HB2  sing N N 136 
GLN CB  HB3  sing N N 137 
GLN CG  CD   sing N N 138 
GLN CG  HG2  sing N N 139 
GLN CG  HG3  sing N N 140 
GLN CD  OE1  doub N N 141 
GLN CD  NE2  sing N N 142 
GLN NE2 HE21 sing N N 143 
GLN NE2 HE22 sing N N 144 
GLN OXT HXT  sing N N 145 
GLU N   CA   sing N N 146 
GLU N   H    sing N N 147 
GLU N   H2   sing N N 148 
GLU CA  C    sing N N 149 
GLU CA  CB   sing N N 150 
GLU CA  HA   sing N N 151 
GLU C   O    doub N N 152 
GLU C   OXT  sing N N 153 
GLU CB  CG   sing N N 154 
GLU CB  HB2  sing N N 155 
GLU CB  HB3  sing N N 156 
GLU CG  CD   sing N N 157 
GLU CG  HG2  sing N N 158 
GLU CG  HG3  sing N N 159 
GLU CD  OE1  doub N N 160 
GLU CD  OE2  sing N N 161 
GLU OE2 HE2  sing N N 162 
GLU OXT HXT  sing N N 163 
GLY N   CA   sing N N 164 
GLY N   H    sing N N 165 
GLY N   H2   sing N N 166 
GLY CA  C    sing N N 167 
GLY CA  HA2  sing N N 168 
GLY CA  HA3  sing N N 169 
GLY C   O    doub N N 170 
GLY C   OXT  sing N N 171 
GLY OXT HXT  sing N N 172 
HIS N   CA   sing N N 173 
HIS N   H    sing N N 174 
HIS N   H2   sing N N 175 
HIS CA  C    sing N N 176 
HIS CA  CB   sing N N 177 
HIS CA  HA   sing N N 178 
HIS C   O    doub N N 179 
HIS C   OXT  sing N N 180 
HIS CB  CG   sing N N 181 
HIS CB  HB2  sing N N 182 
HIS CB  HB3  sing N N 183 
HIS CG  ND1  sing Y N 184 
HIS CG  CD2  doub Y N 185 
HIS ND1 CE1  doub Y N 186 
HIS ND1 HD1  sing N N 187 
HIS CD2 NE2  sing Y N 188 
HIS CD2 HD2  sing N N 189 
HIS CE1 NE2  sing Y N 190 
HIS CE1 HE1  sing N N 191 
HIS NE2 HE2  sing N N 192 
HIS OXT HXT  sing N N 193 
HOH O   H1   sing N N 194 
HOH O   H2   sing N N 195 
ILE N   CA   sing N N 196 
ILE N   H    sing N N 197 
ILE N   H2   sing N N 198 
ILE CA  C    sing N N 199 
ILE CA  CB   sing N N 200 
ILE CA  HA   sing N N 201 
ILE C   O    doub N N 202 
ILE C   OXT  sing N N 203 
ILE CB  CG1  sing N N 204 
ILE CB  CG2  sing N N 205 
ILE CB  HB   sing N N 206 
ILE CG1 CD1  sing N N 207 
ILE CG1 HG12 sing N N 208 
ILE CG1 HG13 sing N N 209 
ILE CG2 HG21 sing N N 210 
ILE CG2 HG22 sing N N 211 
ILE CG2 HG23 sing N N 212 
ILE CD1 HD11 sing N N 213 
ILE CD1 HD12 sing N N 214 
ILE CD1 HD13 sing N N 215 
ILE OXT HXT  sing N N 216 
LEU N   CA   sing N N 217 
LEU N   H    sing N N 218 
LEU N   H2   sing N N 219 
LEU CA  C    sing N N 220 
LEU CA  CB   sing N N 221 
LEU CA  HA   sing N N 222 
LEU C   O    doub N N 223 
LEU C   OXT  sing N N 224 
LEU CB  CG   sing N N 225 
LEU CB  HB2  sing N N 226 
LEU CB  HB3  sing N N 227 
LEU CG  CD1  sing N N 228 
LEU CG  CD2  sing N N 229 
LEU CG  HG   sing N N 230 
LEU CD1 HD11 sing N N 231 
LEU CD1 HD12 sing N N 232 
LEU CD1 HD13 sing N N 233 
LEU CD2 HD21 sing N N 234 
LEU CD2 HD22 sing N N 235 
LEU CD2 HD23 sing N N 236 
LEU OXT HXT  sing N N 237 
LYS N   CA   sing N N 238 
LYS N   H    sing N N 239 
LYS N   H2   sing N N 240 
LYS CA  C    sing N N 241 
LYS CA  CB   sing N N 242 
LYS CA  HA   sing N N 243 
LYS C   O    doub N N 244 
LYS C   OXT  sing N N 245 
LYS CB  CG   sing N N 246 
LYS CB  HB2  sing N N 247 
LYS CB  HB3  sing N N 248 
LYS CG  CD   sing N N 249 
LYS CG  HG2  sing N N 250 
LYS CG  HG3  sing N N 251 
LYS CD  CE   sing N N 252 
LYS CD  HD2  sing N N 253 
LYS CD  HD3  sing N N 254 
LYS CE  NZ   sing N N 255 
LYS CE  HE2  sing N N 256 
LYS CE  HE3  sing N N 257 
LYS NZ  HZ1  sing N N 258 
LYS NZ  HZ2  sing N N 259 
LYS NZ  HZ3  sing N N 260 
LYS OXT HXT  sing N N 261 
MET N   CA   sing N N 262 
MET N   H    sing N N 263 
MET N   H2   sing N N 264 
MET CA  C    sing N N 265 
MET CA  CB   sing N N 266 
MET CA  HA   sing N N 267 
MET C   O    doub N N 268 
MET C   OXT  sing N N 269 
MET CB  CG   sing N N 270 
MET CB  HB2  sing N N 271 
MET CB  HB3  sing N N 272 
MET CG  SD   sing N N 273 
MET CG  HG2  sing N N 274 
MET CG  HG3  sing N N 275 
MET SD  CE   sing N N 276 
MET CE  HE1  sing N N 277 
MET CE  HE2  sing N N 278 
MET CE  HE3  sing N N 279 
MET OXT HXT  sing N N 280 
NH2 N   HN1  sing N N 281 
NH2 N   HN2  sing N N 282 
PHE N   CA   sing N N 283 
PHE N   H    sing N N 284 
PHE N   H2   sing N N 285 
PHE CA  C    sing N N 286 
PHE CA  CB   sing N N 287 
PHE CA  HA   sing N N 288 
PHE C   O    doub N N 289 
PHE C   OXT  sing N N 290 
PHE CB  CG   sing N N 291 
PHE CB  HB2  sing N N 292 
PHE CB  HB3  sing N N 293 
PHE CG  CD1  doub Y N 294 
PHE CG  CD2  sing Y N 295 
PHE CD1 CE1  sing Y N 296 
PHE CD1 HD1  sing N N 297 
PHE CD2 CE2  doub Y N 298 
PHE CD2 HD2  sing N N 299 
PHE CE1 CZ   doub Y N 300 
PHE CE1 HE1  sing N N 301 
PHE CE2 CZ   sing Y N 302 
PHE CE2 HE2  sing N N 303 
PHE CZ  HZ   sing N N 304 
PHE OXT HXT  sing N N 305 
PRO N   CA   sing N N 306 
PRO N   CD   sing N N 307 
PRO N   H    sing N N 308 
PRO CA  C    sing N N 309 
PRO CA  CB   sing N N 310 
PRO CA  HA   sing N N 311 
PRO C   O    doub N N 312 
PRO C   OXT  sing N N 313 
PRO CB  CG   sing N N 314 
PRO CB  HB2  sing N N 315 
PRO CB  HB3  sing N N 316 
PRO CG  CD   sing N N 317 
PRO CG  HG2  sing N N 318 
PRO CG  HG3  sing N N 319 
PRO CD  HD2  sing N N 320 
PRO CD  HD3  sing N N 321 
PRO OXT HXT  sing N N 322 
SER N   CA   sing N N 323 
SER N   H    sing N N 324 
SER N   H2   sing N N 325 
SER CA  C    sing N N 326 
SER CA  CB   sing N N 327 
SER CA  HA   sing N N 328 
SER C   O    doub N N 329 
SER C   OXT  sing N N 330 
SER CB  OG   sing N N 331 
SER CB  HB2  sing N N 332 
SER CB  HB3  sing N N 333 
SER OG  HG   sing N N 334 
SER OXT HXT  sing N N 335 
TBG N   CA   sing N N 336 
TBG N   H    sing N N 337 
TBG N   H2   sing N N 338 
TBG CA  CB   sing N N 339 
TBG CA  C    sing N N 340 
TBG CA  HA   sing N N 341 
TBG CB  CG1  sing N N 342 
TBG CB  CG2  sing N N 343 
TBG CB  CG3  sing N N 344 
TBG CG1 HG11 sing N N 345 
TBG CG1 HG12 sing N N 346 
TBG CG1 HG13 sing N N 347 
TBG CG2 HG21 sing N N 348 
TBG CG2 HG22 sing N N 349 
TBG CG2 HG23 sing N N 350 
TBG CG3 HG31 sing N N 351 
TBG CG3 HG32 sing N N 352 
TBG CG3 HG33 sing N N 353 
TBG C   O    doub N N 354 
TBG C   OXT  sing N N 355 
TBG OXT HXT  sing N N 356 
THR N   CA   sing N N 357 
THR N   H    sing N N 358 
THR N   H2   sing N N 359 
THR CA  C    sing N N 360 
THR CA  CB   sing N N 361 
THR CA  HA   sing N N 362 
THR C   O    doub N N 363 
THR C   OXT  sing N N 364 
THR CB  OG1  sing N N 365 
THR CB  CG2  sing N N 366 
THR CB  HB   sing N N 367 
THR OG1 HG1  sing N N 368 
THR CG2 HG21 sing N N 369 
THR CG2 HG22 sing N N 370 
THR CG2 HG23 sing N N 371 
THR OXT HXT  sing N N 372 
TRP N   CA   sing N N 373 
TRP N   H    sing N N 374 
TRP N   H2   sing N N 375 
TRP CA  C    sing N N 376 
TRP CA  CB   sing N N 377 
TRP CA  HA   sing N N 378 
TRP C   O    doub N N 379 
TRP C   OXT  sing N N 380 
TRP CB  CG   sing N N 381 
TRP CB  HB2  sing N N 382 
TRP CB  HB3  sing N N 383 
TRP CG  CD1  doub Y N 384 
TRP CG  CD2  sing Y N 385 
TRP CD1 NE1  sing Y N 386 
TRP CD1 HD1  sing N N 387 
TRP CD2 CE2  doub Y N 388 
TRP CD2 CE3  sing Y N 389 
TRP NE1 CE2  sing Y N 390 
TRP NE1 HE1  sing N N 391 
TRP CE2 CZ2  sing Y N 392 
TRP CE3 CZ3  doub Y N 393 
TRP CE3 HE3  sing N N 394 
TRP CZ2 CH2  doub Y N 395 
TRP CZ2 HZ2  sing N N 396 
TRP CZ3 CH2  sing Y N 397 
TRP CZ3 HZ3  sing N N 398 
TRP CH2 HH2  sing N N 399 
TRP OXT HXT  sing N N 400 
TYR N   CA   sing N N 401 
TYR N   H    sing N N 402 
TYR N   H2   sing N N 403 
TYR CA  C    sing N N 404 
TYR CA  CB   sing N N 405 
TYR CA  HA   sing N N 406 
TYR C   O    doub N N 407 
TYR C   OXT  sing N N 408 
TYR CB  CG   sing N N 409 
TYR CB  HB2  sing N N 410 
TYR CB  HB3  sing N N 411 
TYR CG  CD1  doub Y N 412 
TYR CG  CD2  sing Y N 413 
TYR CD1 CE1  sing Y N 414 
TYR CD1 HD1  sing N N 415 
TYR CD2 CE2  doub Y N 416 
TYR CD2 HD2  sing N N 417 
TYR CE1 CZ   doub Y N 418 
TYR CE1 HE1  sing N N 419 
TYR CE2 CZ   sing Y N 420 
TYR CE2 HE2  sing N N 421 
TYR CZ  OH   sing N N 422 
TYR OH  HH   sing N N 423 
TYR OXT HXT  sing N N 424 
VAL N   CA   sing N N 425 
VAL N   H    sing N N 426 
VAL N   H2   sing N N 427 
VAL CA  C    sing N N 428 
VAL CA  CB   sing N N 429 
VAL CA  HA   sing N N 430 
VAL C   O    doub N N 431 
VAL C   OXT  sing N N 432 
VAL CB  CG1  sing N N 433 
VAL CB  CG2  sing N N 434 
VAL CB  HB   sing N N 435 
VAL CG1 HG11 sing N N 436 
VAL CG1 HG12 sing N N 437 
VAL CG1 HG13 sing N N 438 
VAL CG2 HG21 sing N N 439 
VAL CG2 HG22 sing N N 440 
VAL CG2 HG23 sing N N 441 
VAL OXT HXT  sing N N 442 
# 
_pdbx_audit_support.funding_organization   'Not funded' 
_pdbx_audit_support.country                ? 
_pdbx_audit_support.grant_number           ? 
_pdbx_audit_support.ordinal                1 
# 
loop_
_pdbx_entity_instance_feature.ordinal 
_pdbx_entity_instance_feature.comp_id 
_pdbx_entity_instance_feature.asym_id 
_pdbx_entity_instance_feature.seq_num 
_pdbx_entity_instance_feature.auth_comp_id 
_pdbx_entity_instance_feature.auth_asym_id 
_pdbx_entity_instance_feature.auth_seq_num 
_pdbx_entity_instance_feature.feature_type 
_pdbx_entity_instance_feature.details 
1 GGL ? ? GGL ? ? 'SUBJECT OF INVESTIGATION' ? 
2 7SF ? ? 7SF ? ? 'SUBJECT OF INVESTIGATION' ? 
3 TBG ? ? TBG ? ? 'SUBJECT OF INVESTIGATION' ? 
4 EOE ? ? EOE ? ? 'SUBJECT OF INVESTIGATION' ? 
5 NH2 ? ? NH2 ? ? 'SUBJECT OF INVESTIGATION' ? 
# 
loop_
_pdbx_entity_nonpoly.entity_id 
_pdbx_entity_nonpoly.name 
_pdbx_entity_nonpoly.comp_id 
3 'CALCIUM ION' CA  
4 'ZINC ION'    ZN  
5 water         HOH 
# 
_pdbx_initial_refinement_model.id               1 
_pdbx_initial_refinement_model.entity_id_list   ? 
_pdbx_initial_refinement_model.type             'experimental model' 
_pdbx_initial_refinement_model.source_name      PDB 
_pdbx_initial_refinement_model.accession_code   2Y6C 
_pdbx_initial_refinement_model.details          ? 
# 
_pdbx_struct_assembly_auth_evidence.id                     1 
_pdbx_struct_assembly_auth_evidence.assembly_id            1 
_pdbx_struct_assembly_auth_evidence.experimental_support   none 
_pdbx_struct_assembly_auth_evidence.details                ? 
# 
